data_8FYM
#
_entry.id   8FYM
#
_cell.length_a   43.481
_cell.length_b   108.300
_cell.length_c   121.209
_cell.angle_alpha   85.630
_cell.angle_beta   82.950
_cell.angle_gamma   85.590
#
_symmetry.space_group_name_H-M   'P 1'
#
loop_
_entity.id
_entity.type
_entity.pdbx_description
1 polymer 'Fab235, L chain'
2 polymer 'Fab235, H chain'
3 polymer ALA-SER-LEU-TRP-ASN-TRP-PHE-ASN-ILE-THR-ASN-TRP-LEU-TRP-TYR-ILE-LYS-LYS-LYS
4 non-polymer GLYCEROL
5 non-polymer prop-2-enamide
6 non-polymer 'CHLORIDE ION'
7 water water
#
loop_
_entity_poly.entity_id
_entity_poly.type
_entity_poly.pdbx_seq_one_letter_code
_entity_poly.pdbx_strand_id
1 'polypeptide(L)'
;DIVMSQSPSSLAVSVGEKVTMSCKSSQSLLYSSNQKNYLAWYQQKPGQSPKLLIYWASTRDSGVPDRFTGSGSGTDFTLT
ISSVKAEDLAVYCCQQYYNYPFTFGAGTKLEIKRTVAAPSVFIFPPSDEQLKSGTASVVCLLNNFYPREAKVQWKVDNAL
QSGNSQESVTEQDSKDSTYSLSSTLTLSKADYEKHKVYACEVTHQGLSSPVTKSFNRGEC
;
L,A,D,G
2 'polypeptide(L)'
;QVQLQQSGTDLVRPGTSVKVSCKASGYAFTTYFIEWVKQRPGQGLEWIGVINPGSGIPNYNEMFKGKATLTADKSSSTAY
LHLSSLTSDDSAVYFCARAPYYYGSSYYYFDVWGAGTTVTVSSASTKGPSVFPLAPSSKSTSGGTAALGCLVKDYFPEPV
TVSWNSGALTSGVHTFPAVLQSSGLYSLSSVVTVPSSSLGTQTYICNVNHKPSNTKVDKKVEPKSCDK
;
H,B,E,I
3 'polypeptide(L)' KASLWNWFNITNWLWYIKKK P,C,F,J
#
# COMPACT_ATOMS: atom_id res chain seq x y z
N ASP A 1 6.31 -5.89 -9.10
CA ASP A 1 6.35 -7.31 -9.45
C ASP A 1 7.57 -7.64 -10.31
N ILE A 2 8.19 -8.78 -10.03
CA ILE A 2 9.36 -9.20 -10.79
C ILE A 2 8.94 -9.56 -12.21
N VAL A 3 9.74 -9.13 -13.18
CA VAL A 3 9.47 -9.37 -14.60
C VAL A 3 10.48 -10.38 -15.12
N MET A 4 9.98 -11.46 -15.71
CA MET A 4 10.81 -12.52 -16.26
C MET A 4 10.87 -12.38 -17.78
N SER A 5 12.06 -12.09 -18.30
CA SER A 5 12.27 -11.93 -19.74
C SER A 5 12.99 -13.15 -20.29
N GLN A 6 12.44 -13.72 -21.35
CA GLN A 6 13.00 -14.91 -22.01
C GLN A 6 13.26 -14.59 -23.47
N SER A 7 14.51 -14.74 -23.89
CA SER A 7 14.89 -14.52 -25.28
C SER A 7 15.67 -15.71 -25.81
N PRO A 8 15.40 -16.15 -27.03
CA PRO A 8 14.36 -15.64 -27.94
C PRO A 8 13.01 -16.31 -27.66
N SER A 9 11.92 -15.79 -28.22
CA SER A 9 10.62 -16.42 -28.03
C SER A 9 10.54 -17.77 -28.75
N SER A 10 11.22 -17.90 -29.89
CA SER A 10 11.22 -19.13 -30.66
C SER A 10 12.65 -19.46 -31.08
N LEU A 11 12.93 -20.75 -31.23
CA LEU A 11 14.27 -21.21 -31.58
C LEU A 11 14.16 -22.44 -32.45
N ALA A 12 14.86 -22.42 -33.59
CA ALA A 12 14.91 -23.55 -34.51
C ALA A 12 16.16 -24.37 -34.21
N VAL A 13 15.97 -25.62 -33.79
CA VAL A 13 17.06 -26.47 -33.36
C VAL A 13 17.16 -27.67 -34.29
N SER A 14 18.33 -28.32 -34.26
CA SER A 14 18.58 -29.55 -34.99
C SER A 14 18.81 -30.68 -33.99
N VAL A 15 18.26 -31.87 -34.32
CA VAL A 15 18.33 -32.99 -33.41
C VAL A 15 19.79 -33.38 -33.17
N GLY A 16 20.18 -33.41 -31.90
CA GLY A 16 21.53 -33.76 -31.52
C GLY A 16 22.40 -32.57 -31.12
N GLU A 17 21.96 -31.36 -31.44
CA GLU A 17 22.76 -30.17 -31.15
C GLU A 17 22.46 -29.63 -29.76
N LYS A 18 23.41 -28.86 -29.23
CA LYS A 18 23.27 -28.25 -27.92
C LYS A 18 22.42 -27.00 -28.00
N VAL A 19 21.39 -26.91 -27.15
CA VAL A 19 20.45 -25.80 -27.14
C VAL A 19 20.60 -25.05 -25.83
N THR A 20 20.55 -23.72 -25.92
CA THR A 20 20.66 -22.84 -24.77
C THR A 20 19.50 -21.85 -24.78
N MET A 21 18.90 -21.63 -23.61
CA MET A 21 17.79 -20.71 -23.46
C MET A 21 18.09 -19.74 -22.33
N SER A 22 17.67 -18.50 -22.49
CA SER A 22 18.00 -17.42 -21.56
C SER A 22 16.77 -16.97 -20.79
N CYS A 23 16.97 -16.64 -19.52
CA CYS A 23 15.93 -16.09 -18.67
C CYS A 23 16.52 -14.99 -17.81
N LYS A 24 15.92 -13.80 -17.86
CA LYS A 24 16.41 -12.64 -17.12
C LYS A 24 15.30 -12.12 -16.23
N SER A 25 15.62 -11.87 -14.96
CA SER A 25 14.67 -11.33 -14.00
C SER A 25 14.97 -9.85 -13.75
N SER A 26 13.91 -9.06 -13.57
CA SER A 26 14.08 -7.65 -13.27
C SER A 26 14.66 -7.43 -11.88
N GLN A 27 14.47 -8.38 -10.97
N GLN A 27 14.47 -8.39 -10.96
CA GLN A 27 15.03 -8.31 -9.63
CA GLN A 27 15.01 -8.33 -9.62
C GLN A 27 15.86 -9.56 -9.36
C GLN A 27 15.86 -9.56 -9.36
N SER A 28 16.85 -9.42 -8.48
CA SER A 28 17.72 -10.53 -8.15
C SER A 28 16.93 -11.65 -7.46
N LEU A 29 17.29 -12.89 -7.79
CA LEU A 29 16.63 -14.07 -7.24
C LEU A 29 17.47 -14.77 -6.18
N LEU A 30 18.66 -14.25 -5.88
CA LEU A 30 19.59 -14.91 -4.97
C LEU A 30 19.30 -14.44 -3.54
N TYR A 31 18.76 -15.33 -2.73
CA TYR A 31 18.56 -15.05 -1.31
C TYR A 31 19.91 -15.10 -0.60
N SER A 32 20.21 -14.06 0.17
CA SER A 32 21.54 -13.95 0.77
C SER A 32 21.77 -15.00 1.86
N SER A 33 20.72 -15.39 2.58
CA SER A 33 20.89 -16.29 3.72
C SER A 33 21.41 -17.65 3.27
N ASN A 34 20.62 -18.38 2.48
CA ASN A 34 21.00 -19.71 2.02
C ASN A 34 21.73 -19.72 0.69
N GLN A 35 21.92 -18.55 0.07
CA GLN A 35 22.62 -18.44 -1.21
C GLN A 35 21.97 -19.31 -2.29
N LYS A 36 20.65 -19.43 -2.24
CA LYS A 36 19.90 -20.22 -3.20
C LYS A 36 19.11 -19.30 -4.12
N ASN A 37 19.05 -19.67 -5.39
CA ASN A 37 18.27 -18.92 -6.38
C ASN A 37 16.88 -19.53 -6.49
N TYR A 38 15.86 -18.71 -6.28
CA TYR A 38 14.47 -19.19 -6.27
C TYR A 38 13.90 -19.17 -7.69
N LEU A 39 14.49 -20.00 -8.54
CA LEU A 39 14.21 -20.02 -9.97
C LEU A 39 13.90 -21.44 -10.41
N ALA A 40 12.84 -21.61 -11.19
CA ALA A 40 12.42 -22.91 -11.69
C ALA A 40 12.28 -22.87 -13.20
N TRP A 41 12.44 -24.04 -13.83
CA TRP A 41 12.27 -24.20 -15.26
C TRP A 41 11.19 -25.25 -15.51
N TYR A 42 10.30 -24.95 -16.46
CA TYR A 42 9.18 -25.83 -16.77
C TYR A 42 9.15 -26.14 -18.26
N GLN A 43 8.64 -27.33 -18.59
CA GLN A 43 8.41 -27.77 -19.95
C GLN A 43 6.91 -27.90 -20.16
N GLN A 44 6.41 -27.33 -21.26
CA GLN A 44 5.00 -27.42 -21.62
C GLN A 44 4.88 -27.79 -23.08
N LYS A 45 4.39 -28.98 -23.36
CA LYS A 45 4.13 -29.43 -24.71
C LYS A 45 2.75 -28.96 -25.16
N PRO A 46 2.54 -28.79 -26.48
CA PRO A 46 1.24 -28.30 -26.96
C PRO A 46 0.06 -29.10 -26.45
N GLY A 47 -0.87 -28.42 -25.78
CA GLY A 47 -2.07 -29.01 -25.26
C GLY A 47 -1.95 -29.62 -23.87
N GLN A 48 -0.73 -29.82 -23.38
CA GLN A 48 -0.50 -30.47 -22.10
C GLN A 48 -0.29 -29.43 -21.01
N SER A 49 -0.16 -29.91 -19.77
CA SER A 49 0.10 -29.07 -18.62
C SER A 49 1.60 -28.89 -18.44
N PRO A 50 2.03 -27.83 -17.74
CA PRO A 50 3.45 -27.64 -17.49
C PRO A 50 4.04 -28.80 -16.68
N LYS A 51 5.33 -29.05 -16.89
CA LYS A 51 6.05 -30.11 -16.20
C LYS A 51 7.36 -29.54 -15.66
N LEU A 52 7.64 -29.82 -14.39
CA LEU A 52 8.80 -29.25 -13.73
C LEU A 52 10.06 -30.00 -14.14
N LEU A 53 11.10 -29.26 -14.51
CA LEU A 53 12.40 -29.84 -14.87
C LEU A 53 13.48 -29.47 -13.87
N ILE A 54 13.71 -28.17 -13.67
CA ILE A 54 14.78 -27.67 -12.82
C ILE A 54 14.20 -26.72 -11.79
N TYR A 55 14.66 -26.84 -10.55
CA TYR A 55 14.36 -25.87 -9.50
C TYR A 55 15.65 -25.53 -8.76
N TRP A 56 15.59 -24.47 -7.95
CA TRP A 56 16.79 -23.88 -7.35
C TRP A 56 17.82 -23.53 -8.44
N ALA A 57 17.32 -23.13 -9.61
CA ALA A 57 18.11 -22.72 -10.76
C ALA A 57 18.89 -23.87 -11.39
N SER A 58 19.40 -24.81 -10.59
CA SER A 58 20.27 -25.84 -11.11
C SER A 58 19.97 -27.26 -10.64
N THR A 59 19.02 -27.45 -9.73
CA THR A 59 18.71 -28.79 -9.23
C THR A 59 17.71 -29.48 -10.15
N ARG A 60 18.08 -30.68 -10.61
CA ARG A 60 17.25 -31.41 -11.55
C ARG A 60 16.16 -32.18 -10.82
N ASP A 61 14.92 -32.02 -11.27
CA ASP A 61 13.81 -32.78 -10.71
C ASP A 61 13.97 -34.26 -11.03
N SER A 62 13.41 -35.11 -10.17
CA SER A 62 13.53 -36.55 -10.36
C SER A 62 12.87 -36.97 -11.66
N GLY A 63 13.50 -37.93 -12.35
CA GLY A 63 13.01 -38.40 -13.63
C GLY A 63 13.46 -37.58 -14.83
N VAL A 64 13.82 -36.32 -14.63
CA VAL A 64 14.27 -35.48 -15.74
C VAL A 64 15.61 -36.00 -16.26
N PRO A 65 15.77 -36.21 -17.56
CA PRO A 65 17.03 -36.74 -18.08
C PRO A 65 18.20 -35.80 -17.79
N ASP A 66 19.41 -36.37 -17.71
CA ASP A 66 20.58 -35.58 -17.37
C ASP A 66 21.01 -34.63 -18.49
N ARG A 67 20.35 -34.66 -19.64
CA ARG A 67 20.67 -33.73 -20.71
C ARG A 67 20.08 -32.34 -20.47
N PHE A 68 19.25 -32.17 -19.45
CA PHE A 68 18.75 -30.87 -19.04
C PHE A 68 19.62 -30.32 -17.92
N THR A 69 20.04 -29.06 -18.06
CA THR A 69 20.90 -28.42 -17.07
C THR A 69 20.51 -26.97 -16.93
N GLY A 70 20.36 -26.52 -15.68
CA GLY A 70 20.11 -25.12 -15.37
C GLY A 70 21.36 -24.48 -14.79
N SER A 71 21.57 -23.22 -15.13
CA SER A 71 22.73 -22.48 -14.65
C SER A 71 22.33 -21.03 -14.43
N GLY A 72 23.26 -20.25 -13.89
CA GLY A 72 23.03 -18.84 -13.62
C GLY A 72 22.77 -18.57 -12.14
N SER A 73 22.69 -17.28 -11.82
CA SER A 73 22.50 -16.83 -10.45
C SER A 73 22.17 -15.35 -10.47
N GLY A 74 21.29 -14.94 -9.55
CA GLY A 74 20.93 -13.54 -9.43
C GLY A 74 19.85 -13.09 -10.39
N THR A 75 20.25 -12.55 -11.53
CA THR A 75 19.31 -12.08 -12.55
C THR A 75 19.42 -12.82 -13.87
N ASP A 76 20.56 -13.40 -14.18
CA ASP A 76 20.78 -14.10 -15.45
C ASP A 76 20.74 -15.61 -15.19
N PHE A 77 19.84 -16.30 -15.89
CA PHE A 77 19.68 -17.74 -15.77
C PHE A 77 19.62 -18.37 -17.15
N THR A 78 19.97 -19.65 -17.21
CA THR A 78 20.17 -20.35 -18.46
C THR A 78 19.73 -21.80 -18.34
N LEU A 79 19.00 -22.29 -19.33
CA LEU A 79 18.66 -23.70 -19.46
C LEU A 79 19.38 -24.27 -20.68
N THR A 80 20.04 -25.41 -20.49
CA THR A 80 20.85 -26.03 -21.54
C THR A 80 20.39 -27.46 -21.78
N ILE A 81 20.19 -27.80 -23.05
CA ILE A 81 19.93 -29.17 -23.47
C ILE A 81 21.17 -29.63 -24.25
N SER A 82 21.95 -30.52 -23.63
CA SER A 82 23.24 -30.91 -24.21
C SER A 82 23.07 -31.52 -25.60
N SER A 83 22.10 -32.42 -25.76
CA SER A 83 21.84 -33.04 -27.06
C SER A 83 20.32 -33.17 -27.18
N VAL A 84 19.71 -32.25 -27.93
CA VAL A 84 18.26 -32.18 -27.98
C VAL A 84 17.70 -33.38 -28.74
N LYS A 85 16.57 -33.89 -28.26
CA LYS A 85 15.86 -34.99 -28.89
C LYS A 85 14.58 -34.48 -29.51
N ALA A 86 13.97 -35.31 -30.36
CA ALA A 86 12.70 -34.94 -30.98
C ALA A 86 11.61 -34.72 -29.94
N GLU A 87 11.57 -35.58 -28.92
CA GLU A 87 10.58 -35.45 -27.85
C GLU A 87 10.81 -34.25 -26.96
N ASP A 88 11.86 -33.46 -27.19
CA ASP A 88 12.13 -32.27 -26.40
C ASP A 88 11.46 -31.02 -26.95
N LEU A 89 10.85 -31.10 -28.12
CA LEU A 89 10.18 -29.94 -28.70
C LEU A 89 9.00 -29.53 -27.84
N ALA A 90 9.10 -28.34 -27.25
CA ALA A 90 8.06 -27.81 -26.35
C ALA A 90 8.44 -26.36 -26.04
N VAL A 91 7.56 -25.70 -25.30
CA VAL A 91 7.81 -24.36 -24.78
C VAL A 91 8.45 -24.50 -23.40
N TYR A 92 9.55 -23.77 -23.18
CA TYR A 92 10.26 -23.80 -21.91
C TYR A 92 10.19 -22.41 -21.30
N CYS A 93 9.64 -22.33 -20.08
CA CYS A 93 9.45 -21.08 -19.39
C CYS A 93 10.06 -21.16 -18.00
N CYS A 94 10.59 -20.03 -17.54
CA CYS A 94 11.16 -19.92 -16.21
C CYS A 94 10.17 -19.26 -15.25
N GLN A 95 10.40 -19.48 -13.96
CA GLN A 95 9.50 -19.00 -12.92
C GLN A 95 10.29 -18.63 -11.69
N GLN A 96 9.97 -17.49 -11.10
CA GLN A 96 10.55 -17.08 -9.83
C GLN A 96 9.53 -17.32 -8.72
N TYR A 97 9.97 -17.98 -7.65
CA TYR A 97 9.17 -18.14 -6.45
C TYR A 97 9.87 -17.45 -5.28
N TYR A 98 10.53 -16.32 -5.59
CA TYR A 98 11.30 -15.56 -4.62
C TYR A 98 10.49 -14.48 -3.92
N ASN A 99 9.40 -14.02 -4.52
CA ASN A 99 8.64 -12.91 -3.98
C ASN A 99 7.24 -12.92 -4.58
N TYR A 100 6.23 -12.76 -3.72
CA TYR A 100 4.86 -12.68 -4.21
C TYR A 100 4.61 -11.33 -4.88
N PRO A 101 3.90 -11.32 -6.01
CA PRO A 101 3.31 -12.46 -6.71
C PRO A 101 4.34 -13.23 -7.53
N PHE A 102 4.25 -14.56 -7.53
CA PHE A 102 5.14 -15.35 -8.38
C PHE A 102 4.85 -15.04 -9.84
N THR A 103 5.91 -14.93 -10.64
CA THR A 103 5.78 -14.54 -12.03
C THR A 103 6.54 -15.50 -12.92
N PHE A 104 5.99 -15.72 -14.11
CA PHE A 104 6.56 -16.63 -15.10
C PHE A 104 7.12 -15.85 -16.27
N GLY A 105 7.99 -16.51 -17.04
CA GLY A 105 8.44 -15.97 -18.29
C GLY A 105 7.52 -16.33 -19.44
N ALA A 106 7.63 -15.59 -20.53
CA ALA A 106 6.77 -15.85 -21.69
C ALA A 106 7.09 -17.17 -22.37
N GLY A 107 8.28 -17.71 -22.17
CA GLY A 107 8.64 -19.00 -22.70
C GLY A 107 9.49 -18.91 -23.96
N THR A 108 10.20 -19.99 -24.24
CA THR A 108 10.96 -20.15 -25.47
C THR A 108 10.46 -21.40 -26.18
N LYS A 109 9.95 -21.22 -27.41
CA LYS A 109 9.34 -22.31 -28.15
C LYS A 109 10.39 -22.98 -29.03
N LEU A 110 10.56 -24.29 -28.85
CA LEU A 110 11.54 -25.06 -29.61
C LEU A 110 10.88 -25.63 -30.86
N GLU A 111 11.53 -25.44 -32.01
CA GLU A 111 11.04 -25.95 -33.27
C GLU A 111 12.21 -26.57 -34.04
N ILE A 112 11.88 -27.38 -35.03
CA ILE A 112 12.88 -28.12 -35.80
C ILE A 112 13.39 -27.24 -36.94
N LYS A 113 14.71 -27.10 -37.01
CA LYS A 113 15.33 -26.37 -38.12
C LYS A 113 15.21 -27.17 -39.41
N ARG A 114 15.19 -26.45 -40.53
CA ARG A 114 14.90 -27.07 -41.82
C ARG A 114 15.38 -26.13 -42.92
N THR A 115 15.70 -26.70 -44.08
CA THR A 115 16.06 -25.89 -45.23
C THR A 115 14.86 -25.06 -45.68
N VAL A 116 15.14 -23.90 -46.29
CA VAL A 116 14.09 -22.99 -46.69
C VAL A 116 13.20 -23.64 -47.74
N ALA A 117 11.90 -23.47 -47.58
CA ALA A 117 10.90 -24.01 -48.51
C ALA A 117 9.92 -22.90 -48.86
N ALA A 118 9.81 -22.59 -50.15
CA ALA A 118 8.88 -21.55 -50.58
C ALA A 118 7.45 -22.06 -50.51
N PRO A 119 6.49 -21.21 -50.17
CA PRO A 119 5.09 -21.67 -50.09
C PRO A 119 4.49 -21.84 -51.47
N SER A 120 3.47 -22.69 -51.53
CA SER A 120 2.60 -22.81 -52.70
C SER A 120 1.34 -22.01 -52.42
N VAL A 121 1.04 -21.05 -53.30
CA VAL A 121 -0.05 -20.11 -53.08
C VAL A 121 -1.24 -20.51 -53.94
N PHE A 122 -2.41 -20.57 -53.32
CA PHE A 122 -3.68 -20.79 -54.01
C PHE A 122 -4.70 -19.79 -53.50
N ILE A 123 -5.45 -19.19 -54.40
CA ILE A 123 -6.52 -18.25 -54.05
C ILE A 123 -7.85 -18.89 -54.41
N PHE A 124 -8.84 -18.72 -53.54
CA PHE A 124 -10.16 -19.31 -53.72
C PHE A 124 -11.21 -18.21 -53.70
N PRO A 125 -11.91 -17.98 -54.81
CA PRO A 125 -13.03 -17.03 -54.79
C PRO A 125 -14.15 -17.53 -53.91
N PRO A 126 -15.05 -16.66 -53.47
CA PRO A 126 -16.19 -17.13 -52.66
C PRO A 126 -17.12 -17.99 -53.49
N SER A 127 -17.62 -19.06 -52.88
CA SER A 127 -18.56 -19.94 -53.55
C SER A 127 -19.88 -19.22 -53.81
N ASP A 128 -20.59 -19.69 -54.83
CA ASP A 128 -21.91 -19.13 -55.13
C ASP A 128 -22.91 -19.43 -54.03
N GLU A 129 -22.70 -20.52 -53.29
CA GLU A 129 -23.61 -20.88 -52.21
C GLU A 129 -23.55 -19.85 -51.08
N GLN A 130 -22.34 -19.37 -50.76
CA GLN A 130 -22.21 -18.37 -49.71
C GLN A 130 -22.71 -17.00 -50.15
N LEU A 131 -22.55 -16.68 -51.44
CA LEU A 131 -22.93 -15.36 -51.93
C LEU A 131 -24.42 -15.11 -51.78
N LYS A 132 -25.24 -16.16 -51.81
CA LYS A 132 -26.67 -15.98 -51.57
C LYS A 132 -26.95 -15.56 -50.14
N SER A 133 -26.05 -15.90 -49.21
CA SER A 133 -26.28 -15.63 -47.80
C SER A 133 -26.03 -14.17 -47.42
N GLY A 134 -25.25 -13.44 -48.22
CA GLY A 134 -25.00 -12.03 -47.96
C GLY A 134 -23.56 -11.68 -47.61
N THR A 135 -22.68 -12.66 -47.51
CA THR A 135 -21.27 -12.41 -47.24
C THR A 135 -20.42 -13.12 -48.28
N ALA A 136 -19.17 -12.67 -48.39
CA ALA A 136 -18.21 -13.26 -49.31
C ALA A 136 -16.88 -13.45 -48.59
N SER A 137 -16.33 -14.65 -48.71
CA SER A 137 -15.06 -14.99 -48.07
C SER A 137 -14.06 -15.42 -49.14
N VAL A 138 -12.98 -14.66 -49.26
CA VAL A 138 -11.87 -15.01 -50.14
C VAL A 138 -10.78 -15.63 -49.28
N VAL A 139 -10.24 -16.76 -49.73
CA VAL A 139 -9.29 -17.55 -48.96
C VAL A 139 -7.98 -17.63 -49.73
N CYS A 140 -6.88 -17.32 -49.06
CA CYS A 140 -5.53 -17.47 -49.60
C CYS A 140 -4.81 -18.56 -48.82
N LEU A 141 -4.25 -19.53 -49.54
CA LEU A 141 -3.62 -20.69 -48.94
C LEU A 141 -2.13 -20.68 -49.23
N LEU A 142 -1.32 -20.78 -48.18
CA LEU A 142 0.13 -20.88 -48.29
C LEU A 142 0.53 -22.26 -47.76
N ASN A 143 1.05 -23.11 -48.64
CA ASN A 143 1.18 -24.53 -48.36
C ASN A 143 2.65 -24.93 -48.25
N ASN A 144 3.00 -25.53 -47.11
CA ASN A 144 4.25 -26.26 -46.92
C ASN A 144 5.47 -25.36 -47.16
N PHE A 145 5.63 -24.40 -46.25
CA PHE A 145 6.74 -23.47 -46.32
C PHE A 145 7.53 -23.46 -45.02
N TYR A 146 8.75 -22.95 -45.11
CA TYR A 146 9.65 -22.76 -43.98
C TYR A 146 10.60 -21.65 -44.34
N PRO A 147 10.90 -20.72 -43.41
CA PRO A 147 10.43 -20.67 -42.01
C PRO A 147 8.98 -20.19 -41.89
N ARG A 148 8.49 -20.09 -40.65
CA ARG A 148 7.09 -19.73 -40.44
C ARG A 148 6.81 -18.26 -40.77
N GLU A 149 7.83 -17.40 -40.75
CA GLU A 149 7.63 -15.99 -41.04
C GLU A 149 7.16 -15.81 -42.47
N ALA A 150 5.98 -15.21 -42.63
CA ALA A 150 5.40 -15.01 -43.96
C ALA A 150 4.43 -13.83 -43.90
N LYS A 151 4.48 -12.98 -44.92
CA LYS A 151 3.61 -11.83 -45.05
C LYS A 151 2.58 -12.09 -46.14
N VAL A 152 1.30 -11.97 -45.78
CA VAL A 152 0.19 -12.10 -46.72
C VAL A 152 -0.52 -10.75 -46.79
N GLN A 153 -0.69 -10.24 -48.00
CA GLN A 153 -1.30 -8.93 -48.20
C GLN A 153 -2.43 -9.06 -49.22
N TRP A 154 -3.63 -8.66 -48.81
CA TRP A 154 -4.79 -8.69 -49.69
C TRP A 154 -4.87 -7.40 -50.48
N LYS A 155 -5.09 -7.52 -51.79
CA LYS A 155 -5.22 -6.38 -52.69
C LYS A 155 -6.51 -6.52 -53.48
N VAL A 156 -7.38 -5.51 -53.39
CA VAL A 156 -8.67 -5.50 -54.07
C VAL A 156 -8.66 -4.31 -55.02
N ASP A 157 -8.63 -4.60 -56.33
CA ASP A 157 -8.45 -3.58 -57.36
C ASP A 157 -7.18 -2.78 -57.11
N ASN A 158 -6.12 -3.47 -56.70
CA ASN A 158 -4.82 -2.93 -56.30
C ASN A 158 -4.89 -2.09 -55.04
N ALA A 159 -6.05 -1.99 -54.39
CA ALA A 159 -6.16 -1.24 -53.15
C ALA A 159 -5.78 -2.14 -51.97
N LEU A 160 -4.91 -1.64 -51.11
CA LEU A 160 -4.45 -2.40 -49.97
C LEU A 160 -5.58 -2.65 -48.98
N GLN A 161 -5.67 -3.88 -48.49
CA GLN A 161 -6.70 -4.26 -47.52
C GLN A 161 -6.10 -4.29 -46.12
N SER A 162 -6.89 -3.88 -45.13
CA SER A 162 -6.46 -3.86 -43.75
C SER A 162 -7.66 -4.00 -42.84
N GLY A 163 -7.50 -4.77 -41.77
CA GLY A 163 -8.53 -4.93 -40.76
C GLY A 163 -9.71 -5.79 -41.15
N ASN A 164 -9.68 -6.43 -42.33
CA ASN A 164 -10.80 -7.24 -42.78
C ASN A 164 -10.35 -8.65 -43.18
N SER A 165 -9.26 -9.13 -42.57
CA SER A 165 -8.76 -10.46 -42.87
C SER A 165 -8.26 -11.13 -41.60
N GLN A 166 -8.52 -12.42 -41.48
CA GLN A 166 -8.07 -13.23 -40.35
C GLN A 166 -7.12 -14.32 -40.83
N GLU A 167 -6.11 -14.60 -40.01
CA GLU A 167 -5.04 -15.52 -40.38
C GLU A 167 -5.05 -16.73 -39.45
N SER A 168 -4.50 -17.84 -39.96
CA SER A 168 -4.41 -19.08 -39.20
C SER A 168 -3.22 -19.88 -39.71
N VAL A 169 -2.47 -20.46 -38.78
CA VAL A 169 -1.26 -21.21 -39.10
C VAL A 169 -1.33 -22.57 -38.43
N THR A 170 -0.93 -23.61 -39.16
CA THR A 170 -0.85 -24.95 -38.60
C THR A 170 0.41 -25.10 -37.76
N GLU A 171 0.40 -26.09 -36.86
CA GLU A 171 1.61 -26.45 -36.15
C GLU A 171 2.59 -27.14 -37.09
N GLN A 172 3.87 -27.06 -36.74
CA GLN A 172 4.91 -27.60 -37.61
C GLN A 172 4.66 -29.07 -37.91
N ASP A 173 4.65 -29.41 -39.19
CA ASP A 173 4.38 -30.78 -39.61
C ASP A 173 5.46 -31.72 -39.07
N SER A 174 5.02 -32.82 -38.46
CA SER A 174 5.95 -33.78 -37.88
C SER A 174 6.70 -34.58 -38.92
N LYS A 175 6.39 -34.43 -40.21
CA LYS A 175 7.01 -35.21 -41.26
C LYS A 175 8.00 -34.40 -42.09
N ASP A 176 7.57 -33.29 -42.68
CA ASP A 176 8.44 -32.46 -43.50
C ASP A 176 8.82 -31.13 -42.84
N SER A 177 8.39 -30.92 -41.59
CA SER A 177 8.83 -29.77 -40.79
C SER A 177 8.42 -28.44 -41.40
N THR A 178 7.32 -28.41 -42.12
CA THR A 178 6.84 -27.19 -42.78
C THR A 178 5.62 -26.65 -42.06
N TYR A 179 5.26 -25.42 -42.43
CA TYR A 179 4.07 -24.75 -41.91
C TYR A 179 3.09 -24.51 -43.05
N SER A 180 1.84 -24.25 -42.68
CA SER A 180 0.81 -23.87 -43.64
C SER A 180 -0.02 -22.74 -43.06
N LEU A 181 -0.36 -21.78 -43.91
CA LEU A 181 -1.09 -20.58 -43.50
C LEU A 181 -2.34 -20.43 -44.36
N SER A 182 -3.42 -19.97 -43.73
CA SER A 182 -4.68 -19.69 -44.42
C SER A 182 -5.17 -18.32 -44.00
N SER A 183 -5.33 -17.42 -44.96
CA SER A 183 -5.84 -16.08 -44.72
C SER A 183 -7.20 -15.93 -45.36
N THR A 184 -8.17 -15.38 -44.63
CA THR A 184 -9.54 -15.25 -45.09
C THR A 184 -9.94 -13.79 -45.09
N LEU A 185 -10.20 -13.24 -46.27
CA LEU A 185 -10.72 -11.88 -46.41
C LEU A 185 -12.24 -11.95 -46.47
N THR A 186 -12.91 -11.26 -45.54
CA THR A 186 -14.36 -11.31 -45.41
C THR A 186 -14.94 -9.95 -45.78
N LEU A 187 -15.82 -9.94 -46.78
CA LEU A 187 -16.54 -8.74 -47.18
C LEU A 187 -18.02 -9.07 -47.30
N SER A 188 -18.84 -8.03 -47.24
CA SER A 188 -20.25 -8.18 -47.55
C SER A 188 -20.42 -8.43 -49.05
N LYS A 189 -21.61 -8.91 -49.42
CA LYS A 189 -21.91 -9.09 -50.84
C LYS A 189 -21.89 -7.76 -51.58
N ALA A 190 -22.46 -6.72 -50.97
CA ALA A 190 -22.47 -5.41 -51.61
C ALA A 190 -21.07 -4.87 -51.82
N ASP A 191 -20.19 -5.04 -50.83
CA ASP A 191 -18.81 -4.60 -50.98
C ASP A 191 -18.03 -5.51 -51.92
N TYR A 192 -18.34 -6.80 -51.93
CA TYR A 192 -17.61 -7.72 -52.80
C TYR A 192 -17.86 -7.42 -54.28
N GLU A 193 -19.09 -7.06 -54.63
CA GLU A 193 -19.44 -6.75 -56.00
C GLU A 193 -19.05 -5.34 -56.41
N LYS A 194 -18.40 -4.58 -55.53
CA LYS A 194 -17.93 -3.25 -55.88
C LYS A 194 -16.66 -3.26 -56.71
N HIS A 195 -15.88 -4.34 -56.64
CA HIS A 195 -14.58 -4.41 -57.29
C HIS A 195 -14.48 -5.67 -58.14
N LYS A 196 -13.39 -5.77 -58.89
CA LYS A 196 -13.21 -6.83 -59.88
C LYS A 196 -12.02 -7.73 -59.56
N VAL A 197 -10.84 -7.18 -59.39
CA VAL A 197 -9.62 -7.97 -59.21
C VAL A 197 -9.39 -8.21 -57.72
N TYR A 198 -9.25 -9.47 -57.34
CA TYR A 198 -8.96 -9.87 -55.98
C TYR A 198 -7.65 -10.66 -55.97
N ALA A 199 -6.72 -10.25 -55.11
CA ALA A 199 -5.39 -10.85 -55.10
C ALA A 199 -4.85 -10.88 -53.69
N CYS A 200 -4.03 -11.89 -53.40
CA CYS A 200 -3.22 -11.95 -52.19
C CYS A 200 -1.77 -12.07 -52.60
N GLU A 201 -0.93 -11.17 -52.10
CA GLU A 201 0.50 -11.14 -52.37
C GLU A 201 1.24 -11.79 -51.22
N VAL A 202 2.13 -12.73 -51.53
CA VAL A 202 2.82 -13.54 -50.53
C VAL A 202 4.29 -13.17 -50.53
N THR A 203 4.78 -12.71 -49.38
CA THR A 203 6.20 -12.42 -49.17
C THR A 203 6.79 -13.50 -48.28
N HIS A 204 7.84 -14.16 -48.77
CA HIS A 204 8.48 -15.21 -48.00
C HIS A 204 9.94 -15.33 -48.41
N GLN A 205 10.76 -15.83 -47.48
CA GLN A 205 12.20 -15.94 -47.70
C GLN A 205 12.51 -16.85 -48.89
N GLY A 206 11.70 -17.89 -49.09
CA GLY A 206 11.89 -18.79 -50.21
C GLY A 206 11.49 -18.26 -51.56
N LEU A 207 11.01 -17.02 -51.63
CA LEU A 207 10.61 -16.38 -52.87
C LEU A 207 11.55 -15.22 -53.19
N SER A 208 12.11 -15.21 -54.40
CA SER A 208 12.97 -14.12 -54.81
C SER A 208 12.21 -12.80 -54.85
N SER A 209 10.97 -12.84 -55.31
CA SER A 209 10.08 -11.69 -55.36
C SER A 209 8.70 -12.14 -54.92
N PRO A 210 7.87 -11.22 -54.42
CA PRO A 210 6.55 -11.61 -53.92
C PRO A 210 5.70 -12.29 -54.99
N VAL A 211 5.12 -13.43 -54.63
CA VAL A 211 4.26 -14.19 -55.53
C VAL A 211 2.82 -13.75 -55.31
N THR A 212 2.11 -13.50 -56.40
CA THR A 212 0.74 -13.00 -56.35
C THR A 212 -0.18 -13.95 -57.11
N LYS A 213 -1.20 -14.45 -56.43
CA LYS A 213 -2.29 -15.18 -57.05
C LYS A 213 -3.52 -14.28 -57.08
N SER A 214 -4.27 -14.32 -58.17
CA SER A 214 -5.39 -13.41 -58.33
C SER A 214 -6.46 -14.02 -59.22
N PHE A 215 -7.64 -13.42 -59.18
CA PHE A 215 -8.76 -13.78 -60.04
C PHE A 215 -9.63 -12.55 -60.24
N ASN A 216 -10.39 -12.55 -61.33
CA ASN A 216 -11.38 -11.52 -61.59
C ASN A 216 -12.76 -12.07 -61.25
N ARG A 217 -13.51 -11.33 -60.44
CA ARG A 217 -14.81 -11.80 -59.99
C ARG A 217 -15.76 -12.01 -61.16
N GLY A 218 -16.40 -13.18 -61.21
CA GLY A 218 -17.32 -13.52 -62.26
C GLY A 218 -16.71 -14.26 -63.44
N GLU A 219 -15.39 -14.28 -63.55
CA GLU A 219 -14.70 -14.93 -64.66
C GLU A 219 -14.12 -16.27 -64.23
N CYS A 220 -13.80 -17.09 -65.22
CA CYS A 220 -13.26 -18.43 -64.97
C CYS A 220 -12.05 -18.70 -65.86
N GLN B 1 2.60 -41.02 -7.91
CA GLN B 1 1.18 -41.33 -7.87
C GLN B 1 0.39 -40.08 -7.43
N VAL B 2 1.12 -38.99 -7.20
CA VAL B 2 0.48 -37.71 -6.95
C VAL B 2 -0.38 -37.33 -8.16
N GLN B 3 -1.58 -36.85 -7.90
CA GLN B 3 -2.52 -36.55 -8.97
C GLN B 3 -3.37 -35.35 -8.59
N LEU B 4 -3.49 -34.40 -9.52
CA LEU B 4 -4.38 -33.25 -9.39
C LEU B 4 -5.41 -33.35 -10.50
N GLN B 5 -6.65 -33.69 -10.14
CA GLN B 5 -7.72 -33.92 -11.10
C GLN B 5 -8.66 -32.72 -11.12
N GLN B 6 -8.75 -32.06 -12.26
CA GLN B 6 -9.57 -30.87 -12.42
C GLN B 6 -10.86 -31.19 -13.17
N SER B 7 -11.84 -30.30 -13.01
CA SER B 7 -13.15 -30.48 -13.62
C SER B 7 -13.11 -30.13 -15.11
N GLY B 8 -14.23 -30.42 -15.78
CA GLY B 8 -14.31 -30.29 -17.22
C GLY B 8 -14.52 -28.86 -17.70
N THR B 9 -14.60 -28.72 -19.02
CA THR B 9 -14.71 -27.41 -19.66
C THR B 9 -16.02 -26.73 -19.26
N ASP B 10 -15.96 -25.40 -19.14
CA ASP B 10 -17.11 -24.58 -18.76
C ASP B 10 -17.41 -23.59 -19.87
N LEU B 11 -18.63 -23.66 -20.40
CA LEU B 11 -19.16 -22.65 -21.32
C LEU B 11 -20.13 -21.76 -20.55
N VAL B 12 -19.74 -20.52 -20.31
CA VAL B 12 -20.52 -19.61 -19.49
C VAL B 12 -20.72 -18.29 -20.20
N ARG B 13 -21.84 -17.64 -19.90
CA ARG B 13 -22.17 -16.33 -20.44
C ARG B 13 -21.49 -15.23 -19.63
N PRO B 14 -21.21 -14.08 -20.23
CA PRO B 14 -20.51 -13.02 -19.51
C PRO B 14 -21.30 -12.51 -18.32
N GLY B 15 -20.58 -12.09 -17.28
CA GLY B 15 -21.19 -11.60 -16.06
C GLY B 15 -21.56 -12.65 -15.05
N THR B 16 -21.45 -13.94 -15.40
CA THR B 16 -21.81 -15.02 -14.50
C THR B 16 -20.60 -15.42 -13.66
N SER B 17 -20.75 -16.46 -12.84
CA SER B 17 -19.69 -17.00 -12.02
C SER B 17 -19.40 -18.44 -12.40
N VAL B 18 -18.18 -18.89 -12.12
CA VAL B 18 -17.77 -20.26 -12.39
C VAL B 18 -16.91 -20.72 -11.21
N LYS B 19 -16.94 -22.03 -10.96
CA LYS B 19 -16.20 -22.64 -9.85
C LYS B 19 -15.46 -23.86 -10.37
N VAL B 20 -14.14 -23.76 -10.44
CA VAL B 20 -13.28 -24.85 -10.91
C VAL B 20 -12.76 -25.61 -9.70
N SER B 21 -12.82 -26.94 -9.76
CA SER B 21 -12.38 -27.79 -8.67
C SER B 21 -11.08 -28.49 -9.03
N CYS B 22 -10.34 -28.89 -8.00
CA CYS B 22 -9.04 -29.53 -8.18
C CYS B 22 -8.89 -30.56 -7.06
N LYS B 23 -9.12 -31.83 -7.40
CA LYS B 23 -9.16 -32.91 -6.44
C LYS B 23 -7.80 -33.60 -6.38
N ALA B 24 -7.21 -33.63 -5.18
CA ALA B 24 -5.89 -34.20 -4.96
C ALA B 24 -5.99 -35.65 -4.49
N SER B 25 -4.93 -36.41 -4.78
CA SER B 25 -4.85 -37.80 -4.36
C SER B 25 -3.40 -38.25 -4.45
N GLY B 26 -3.03 -39.19 -3.58
CA GLY B 26 -1.68 -39.71 -3.53
C GLY B 26 -0.78 -39.08 -2.48
N TYR B 27 -1.32 -38.19 -1.65
CA TYR B 27 -0.54 -37.54 -0.62
C TYR B 27 -1.50 -36.87 0.36
N ALA B 28 -0.95 -36.42 1.49
CA ALA B 28 -1.74 -35.70 2.48
C ALA B 28 -2.10 -34.32 1.95
N PHE B 29 -3.40 -34.07 1.80
CA PHE B 29 -3.86 -32.87 1.10
C PHE B 29 -3.36 -31.59 1.77
N THR B 30 -3.26 -31.58 3.09
CA THR B 30 -2.97 -30.37 3.85
C THR B 30 -1.47 -30.14 4.05
N THR B 31 -0.61 -31.01 3.53
CA THR B 31 0.83 -30.85 3.68
C THR B 31 1.49 -30.16 2.49
N TYR B 32 0.71 -29.75 1.49
CA TYR B 32 1.21 -29.04 0.33
C TYR B 32 0.30 -27.86 0.03
N PHE B 33 0.89 -26.80 -0.53
CA PHE B 33 0.10 -25.67 -0.96
C PHE B 33 -0.56 -25.98 -2.31
N ILE B 34 -1.68 -25.31 -2.58
CA ILE B 34 -2.37 -25.41 -3.86
C ILE B 34 -2.27 -24.06 -4.54
N GLU B 35 -1.68 -24.05 -5.73
CA GLU B 35 -1.53 -22.84 -6.53
C GLU B 35 -2.49 -22.88 -7.71
N TRP B 36 -2.92 -21.70 -8.14
CA TRP B 36 -3.78 -21.56 -9.30
C TRP B 36 -3.10 -20.63 -10.31
N VAL B 37 -3.02 -21.08 -11.56
CA VAL B 37 -2.33 -20.36 -12.62
C VAL B 37 -3.27 -20.23 -13.81
N LYS B 38 -3.34 -19.04 -14.39
CA LYS B 38 -4.15 -18.77 -15.56
C LYS B 38 -3.25 -18.68 -16.79
N GLN B 39 -3.71 -19.29 -17.89
CA GLN B 39 -2.98 -19.25 -19.16
C GLN B 39 -3.97 -19.00 -20.29
N ARG B 40 -3.88 -17.81 -20.88
CA ARG B 40 -4.72 -17.49 -22.02
C ARG B 40 -4.15 -18.14 -23.29
N PRO B 41 -5.03 -18.50 -24.25
CA PRO B 41 -4.57 -19.22 -25.44
C PRO B 41 -3.40 -18.57 -26.16
N GLY B 42 -2.28 -19.26 -26.20
CA GLY B 42 -1.09 -18.74 -26.85
C GLY B 42 -0.43 -17.61 -26.12
N GLN B 43 -0.37 -17.68 -24.78
CA GLN B 43 0.21 -16.62 -23.98
C GLN B 43 1.01 -17.24 -22.83
N GLY B 44 1.60 -16.38 -22.01
CA GLY B 44 2.40 -16.84 -20.90
C GLY B 44 1.56 -17.17 -19.67
N LEU B 45 2.19 -17.89 -18.74
CA LEU B 45 1.49 -18.31 -17.53
C LEU B 45 1.31 -17.14 -16.58
N GLU B 46 0.18 -17.13 -15.89
CA GLU B 46 -0.22 -16.03 -15.01
C GLU B 46 -0.65 -16.62 -13.66
N TRP B 47 0.11 -16.30 -12.62
CA TRP B 47 -0.17 -16.83 -11.29
C TRP B 47 -1.33 -16.07 -10.65
N ILE B 48 -2.35 -16.82 -10.21
CA ILE B 48 -3.53 -16.22 -9.62
C ILE B 48 -3.39 -16.08 -8.11
N GLY B 49 -3.11 -17.18 -7.43
CA GLY B 49 -3.03 -17.16 -5.98
C GLY B 49 -2.66 -18.51 -5.44
N VAL B 50 -2.67 -18.61 -4.12
CA VAL B 50 -2.28 -19.82 -3.41
C VAL B 50 -3.10 -19.90 -2.12
N ILE B 51 -3.38 -21.12 -1.68
CA ILE B 51 -4.10 -21.34 -0.43
C ILE B 51 -3.40 -22.43 0.36
N ASN B 52 -3.27 -22.20 1.67
CA ASN B 52 -2.89 -23.24 2.62
C ASN B 52 -4.13 -24.06 2.93
N PRO B 53 -4.22 -25.30 2.42
CA PRO B 53 -5.45 -26.07 2.63
C PRO B 53 -5.68 -26.44 4.09
N GLY B 54 -4.63 -26.57 4.89
CA GLY B 54 -4.81 -26.89 6.29
C GLY B 54 -5.34 -25.71 7.08
N SER B 55 -4.67 -24.55 6.97
CA SER B 55 -5.09 -23.37 7.71
C SER B 55 -6.24 -22.63 7.04
N GLY B 56 -6.46 -22.86 5.75
CA GLY B 56 -7.53 -22.19 5.01
C GLY B 56 -7.21 -20.79 4.55
N ILE B 57 -6.04 -20.25 4.87
CA ILE B 57 -5.70 -18.87 4.57
C ILE B 57 -5.13 -18.76 3.16
N PRO B 58 -5.70 -17.91 2.31
CA PRO B 58 -5.16 -17.76 0.95
C PRO B 58 -4.23 -16.55 0.81
N ASN B 59 -3.56 -16.46 -0.33
CA ASN B 59 -2.71 -15.32 -0.67
C ASN B 59 -2.90 -15.02 -2.14
N TYR B 60 -3.34 -13.81 -2.46
CA TYR B 60 -3.82 -13.48 -3.79
C TYR B 60 -2.85 -12.59 -4.54
N ASN B 61 -2.74 -12.81 -5.85
CA ASN B 61 -2.21 -11.79 -6.75
C ASN B 61 -3.13 -10.57 -6.70
N GLU B 62 -2.54 -9.38 -6.58
CA GLU B 62 -3.34 -8.17 -6.47
C GLU B 62 -4.26 -7.99 -7.66
N MET B 63 -3.85 -8.45 -8.85
CA MET B 63 -4.68 -8.29 -10.03
C MET B 63 -5.97 -9.10 -9.95
N PHE B 64 -5.97 -10.19 -9.19
CA PHE B 64 -7.12 -11.08 -9.11
C PHE B 64 -7.94 -10.89 -7.84
N LYS B 65 -7.54 -9.96 -6.97
CA LYS B 65 -8.33 -9.66 -5.78
C LYS B 65 -9.69 -9.12 -6.20
N GLY B 66 -10.75 -9.82 -5.78
CA GLY B 66 -12.11 -9.48 -6.15
C GLY B 66 -12.70 -10.34 -7.25
N LYS B 67 -11.85 -10.85 -8.15
CA LYS B 67 -12.32 -11.76 -9.19
C LYS B 67 -12.15 -13.22 -8.80
N ALA B 68 -11.03 -13.56 -8.18
CA ALA B 68 -10.74 -14.93 -7.79
C ALA B 68 -10.95 -15.11 -6.29
N THR B 69 -11.57 -16.23 -5.92
CA THR B 69 -11.75 -16.62 -4.53
C THR B 69 -11.29 -18.07 -4.38
N LEU B 70 -10.39 -18.30 -3.43
CA LEU B 70 -9.79 -19.61 -3.21
C LEU B 70 -10.36 -20.24 -1.94
N THR B 71 -10.81 -21.49 -2.06
CA THR B 71 -11.27 -22.26 -0.91
C THR B 71 -10.67 -23.66 -1.00
N ALA B 72 -10.83 -24.42 0.09
CA ALA B 72 -10.33 -25.79 0.16
C ALA B 72 -11.19 -26.58 1.13
N ASP B 73 -11.61 -27.76 0.71
CA ASP B 73 -12.46 -28.64 1.52
C ASP B 73 -11.59 -29.82 1.95
N LYS B 74 -11.20 -29.83 3.22
CA LYS B 74 -10.34 -30.90 3.72
C LYS B 74 -11.03 -32.26 3.68
N SER B 75 -12.36 -32.28 3.82
CA SER B 75 -13.07 -33.55 3.86
C SER B 75 -13.02 -34.28 2.53
N SER B 76 -12.86 -33.55 1.42
CA SER B 76 -12.83 -34.14 0.09
C SER B 76 -11.49 -33.95 -0.61
N SER B 77 -10.51 -33.35 0.07
CA SER B 77 -9.18 -33.11 -0.51
C SER B 77 -9.29 -32.35 -1.83
N THR B 78 -10.17 -31.36 -1.88
CA THR B 78 -10.49 -30.64 -3.11
C THR B 78 -10.26 -29.16 -2.90
N ALA B 79 -9.47 -28.56 -3.79
CA ALA B 79 -9.30 -27.11 -3.82
C ALA B 79 -10.21 -26.51 -4.88
N TYR B 80 -10.65 -25.28 -4.63
CA TYR B 80 -11.61 -24.61 -5.50
C TYR B 80 -11.09 -23.24 -5.93
N LEU B 81 -11.41 -22.86 -7.16
CA LEU B 81 -11.14 -21.53 -7.68
C LEU B 81 -12.45 -20.95 -8.18
N HIS B 82 -12.90 -19.86 -7.55
CA HIS B 82 -14.17 -19.23 -7.88
C HIS B 82 -13.88 -17.92 -8.63
N LEU B 83 -14.52 -17.75 -9.78
CA LEU B 83 -14.35 -16.56 -10.62
C LEU B 83 -15.70 -15.87 -10.78
N SER B 84 -15.73 -14.58 -10.49
CA SER B 84 -16.96 -13.79 -10.56
C SER B 84 -16.87 -12.78 -11.71
N SER B 85 -18.04 -12.28 -12.11
CA SER B 85 -18.16 -11.24 -13.13
C SER B 85 -17.37 -11.60 -14.38
N LEU B 86 -17.65 -12.78 -14.91
CA LEU B 86 -16.85 -13.33 -16.01
C LEU B 86 -17.03 -12.50 -17.28
N THR B 87 -15.91 -12.27 -17.97
CA THR B 87 -15.89 -11.56 -19.25
C THR B 87 -15.05 -12.35 -20.25
N SER B 88 -14.89 -11.79 -21.45
CA SER B 88 -14.09 -12.44 -22.47
C SER B 88 -12.63 -12.56 -22.05
N ASP B 89 -12.14 -11.63 -21.23
CA ASP B 89 -10.76 -11.69 -20.78
C ASP B 89 -10.48 -12.88 -19.86
N ASP B 90 -11.51 -13.42 -19.22
CA ASP B 90 -11.34 -14.57 -18.35
C ASP B 90 -11.32 -15.89 -19.11
N SER B 91 -11.58 -15.88 -20.41
CA SER B 91 -11.49 -17.08 -21.22
C SER B 91 -10.04 -17.54 -21.29
N ALA B 92 -9.74 -18.67 -20.66
CA ALA B 92 -8.37 -19.17 -20.58
C ALA B 92 -8.41 -20.61 -20.07
N VAL B 93 -7.23 -21.21 -19.96
CA VAL B 93 -7.04 -22.49 -19.28
C VAL B 93 -6.56 -22.19 -17.87
N TYR B 94 -7.17 -22.84 -16.88
CA TYR B 94 -6.86 -22.60 -15.48
C TYR B 94 -6.25 -23.85 -14.87
N PHE B 95 -4.96 -23.79 -14.57
CA PHE B 95 -4.24 -24.91 -13.96
C PHE B 95 -4.26 -24.75 -12.44
N CYS B 96 -4.40 -25.88 -11.74
CA CYS B 96 -4.11 -25.96 -10.33
C CYS B 96 -2.78 -26.69 -10.16
N ALA B 97 -1.93 -26.15 -9.28
CA ALA B 97 -0.60 -26.71 -9.07
C ALA B 97 -0.39 -26.96 -7.59
N ARG B 98 0.61 -27.79 -7.29
CA ARG B 98 0.95 -28.17 -5.92
C ARG B 98 2.37 -27.73 -5.62
N ALA B 99 2.56 -27.17 -4.42
CA ALA B 99 3.86 -26.67 -4.00
C ALA B 99 4.17 -27.16 -2.60
N PRO B 100 5.41 -27.58 -2.35
CA PRO B 100 5.78 -28.14 -1.04
C PRO B 100 5.72 -27.10 0.06
N TYR B 101 5.92 -27.60 1.29
CA TYR B 101 5.67 -26.87 2.53
C TYR B 101 6.81 -27.06 3.52
N TYR B 102 8.03 -27.26 3.01
CA TYR B 102 9.16 -27.54 3.88
C TYR B 102 9.45 -26.35 4.79
N TYR B 103 9.70 -26.66 6.06
CA TYR B 103 10.08 -25.67 7.09
C TYR B 103 9.02 -24.61 7.29
N GLY B 104 7.77 -24.90 6.95
CA GLY B 104 6.71 -23.91 7.10
C GLY B 104 6.74 -22.76 6.12
N SER B 105 7.53 -22.88 5.06
CA SER B 105 7.65 -21.83 4.05
C SER B 105 6.82 -22.17 2.82
N SER B 106 6.35 -21.13 2.13
CA SER B 106 5.56 -21.30 0.92
C SER B 106 6.31 -20.92 -0.34
N TYR B 107 7.50 -20.35 -0.22
CA TYR B 107 8.28 -19.88 -1.38
C TYR B 107 8.95 -21.09 -2.01
N TYR B 108 8.17 -21.82 -2.80
CA TYR B 108 8.63 -23.08 -3.37
C TYR B 108 8.12 -23.23 -4.80
N TYR B 109 8.82 -24.08 -5.54
CA TYR B 109 8.47 -24.42 -6.91
C TYR B 109 7.13 -25.17 -6.94
N PHE B 110 6.60 -25.35 -8.14
CA PHE B 110 5.34 -26.05 -8.36
C PHE B 110 5.69 -27.40 -8.97
N ASP B 111 5.60 -28.47 -8.17
CA ASP B 111 6.12 -29.76 -8.59
C ASP B 111 5.10 -30.65 -9.29
N VAL B 112 3.80 -30.44 -9.07
CA VAL B 112 2.77 -31.26 -9.70
C VAL B 112 1.64 -30.34 -10.17
N TRP B 113 1.24 -30.49 -11.43
CA TRP B 113 0.19 -29.67 -12.03
C TRP B 113 -0.99 -30.54 -12.44
N GLY B 114 -2.18 -29.94 -12.41
CA GLY B 114 -3.36 -30.59 -12.96
C GLY B 114 -3.43 -30.43 -14.47
N ALA B 115 -4.39 -31.14 -15.06
CA ALA B 115 -4.55 -31.11 -16.51
C ALA B 115 -5.03 -29.76 -17.03
N GLY B 116 -5.52 -28.89 -16.16
CA GLY B 116 -6.04 -27.61 -16.57
C GLY B 116 -7.52 -27.66 -16.94
N THR B 117 -8.25 -26.57 -16.67
CA THR B 117 -9.67 -26.50 -16.97
C THR B 117 -9.89 -25.35 -17.96
N THR B 118 -10.44 -25.68 -19.13
CA THR B 118 -10.77 -24.67 -20.12
C THR B 118 -12.05 -23.94 -19.70
N VAL B 119 -11.98 -22.62 -19.63
CA VAL B 119 -13.14 -21.77 -19.35
C VAL B 119 -13.33 -20.86 -20.55
N THR B 120 -14.51 -20.92 -21.15
CA THR B 120 -14.85 -20.11 -22.31
C THR B 120 -16.02 -19.22 -21.96
N VAL B 121 -15.85 -17.91 -22.13
CA VAL B 121 -16.89 -16.93 -21.84
C VAL B 121 -17.38 -16.35 -23.16
N SER B 122 -18.67 -16.53 -23.43
CA SER B 122 -19.26 -16.06 -24.68
C SER B 122 -20.75 -15.91 -24.49
N SER B 123 -21.33 -14.94 -25.20
CA SER B 123 -22.76 -14.71 -25.21
C SER B 123 -23.43 -15.34 -26.43
N ALA B 124 -22.69 -16.12 -27.21
CA ALA B 124 -23.24 -16.71 -28.42
C ALA B 124 -24.04 -17.97 -28.10
N SER B 125 -25.06 -18.21 -28.92
CA SER B 125 -25.87 -19.41 -28.81
C SER B 125 -25.29 -20.51 -29.67
N THR B 126 -25.69 -21.75 -29.38
CA THR B 126 -25.25 -22.89 -30.17
C THR B 126 -25.78 -22.77 -31.59
N LYS B 127 -24.90 -22.94 -32.58
CA LYS B 127 -25.27 -22.83 -33.97
C LYS B 127 -24.39 -23.74 -34.81
N GLY B 128 -25.01 -24.43 -35.76
CA GLY B 128 -24.29 -25.29 -36.68
C GLY B 128 -23.59 -24.49 -37.76
N PRO B 129 -22.51 -25.05 -38.30
CA PRO B 129 -21.71 -24.31 -39.29
C PRO B 129 -22.35 -24.36 -40.68
N SER B 130 -21.85 -23.47 -41.53
CA SER B 130 -22.11 -23.50 -42.97
C SER B 130 -20.85 -23.99 -43.68
N VAL B 131 -21.02 -24.93 -44.60
CA VAL B 131 -19.90 -25.56 -45.28
C VAL B 131 -19.93 -25.12 -46.74
N PHE B 132 -18.92 -24.35 -47.13
CA PHE B 132 -18.80 -23.86 -48.50
C PHE B 132 -17.58 -24.45 -49.18
N PRO B 133 -17.66 -24.74 -50.47
CA PRO B 133 -16.54 -25.37 -51.16
C PRO B 133 -15.44 -24.36 -51.51
N LEU B 134 -14.21 -24.87 -51.51
CA LEU B 134 -13.06 -24.19 -52.07
C LEU B 134 -12.65 -25.02 -53.28
N ALA B 135 -13.19 -24.67 -54.44
CA ALA B 135 -13.15 -25.54 -55.61
C ALA B 135 -11.75 -25.57 -56.22
N PRO B 136 -11.27 -26.73 -56.63
CA PRO B 136 -9.98 -26.82 -57.32
C PRO B 136 -10.11 -26.49 -58.79
N SER B 137 -8.97 -26.39 -59.46
CA SER B 137 -8.94 -26.08 -60.88
C SER B 137 -7.67 -26.64 -61.48
N SER B 138 -7.81 -27.29 -62.64
CA SER B 138 -6.64 -27.75 -63.39
C SER B 138 -5.81 -26.61 -63.94
N LYS B 139 -6.35 -25.39 -63.97
CA LYS B 139 -5.63 -24.20 -64.39
C LYS B 139 -4.97 -23.47 -63.22
N SER B 140 -5.33 -23.80 -61.99
CA SER B 140 -4.78 -23.15 -60.80
C SER B 140 -3.86 -24.14 -60.10
N THR B 141 -2.61 -24.21 -60.58
CA THR B 141 -1.63 -25.17 -60.09
C THR B 141 -0.42 -24.43 -59.54
N SER B 142 -0.04 -24.78 -58.31
CA SER B 142 1.14 -24.23 -57.67
C SER B 142 1.92 -25.36 -57.00
N GLY B 143 3.23 -25.36 -57.20
CA GLY B 143 4.05 -26.41 -56.63
C GLY B 143 3.81 -27.79 -57.20
N GLY B 144 3.22 -27.88 -58.38
CA GLY B 144 3.02 -29.14 -59.06
C GLY B 144 1.69 -29.84 -58.78
N THR B 145 0.85 -29.28 -57.92
CA THR B 145 -0.43 -29.89 -57.60
C THR B 145 -1.54 -28.85 -57.69
N ALA B 146 -2.77 -29.32 -57.55
CA ALA B 146 -3.93 -28.47 -57.37
C ALA B 146 -4.31 -28.43 -55.89
N ALA B 147 -5.28 -27.60 -55.55
CA ALA B 147 -5.71 -27.45 -54.17
C ALA B 147 -7.21 -27.23 -54.10
N LEU B 148 -7.85 -27.92 -53.17
CA LEU B 148 -9.26 -27.75 -52.89
C LEU B 148 -9.45 -27.72 -51.38
N GLY B 149 -10.67 -27.43 -50.95
CA GLY B 149 -10.92 -27.40 -49.52
C GLY B 149 -12.36 -27.07 -49.21
N CYS B 150 -12.62 -26.90 -47.91
CA CYS B 150 -13.94 -26.58 -47.39
C CYS B 150 -13.82 -25.48 -46.36
N LEU B 151 -14.65 -24.44 -46.50
CA LEU B 151 -14.70 -23.35 -45.53
C LEU B 151 -15.83 -23.64 -44.55
N VAL B 152 -15.48 -23.87 -43.30
CA VAL B 152 -16.44 -24.14 -42.23
C VAL B 152 -16.65 -22.83 -41.47
N LYS B 153 -17.80 -22.20 -41.67
CA LYS B 153 -18.03 -20.83 -41.23
C LYS B 153 -19.23 -20.74 -40.31
N ASP B 154 -19.10 -19.89 -39.28
CA ASP B 154 -20.20 -19.46 -38.42
C ASP B 154 -20.81 -20.61 -37.61
N TYR B 155 -20.05 -21.14 -36.67
CA TYR B 155 -20.54 -22.15 -35.75
C TYR B 155 -20.11 -21.81 -34.33
N PHE B 156 -20.83 -22.38 -33.36
CA PHE B 156 -20.51 -22.21 -31.95
C PHE B 156 -21.17 -23.35 -31.19
N PRO B 157 -20.48 -23.96 -30.22
CA PRO B 157 -19.10 -23.70 -29.81
C PRO B 157 -18.11 -24.66 -30.47
N GLU B 158 -16.91 -24.75 -29.90
CA GLU B 158 -15.93 -25.74 -30.34
C GLU B 158 -16.28 -27.11 -29.76
N PRO B 159 -15.85 -28.19 -30.43
CA PRO B 159 -15.08 -28.24 -31.67
C PRO B 159 -15.91 -28.63 -32.89
N VAL B 160 -15.27 -28.61 -34.05
CA VAL B 160 -15.82 -29.20 -35.27
C VAL B 160 -14.79 -30.20 -35.78
N THR B 161 -15.26 -31.33 -36.29
CA THR B 161 -14.40 -32.36 -36.85
C THR B 161 -14.58 -32.38 -38.37
N VAL B 162 -13.46 -32.36 -39.09
CA VAL B 162 -13.47 -32.31 -40.54
C VAL B 162 -12.62 -33.48 -41.05
N SER B 163 -13.25 -34.40 -41.78
CA SER B 163 -12.57 -35.48 -42.46
C SER B 163 -12.85 -35.36 -43.95
N TRP B 164 -12.07 -36.09 -44.75
CA TRP B 164 -12.19 -36.06 -46.20
C TRP B 164 -12.40 -37.48 -46.70
N ASN B 165 -13.42 -37.66 -47.55
CA ASN B 165 -13.81 -38.96 -48.08
C ASN B 165 -13.99 -39.99 -46.96
N SER B 166 -14.66 -39.54 -45.89
CA SER B 166 -14.98 -40.39 -44.74
C SER B 166 -13.72 -41.00 -44.12
N GLY B 167 -12.63 -40.22 -44.10
CA GLY B 167 -11.39 -40.67 -43.51
C GLY B 167 -10.40 -41.31 -44.45
N ALA B 168 -10.84 -41.71 -45.66
CA ALA B 168 -9.93 -42.35 -46.59
C ALA B 168 -8.87 -41.38 -47.10
N LEU B 169 -9.17 -40.09 -47.12
CA LEU B 169 -8.25 -39.07 -47.61
C LEU B 169 -7.51 -38.49 -46.39
N THR B 170 -6.27 -38.92 -46.21
CA THR B 170 -5.45 -38.49 -45.08
C THR B 170 -4.20 -37.74 -45.47
N SER B 171 -3.60 -38.04 -46.62
CA SER B 171 -2.37 -37.38 -47.04
C SER B 171 -2.67 -36.05 -47.71
N GLY B 172 -1.81 -35.07 -47.46
CA GLY B 172 -1.94 -33.76 -48.06
C GLY B 172 -3.02 -32.87 -47.48
N VAL B 173 -3.55 -33.21 -46.30
CA VAL B 173 -4.64 -32.49 -45.68
C VAL B 173 -4.08 -31.52 -44.65
N HIS B 174 -4.63 -30.31 -44.62
CA HIS B 174 -4.33 -29.32 -43.59
C HIS B 174 -5.64 -28.76 -43.07
N THR B 175 -5.94 -29.03 -41.80
CA THR B 175 -7.13 -28.50 -41.13
C THR B 175 -6.67 -27.42 -40.16
N PHE B 176 -6.97 -26.17 -40.50
CA PHE B 176 -6.43 -25.04 -39.75
C PHE B 176 -7.19 -24.83 -38.45
N PRO B 177 -6.53 -24.24 -37.45
CA PRO B 177 -7.24 -23.89 -36.21
C PRO B 177 -8.31 -22.85 -36.47
N ALA B 178 -9.39 -22.94 -35.71
CA ALA B 178 -10.50 -22.00 -35.88
C ALA B 178 -10.12 -20.63 -35.33
N VAL B 179 -10.57 -19.59 -36.04
CA VAL B 179 -10.44 -18.22 -35.58
C VAL B 179 -11.79 -17.77 -35.06
N LEU B 180 -11.78 -16.96 -34.00
CA LEU B 180 -13.00 -16.42 -33.41
C LEU B 180 -13.35 -15.11 -34.10
N GLN B 181 -14.49 -15.06 -34.75
CA GLN B 181 -14.92 -13.86 -35.45
C GLN B 181 -15.58 -12.88 -34.48
N SER B 182 -15.69 -11.62 -34.92
CA SER B 182 -16.24 -10.57 -34.08
C SER B 182 -17.71 -10.81 -33.76
N SER B 183 -18.39 -11.67 -34.51
CA SER B 183 -19.77 -12.03 -34.24
C SER B 183 -19.90 -13.02 -33.09
N GLY B 184 -18.80 -13.50 -32.54
CA GLY B 184 -18.82 -14.53 -31.53
C GLY B 184 -18.83 -15.94 -32.06
N LEU B 185 -18.85 -16.12 -33.38
CA LEU B 185 -18.89 -17.44 -34.00
C LEU B 185 -17.52 -17.81 -34.54
N TYR B 186 -17.26 -19.10 -34.61
CA TYR B 186 -15.99 -19.61 -35.08
C TYR B 186 -16.02 -19.90 -36.58
N SER B 187 -14.83 -20.02 -37.15
CA SER B 187 -14.69 -20.29 -38.57
C SER B 187 -13.30 -20.88 -38.83
N LEU B 188 -13.24 -21.87 -39.72
CA LEU B 188 -11.96 -22.45 -40.10
C LEU B 188 -12.06 -23.01 -41.51
N SER B 189 -10.91 -23.40 -42.03
CA SER B 189 -10.80 -23.97 -43.37
C SER B 189 -9.98 -25.25 -43.31
N SER B 190 -10.39 -26.24 -44.10
CA SER B 190 -9.64 -27.47 -44.31
C SER B 190 -9.32 -27.59 -45.79
N VAL B 191 -8.05 -27.76 -46.12
CA VAL B 191 -7.60 -27.79 -47.51
C VAL B 191 -6.89 -29.10 -47.79
N VAL B 192 -6.88 -29.48 -49.07
CA VAL B 192 -6.15 -30.64 -49.55
C VAL B 192 -5.44 -30.27 -50.85
N THR B 193 -4.20 -30.73 -51.00
CA THR B 193 -3.50 -30.65 -52.28
C THR B 193 -3.69 -31.97 -53.02
N VAL B 194 -4.19 -31.88 -54.25
CA VAL B 194 -4.54 -33.08 -55.02
C VAL B 194 -3.89 -32.97 -56.39
N PRO B 195 -3.74 -34.08 -57.10
CA PRO B 195 -3.23 -34.02 -58.48
C PRO B 195 -4.22 -33.28 -59.38
N SER B 196 -3.68 -32.38 -60.20
CA SER B 196 -4.53 -31.59 -61.09
C SER B 196 -5.10 -32.42 -62.24
N SER B 197 -4.48 -33.56 -62.55
CA SER B 197 -4.92 -34.39 -63.67
C SER B 197 -6.09 -35.30 -63.31
N SER B 198 -6.40 -35.48 -62.03
CA SER B 198 -7.40 -36.44 -61.59
C SER B 198 -8.72 -35.79 -61.19
N LEU B 199 -8.88 -34.48 -61.41
CA LEU B 199 -10.07 -33.78 -60.94
C LEU B 199 -11.34 -34.27 -61.62
N GLY B 200 -11.23 -34.91 -62.78
CA GLY B 200 -12.39 -35.43 -63.47
C GLY B 200 -12.77 -36.86 -63.12
N THR B 201 -11.86 -37.59 -62.46
CA THR B 201 -12.11 -38.99 -62.11
C THR B 201 -12.04 -39.28 -60.63
N GLN B 202 -11.42 -38.42 -59.83
CA GLN B 202 -11.39 -38.58 -58.39
C GLN B 202 -12.43 -37.68 -57.73
N THR B 203 -13.15 -38.22 -56.76
CA THR B 203 -14.15 -37.48 -56.02
C THR B 203 -13.57 -37.05 -54.67
N TYR B 204 -13.92 -35.84 -54.24
CA TYR B 204 -13.46 -35.29 -52.97
C TYR B 204 -14.65 -34.75 -52.20
N ILE B 205 -14.86 -35.27 -50.99
CA ILE B 205 -15.97 -34.87 -50.13
C ILE B 205 -15.41 -34.57 -48.75
N CYS B 206 -15.72 -33.39 -48.22
CA CYS B 206 -15.36 -33.04 -46.86
C CYS B 206 -16.51 -33.33 -45.93
N ASN B 207 -16.23 -34.03 -44.84
CA ASN B 207 -17.23 -34.44 -43.85
C ASN B 207 -17.07 -33.56 -42.62
N VAL B 208 -18.06 -32.71 -42.36
CA VAL B 208 -18.02 -31.75 -41.28
C VAL B 208 -19.04 -32.16 -40.24
N ASN B 209 -18.58 -32.43 -39.02
CA ASN B 209 -19.43 -32.86 -37.92
C ASN B 209 -19.30 -31.86 -36.77
N HIS B 210 -20.44 -31.36 -36.30
CA HIS B 210 -20.50 -30.46 -35.15
C HIS B 210 -21.40 -31.10 -34.10
N LYS B 211 -20.78 -31.79 -33.14
CA LYS B 211 -21.55 -32.49 -32.11
C LYS B 211 -22.41 -31.59 -31.25
N PRO B 212 -21.98 -30.39 -30.83
CA PRO B 212 -22.84 -29.58 -29.96
C PRO B 212 -24.19 -29.24 -30.56
N SER B 213 -24.28 -29.05 -31.88
CA SER B 213 -25.55 -28.73 -32.53
C SER B 213 -26.11 -29.90 -33.33
N ASN B 214 -25.49 -31.07 -33.23
CA ASN B 214 -25.92 -32.26 -33.98
C ASN B 214 -25.98 -31.97 -35.47
N THR B 215 -24.93 -31.34 -35.99
CA THR B 215 -24.84 -30.96 -37.39
C THR B 215 -23.91 -31.94 -38.10
N LYS B 216 -24.43 -32.60 -39.14
CA LYS B 216 -23.65 -33.51 -39.97
C LYS B 216 -23.79 -33.06 -41.42
N VAL B 217 -22.69 -32.60 -42.01
CA VAL B 217 -22.69 -32.07 -43.38
C VAL B 217 -21.64 -32.81 -44.19
N ASP B 218 -22.03 -33.29 -45.37
CA ASP B 218 -21.13 -33.86 -46.35
C ASP B 218 -21.24 -33.03 -47.63
N LYS B 219 -20.17 -32.36 -48.00
CA LYS B 219 -20.18 -31.44 -49.14
C LYS B 219 -19.16 -31.91 -50.17
N LYS B 220 -19.63 -32.12 -51.40
CA LYS B 220 -18.75 -32.51 -52.50
C LYS B 220 -18.08 -31.27 -53.09
N VAL B 221 -16.76 -31.33 -53.19
CA VAL B 221 -15.96 -30.24 -53.76
C VAL B 221 -15.47 -30.68 -55.13
N GLU B 222 -15.84 -29.94 -56.16
CA GLU B 222 -15.53 -30.28 -57.53
C GLU B 222 -15.12 -29.02 -58.29
N PRO B 223 -14.43 -29.18 -59.42
CA PRO B 223 -14.05 -27.99 -60.20
C PRO B 223 -15.25 -27.26 -60.76
N LYS B 224 -15.10 -25.95 -60.90
CA LYS B 224 -16.13 -25.11 -61.48
C LYS B 224 -16.05 -25.14 -63.00
N SER B 225 -17.16 -24.79 -63.64
CA SER B 225 -17.22 -24.74 -65.10
C SER B 225 -16.62 -23.44 -65.63
N SER C 3 9.52 -5.76 5.26
CA SER C 3 8.10 -6.13 5.31
C SER C 3 7.92 -7.64 5.36
N LEU C 4 8.89 -8.35 5.95
CA LEU C 4 8.70 -9.76 6.22
C LEU C 4 7.53 -10.01 7.18
N TRP C 5 7.05 -8.96 7.84
CA TRP C 5 5.83 -9.03 8.64
C TRP C 5 4.66 -9.28 7.71
N ASN C 6 4.28 -10.55 7.54
CA ASN C 6 3.19 -10.93 6.64
C ASN C 6 2.34 -11.98 7.32
N TRP C 7 1.03 -11.74 7.38
CA TRP C 7 0.14 -12.67 8.08
C TRP C 7 0.12 -14.03 7.41
N PHE C 8 0.14 -14.06 6.08
CA PHE C 8 0.19 -15.34 5.37
C PHE C 8 1.48 -16.08 5.68
N ASN C 9 2.61 -15.37 5.71
CA ASN C 9 3.89 -16.02 5.96
C ASN C 9 4.01 -16.48 7.41
N ILE C 10 3.46 -15.69 8.34
CA ILE C 10 3.61 -16.03 9.76
C ILE C 10 2.69 -17.17 10.16
N THR C 11 1.42 -17.12 9.74
CA THR C 11 0.50 -18.21 10.05
C THR C 11 0.92 -19.51 9.38
N ASN C 12 1.57 -19.42 8.21
CA ASN C 12 2.07 -20.63 7.55
C ASN C 12 3.07 -21.36 8.43
N TRP C 13 4.02 -20.62 9.02
CA TRP C 13 5.02 -21.25 9.87
C TRP C 13 4.39 -21.75 11.17
N LEU C 14 3.52 -20.94 11.79
CA LEU C 14 2.89 -21.35 13.03
C LEU C 14 2.03 -22.60 12.83
N TRP C 15 1.24 -22.63 11.76
CA TRP C 15 0.42 -23.81 11.48
C TRP C 15 1.28 -25.03 11.22
N TYR C 16 2.40 -24.85 10.51
CA TYR C 16 3.32 -25.95 10.27
C TYR C 16 3.90 -26.50 11.57
N ILE C 17 4.19 -25.60 12.52
CA ILE C 17 4.65 -26.05 13.84
C ILE C 17 3.53 -26.78 14.58
N LYS C 18 2.31 -26.26 14.48
CA LYS C 18 1.18 -26.91 15.14
C LYS C 18 0.93 -28.30 14.58
N LYS C 19 1.09 -28.46 13.27
CA LYS C 19 0.90 -29.78 12.66
C LYS C 19 2.10 -30.69 12.89
N LYS C 20 3.31 -30.14 12.90
CA LYS C 20 4.50 -30.93 13.15
C LYS C 20 4.55 -31.42 14.59
N ASP D 1 16.62 -2.35 2.61
CA ASP D 1 17.54 -1.57 1.79
C ASP D 1 18.43 -2.46 0.93
N ILE D 2 19.14 -1.84 0.00
CA ILE D 2 20.03 -2.56 -0.91
C ILE D 2 21.37 -2.74 -0.23
N VAL D 3 21.81 -4.00 -0.10
CA VAL D 3 23.10 -4.32 0.48
C VAL D 3 24.14 -4.35 -0.64
N MET D 4 25.27 -3.68 -0.42
CA MET D 4 26.36 -3.62 -1.38
C MET D 4 27.53 -4.41 -0.79
N SER D 5 27.83 -5.56 -1.38
CA SER D 5 28.90 -6.44 -0.92
C SER D 5 30.11 -6.28 -1.84
N GLN D 6 31.23 -5.85 -1.26
CA GLN D 6 32.47 -5.67 -2.00
C GLN D 6 33.47 -6.75 -1.59
N SER D 7 34.26 -7.22 -2.57
CA SER D 7 35.25 -8.25 -2.34
C SER D 7 36.42 -8.01 -3.29
N PRO D 8 37.66 -8.18 -2.83
CA PRO D 8 38.06 -8.53 -1.46
C PRO D 8 38.14 -7.30 -0.56
N SER D 9 38.25 -7.50 0.76
CA SER D 9 38.34 -6.35 1.67
C SER D 9 39.66 -5.62 1.52
N SER D 10 40.75 -6.36 1.35
CA SER D 10 42.07 -5.79 1.13
C SER D 10 42.71 -6.47 -0.07
N LEU D 11 43.73 -5.81 -0.64
CA LEU D 11 44.38 -6.31 -1.84
C LEU D 11 45.71 -5.63 -2.02
N ALA D 12 46.74 -6.40 -2.34
CA ALA D 12 48.08 -5.89 -2.60
C ALA D 12 48.49 -6.27 -4.02
N VAL D 13 49.01 -5.30 -4.77
CA VAL D 13 49.42 -5.50 -6.16
C VAL D 13 50.72 -4.75 -6.41
N SER D 14 51.45 -5.17 -7.43
CA SER D 14 52.70 -4.52 -7.79
C SER D 14 52.44 -3.39 -8.78
N VAL D 15 53.37 -2.44 -8.83
CA VAL D 15 53.24 -1.30 -9.73
C VAL D 15 53.29 -1.78 -11.17
N GLY D 16 52.30 -1.37 -11.96
CA GLY D 16 52.22 -1.76 -13.36
C GLY D 16 51.42 -3.01 -13.62
N GLU D 17 50.92 -3.68 -12.58
CA GLU D 17 50.12 -4.87 -12.75
C GLU D 17 48.64 -4.51 -12.92
N LYS D 18 47.84 -5.52 -13.25
CA LYS D 18 46.41 -5.36 -13.41
C LYS D 18 45.68 -5.84 -12.16
N VAL D 19 44.67 -5.07 -11.74
CA VAL D 19 43.89 -5.38 -10.55
C VAL D 19 42.41 -5.31 -10.91
N THR D 20 41.61 -6.20 -10.33
CA THR D 20 40.17 -6.19 -10.50
C THR D 20 39.49 -6.23 -9.14
N MET D 21 38.46 -5.42 -8.98
CA MET D 21 37.65 -5.38 -7.77
C MET D 21 36.23 -5.83 -8.12
N SER D 22 35.52 -6.32 -7.11
CA SER D 22 34.17 -6.83 -7.29
C SER D 22 33.21 -6.11 -6.34
N CYS D 23 32.05 -5.73 -6.87
CA CYS D 23 30.97 -5.14 -6.09
C CYS D 23 29.68 -5.84 -6.47
N LYS D 24 29.11 -6.58 -5.52
CA LYS D 24 27.86 -7.31 -5.73
C LYS D 24 26.74 -6.62 -4.97
N SER D 25 25.60 -6.46 -5.65
CA SER D 25 24.44 -5.80 -5.09
C SER D 25 23.35 -6.81 -4.76
N SER D 26 22.74 -6.67 -3.59
CA SER D 26 21.67 -7.58 -3.19
C SER D 26 20.42 -7.39 -4.04
N GLN D 27 20.27 -6.24 -4.67
CA GLN D 27 19.16 -5.99 -5.59
C GLN D 27 19.73 -5.51 -6.92
N SER D 28 18.94 -5.69 -7.98
CA SER D 28 19.38 -5.29 -9.31
C SER D 28 19.40 -3.77 -9.44
N LEU D 29 20.46 -3.27 -10.07
CA LEU D 29 20.61 -1.84 -10.32
C LEU D 29 20.33 -1.47 -11.76
N LEU D 30 19.79 -2.39 -12.55
CA LEU D 30 19.51 -2.15 -13.95
C LEU D 30 18.08 -1.64 -14.10
N TYR D 31 17.94 -0.40 -14.56
CA TYR D 31 16.62 0.14 -14.89
C TYR D 31 16.25 -0.32 -16.30
N SER D 32 15.11 -1.03 -16.40
CA SER D 32 14.74 -1.65 -17.68
C SER D 32 14.45 -0.60 -18.75
N SER D 33 14.00 0.58 -18.35
CA SER D 33 13.58 1.59 -19.33
C SER D 33 14.77 2.09 -20.14
N ASN D 34 15.80 2.60 -19.47
CA ASN D 34 16.96 3.16 -20.15
C ASN D 34 18.16 2.23 -20.19
N GLN D 35 18.02 1.00 -19.68
CA GLN D 35 19.08 0.00 -19.70
C GLN D 35 20.36 0.49 -19.02
N LYS D 36 20.21 1.42 -18.08
CA LYS D 36 21.35 2.00 -17.37
C LYS D 36 21.45 1.42 -15.97
N ASN D 37 22.67 1.12 -15.55
CA ASN D 37 22.93 0.65 -14.19
C ASN D 37 23.26 1.84 -13.31
N TYR D 38 22.61 1.94 -12.16
CA TYR D 38 22.75 3.09 -11.27
C TYR D 38 23.84 2.82 -10.23
N LEU D 39 25.05 2.59 -10.73
CA LEU D 39 26.18 2.18 -9.91
C LEU D 39 27.33 3.14 -10.13
N ALA D 40 27.94 3.59 -9.03
CA ALA D 40 29.05 4.53 -9.07
C ALA D 40 30.23 3.98 -8.29
N TRP D 41 31.43 4.33 -8.73
CA TRP D 41 32.68 3.95 -8.07
C TRP D 41 33.36 5.20 -7.54
N TYR D 42 33.82 5.13 -6.28
CA TYR D 42 34.48 6.25 -5.63
C TYR D 42 35.86 5.83 -5.16
N GLN D 43 36.82 6.75 -5.26
CA GLN D 43 38.16 6.56 -4.75
C GLN D 43 38.39 7.51 -3.58
N GLN D 44 38.87 6.98 -2.46
CA GLN D 44 39.13 7.78 -1.27
C GLN D 44 40.53 7.48 -0.77
N LYS D 45 41.42 8.47 -0.89
CA LYS D 45 42.79 8.37 -0.42
C LYS D 45 42.86 8.72 1.06
N PRO D 46 43.90 8.26 1.77
CA PRO D 46 43.98 8.52 3.21
C PRO D 46 43.94 10.01 3.53
N GLY D 47 43.02 10.39 4.42
CA GLY D 47 42.86 11.76 4.83
C GLY D 47 42.02 12.62 3.91
N GLN D 48 41.63 12.13 2.75
CA GLN D 48 40.86 12.88 1.79
C GLN D 48 39.41 12.42 1.78
N SER D 49 38.57 13.20 1.09
CA SER D 49 37.17 12.87 0.89
C SER D 49 37.02 11.95 -0.31
N PRO D 50 35.89 11.24 -0.43
CA PRO D 50 35.67 10.40 -1.61
C PRO D 50 35.69 11.22 -2.89
N LYS D 51 36.19 10.60 -3.95
CA LYS D 51 36.31 11.25 -5.25
C LYS D 51 35.71 10.33 -6.31
N LEU D 52 34.88 10.90 -7.17
CA LEU D 52 34.14 10.12 -8.15
C LEU D 52 35.04 9.68 -9.29
N LEU D 53 35.01 8.39 -9.61
CA LEU D 53 35.72 7.85 -10.76
C LEU D 53 34.75 7.42 -11.87
N ILE D 54 33.86 6.48 -11.56
CA ILE D 54 32.95 5.88 -12.53
C ILE D 54 31.52 6.07 -12.05
N TYR D 55 30.62 6.39 -12.98
CA TYR D 55 29.20 6.36 -12.72
C TYR D 55 28.51 5.69 -13.90
N TRP D 56 27.23 5.35 -13.72
CA TRP D 56 26.49 4.50 -14.66
C TRP D 56 27.25 3.20 -14.91
N ALA D 57 27.93 2.70 -13.87
CA ALA D 57 28.66 1.43 -13.88
C ALA D 57 29.89 1.46 -14.79
N SER D 58 29.79 2.10 -15.96
CA SER D 58 30.86 2.06 -16.94
C SER D 58 31.33 3.41 -17.46
N THR D 59 30.63 4.51 -17.14
CA THR D 59 31.01 5.83 -17.63
C THR D 59 32.00 6.47 -16.66
N ARG D 60 33.15 6.87 -17.18
CA ARG D 60 34.24 7.41 -16.38
C ARG D 60 34.12 8.93 -16.28
N ASP D 61 34.24 9.46 -15.06
CA ASP D 61 34.12 10.89 -14.84
C ASP D 61 35.28 11.64 -15.50
N SER D 62 35.04 12.92 -15.75
CA SER D 62 36.06 13.77 -16.36
C SER D 62 37.28 13.89 -15.46
N GLY D 63 38.46 13.72 -16.04
CA GLY D 63 39.70 13.78 -15.32
C GLY D 63 40.27 12.44 -14.91
N VAL D 64 39.43 11.43 -14.79
CA VAL D 64 39.90 10.10 -14.39
C VAL D 64 40.67 9.47 -15.56
N PRO D 65 41.84 8.88 -15.32
CA PRO D 65 42.61 8.31 -16.42
C PRO D 65 41.96 7.03 -16.96
N ASP D 66 42.32 6.71 -18.21
CA ASP D 66 41.71 5.59 -18.91
C ASP D 66 42.08 4.23 -18.33
N ARG D 67 43.04 4.16 -17.43
CA ARG D 67 43.38 2.88 -16.81
C ARG D 67 42.28 2.39 -15.86
N PHE D 68 41.44 3.30 -15.36
CA PHE D 68 40.31 2.89 -14.54
C PHE D 68 39.13 2.53 -15.44
N THR D 69 38.59 1.33 -15.26
CA THR D 69 37.49 0.84 -16.08
C THR D 69 36.47 0.13 -15.21
N GLY D 70 35.22 0.55 -15.31
CA GLY D 70 34.12 -0.11 -14.63
C GLY D 70 33.30 -0.94 -15.60
N SER D 71 32.81 -2.08 -15.12
CA SER D 71 32.04 -2.98 -15.96
C SER D 71 31.04 -3.73 -15.08
N GLY D 72 30.19 -4.51 -15.74
CA GLY D 72 29.14 -5.25 -15.08
C GLY D 72 27.78 -4.65 -15.31
N SER D 73 26.76 -5.43 -14.93
CA SER D 73 25.38 -5.00 -15.08
C SER D 73 24.49 -5.89 -14.23
N GLY D 74 23.39 -5.31 -13.75
CA GLY D 74 22.45 -6.05 -12.92
C GLY D 74 22.83 -6.04 -11.45
N THR D 75 23.55 -7.08 -11.02
CA THR D 75 23.98 -7.20 -9.63
C THR D 75 25.48 -7.38 -9.46
N ASP D 76 26.19 -7.79 -10.50
CA ASP D 76 27.63 -8.02 -10.44
C ASP D 76 28.36 -6.90 -11.17
N PHE D 77 29.30 -6.26 -10.49
CA PHE D 77 30.03 -5.13 -11.05
C PHE D 77 31.51 -5.27 -10.73
N THR D 78 32.34 -4.69 -11.61
CA THR D 78 33.79 -4.85 -11.51
C THR D 78 34.47 -3.53 -11.85
N LEU D 79 35.49 -3.20 -11.05
CA LEU D 79 36.38 -2.08 -11.34
C LEU D 79 37.78 -2.63 -11.62
N THR D 80 38.39 -2.17 -12.70
CA THR D 80 39.69 -2.66 -13.14
C THR D 80 40.65 -1.51 -13.36
N ILE D 81 41.86 -1.63 -12.83
CA ILE D 81 42.96 -0.70 -13.09
C ILE D 81 43.99 -1.47 -13.90
N SER D 82 44.16 -1.10 -15.16
CA SER D 82 44.98 -1.88 -16.07
C SER D 82 46.46 -1.81 -15.69
N SER D 83 47.00 -0.60 -15.55
CA SER D 83 48.41 -0.39 -15.21
C SER D 83 48.45 0.40 -13.91
N VAL D 84 48.52 -0.31 -12.79
CA VAL D 84 48.46 0.31 -11.48
C VAL D 84 49.69 1.19 -11.27
N LYS D 85 49.46 2.44 -10.91
CA LYS D 85 50.53 3.36 -10.54
C LYS D 85 50.62 3.45 -9.02
N ALA D 86 51.76 3.96 -8.55
CA ALA D 86 52.02 4.01 -7.12
C ALA D 86 51.03 4.92 -6.40
N GLU D 87 50.50 5.93 -7.09
CA GLU D 87 49.56 6.87 -6.49
C GLU D 87 48.15 6.32 -6.37
N ASP D 88 47.92 5.08 -6.79
CA ASP D 88 46.60 4.47 -6.73
C ASP D 88 46.27 3.89 -5.36
N LEU D 89 47.11 4.15 -4.35
CA LEU D 89 46.81 3.75 -2.97
C LEU D 89 45.56 4.47 -2.47
N ALA D 90 44.48 3.72 -2.27
CA ALA D 90 43.23 4.28 -1.78
C ALA D 90 42.27 3.15 -1.45
N VAL D 91 41.13 3.53 -0.86
CA VAL D 91 40.01 2.63 -0.65
C VAL D 91 38.98 2.91 -1.74
N TYR D 92 38.60 1.87 -2.48
CA TYR D 92 37.65 1.99 -3.57
C TYR D 92 36.32 1.38 -3.13
N CYS D 93 35.25 2.16 -3.23
CA CYS D 93 33.93 1.72 -2.81
C CYS D 93 32.92 1.98 -3.91
N CYS D 94 31.92 1.11 -3.99
CA CYS D 94 30.81 1.27 -4.92
C CYS D 94 29.59 1.82 -4.18
N GLN D 95 28.70 2.44 -4.96
CA GLN D 95 27.50 3.04 -4.40
C GLN D 95 26.35 2.89 -5.40
N GLN D 96 25.19 2.49 -4.89
CA GLN D 96 23.98 2.46 -5.69
C GLN D 96 23.16 3.72 -5.44
N TYR D 97 22.69 4.33 -6.51
CA TYR D 97 21.74 5.44 -6.44
C TYR D 97 20.45 5.07 -7.16
N TYR D 98 20.09 3.79 -7.12
CA TYR D 98 18.92 3.26 -7.78
C TYR D 98 17.66 3.35 -6.93
N ASN D 99 17.81 3.27 -5.60
CA ASN D 99 16.66 3.22 -4.71
C ASN D 99 17.04 3.78 -3.35
N TYR D 100 16.18 4.64 -2.80
CA TYR D 100 16.42 5.19 -1.47
C TYR D 100 16.17 4.12 -0.40
N PRO D 101 17.01 4.06 0.63
CA PRO D 101 18.17 4.91 0.91
C PRO D 101 19.40 4.48 0.11
N PHE D 102 20.19 5.44 -0.37
CA PHE D 102 21.41 5.12 -1.10
C PHE D 102 22.40 4.43 -0.16
N THR D 103 23.13 3.46 -0.69
CA THR D 103 24.01 2.63 0.12
C THR D 103 25.36 2.46 -0.55
N PHE D 104 26.39 2.32 0.27
CA PHE D 104 27.77 2.14 -0.18
C PHE D 104 28.28 0.78 0.25
N GLY D 105 29.24 0.26 -0.50
CA GLY D 105 29.98 -0.91 -0.05
C GLY D 105 31.05 -0.54 0.96
N ALA D 106 31.47 -1.55 1.73
CA ALA D 106 32.47 -1.31 2.76
C ALA D 106 33.81 -0.86 2.18
N GLY D 107 34.06 -1.13 0.91
CA GLY D 107 35.26 -0.64 0.26
C GLY D 107 36.34 -1.69 0.14
N THR D 108 37.19 -1.53 -0.85
CA THR D 108 38.35 -2.39 -1.07
C THR D 108 39.61 -1.55 -0.95
N LYS D 109 40.50 -1.94 -0.04
CA LYS D 109 41.74 -1.23 0.18
C LYS D 109 42.81 -1.78 -0.77
N LEU D 110 43.34 -0.91 -1.63
CA LEU D 110 44.36 -1.31 -2.60
C LEU D 110 45.73 -0.94 -2.03
N GLU D 111 46.55 -1.96 -1.77
CA GLU D 111 47.92 -1.78 -1.31
C GLU D 111 48.89 -2.08 -2.45
N ILE D 112 50.14 -1.65 -2.27
CA ILE D 112 51.17 -1.77 -3.29
C ILE D 112 52.25 -2.70 -2.79
N LYS D 113 52.67 -3.65 -3.65
CA LYS D 113 53.82 -4.48 -3.39
C LYS D 113 55.09 -3.82 -3.90
N ARG D 114 56.19 -4.06 -3.21
CA ARG D 114 57.44 -3.37 -3.49
C ARG D 114 58.60 -4.29 -3.08
N THR D 115 59.78 -4.02 -3.65
CA THR D 115 60.97 -4.73 -3.22
C THR D 115 61.33 -4.33 -1.79
N VAL D 116 62.11 -5.18 -1.13
CA VAL D 116 62.42 -4.99 0.28
C VAL D 116 63.27 -3.74 0.47
N ALA D 117 63.01 -3.02 1.56
CA ALA D 117 63.74 -1.80 1.88
C ALA D 117 63.93 -1.74 3.39
N ALA D 118 65.19 -1.69 3.82
CA ALA D 118 65.50 -1.65 5.24
C ALA D 118 65.21 -0.27 5.81
N PRO D 119 64.83 -0.19 7.08
CA PRO D 119 64.52 1.11 7.69
C PRO D 119 65.77 1.85 8.13
N SER D 120 65.67 3.18 8.11
CA SER D 120 66.66 4.05 8.74
C SER D 120 66.22 4.31 10.17
N VAL D 121 67.07 3.97 11.13
CA VAL D 121 66.72 4.01 12.55
C VAL D 121 67.31 5.25 13.18
N PHE D 122 66.50 5.98 13.94
CA PHE D 122 66.95 7.14 14.70
C PHE D 122 66.29 7.11 16.07
N ILE D 123 67.02 7.54 17.08
CA ILE D 123 66.53 7.60 18.46
C ILE D 123 66.63 9.05 18.93
N PHE D 124 65.65 9.48 19.72
CA PHE D 124 65.58 10.86 20.20
C PHE D 124 65.43 10.86 21.71
N PRO D 125 66.35 11.44 22.46
CA PRO D 125 66.17 11.59 23.91
C PRO D 125 65.12 12.63 24.21
N PRO D 126 64.54 12.60 25.41
CA PRO D 126 63.57 13.64 25.77
C PRO D 126 64.23 14.99 25.94
N SER D 127 63.48 16.04 25.64
CA SER D 127 63.99 17.40 25.72
C SER D 127 64.01 17.88 27.17
N ASP D 128 64.89 18.85 27.43
CA ASP D 128 64.93 19.47 28.75
C ASP D 128 63.61 20.16 29.08
N GLU D 129 62.91 20.68 28.06
CA GLU D 129 61.63 21.32 28.29
C GLU D 129 60.61 20.33 28.82
N GLN D 130 60.55 19.12 28.26
CA GLN D 130 59.58 18.13 28.71
C GLN D 130 59.94 17.59 30.09
N LEU D 131 61.24 17.43 30.36
CA LEU D 131 61.67 16.90 31.65
C LEU D 131 61.29 17.84 32.79
N LYS D 132 61.18 19.14 32.52
CA LYS D 132 60.78 20.08 33.55
C LYS D 132 59.35 19.81 34.02
N SER D 133 58.48 19.34 33.13
CA SER D 133 57.11 19.03 33.50
C SER D 133 56.98 17.73 34.27
N GLY D 134 58.00 16.88 34.26
CA GLY D 134 58.00 15.66 35.04
C GLY D 134 57.77 14.37 34.27
N THR D 135 57.81 14.40 32.95
CA THR D 135 57.59 13.22 32.13
C THR D 135 58.67 13.14 31.06
N ALA D 136 59.17 11.92 30.82
CA ALA D 136 60.18 11.67 29.81
C ALA D 136 59.61 10.78 28.72
N SER D 137 59.73 11.23 27.48
CA SER D 137 59.33 10.46 26.31
C SER D 137 60.54 10.23 25.42
N VAL D 138 60.83 8.97 25.13
CA VAL D 138 61.91 8.59 24.23
C VAL D 138 61.29 8.00 22.97
N VAL D 139 61.74 8.48 21.82
CA VAL D 139 61.14 8.15 20.53
C VAL D 139 62.18 7.45 19.66
N CYS D 140 61.79 6.30 19.09
CA CYS D 140 62.59 5.59 18.10
C CYS D 140 61.88 5.65 16.76
N LEU D 141 62.61 6.06 15.73
CA LEU D 141 62.04 6.31 14.40
C LEU D 141 62.54 5.27 13.42
N LEU D 142 61.61 4.72 12.62
CA LEU D 142 61.93 3.78 11.54
C LEU D 142 61.43 4.41 10.24
N ASN D 143 62.35 4.75 9.35
CA ASN D 143 62.06 5.60 8.20
C ASN D 143 62.07 4.79 6.91
N ASN D 144 60.93 4.80 6.21
CA ASN D 144 60.83 4.33 4.82
C ASN D 144 61.35 2.90 4.66
N PHE D 145 60.54 1.95 5.12
CA PHE D 145 60.88 0.54 5.04
C PHE D 145 59.74 -0.24 4.41
N TYR D 146 60.08 -1.42 3.88
CA TYR D 146 59.12 -2.34 3.32
C TYR D 146 59.70 -3.75 3.46
N PRO D 147 58.90 -4.74 3.87
CA PRO D 147 57.46 -4.68 4.14
C PRO D 147 57.10 -4.02 5.47
N ARG D 148 55.79 -3.96 5.75
CA ARG D 148 55.30 -3.24 6.93
C ARG D 148 55.71 -3.92 8.23
N GLU D 149 55.94 -5.24 8.20
CA GLU D 149 56.25 -5.99 9.41
C GLU D 149 57.59 -5.55 9.97
N ALA D 150 57.58 -4.95 11.15
CA ALA D 150 58.79 -4.51 11.83
C ALA D 150 58.59 -4.64 13.33
N LYS D 151 59.64 -5.07 14.02
CA LYS D 151 59.61 -5.27 15.46
C LYS D 151 60.64 -4.35 16.10
N VAL D 152 60.18 -3.50 17.01
CA VAL D 152 61.05 -2.61 17.78
C VAL D 152 60.97 -3.00 19.25
N GLN D 153 62.12 -2.94 19.93
CA GLN D 153 62.22 -3.30 21.33
C GLN D 153 63.03 -2.26 22.07
N TRP D 154 62.58 -1.92 23.28
CA TRP D 154 63.26 -0.93 24.10
C TRP D 154 64.08 -1.64 25.18
N LYS D 155 65.33 -1.21 25.33
CA LYS D 155 66.22 -1.72 26.36
C LYS D 155 66.76 -0.54 27.17
N VAL D 156 66.55 -0.58 28.48
CA VAL D 156 66.99 0.47 29.38
C VAL D 156 68.00 -0.14 30.34
N ASP D 157 69.26 0.25 30.19
CA ASP D 157 70.38 -0.35 30.94
C ASP D 157 70.42 -1.86 30.70
N ASN D 158 70.26 -2.26 29.45
CA ASN D 158 70.20 -3.64 28.97
C ASN D 158 68.96 -4.39 29.46
N ALA D 159 68.05 -3.72 30.17
CA ALA D 159 66.82 -4.36 30.62
C ALA D 159 65.74 -4.14 29.57
N LEU D 160 65.25 -5.25 28.99
CA LEU D 160 64.20 -5.16 27.99
C LEU D 160 62.91 -4.63 28.61
N GLN D 161 62.31 -3.65 27.97
CA GLN D 161 61.09 -3.03 28.47
C GLN D 161 59.86 -3.79 27.98
N SER D 162 58.72 -3.52 28.62
CA SER D 162 57.47 -4.15 28.26
C SER D 162 56.31 -3.36 28.87
N GLY D 163 55.37 -2.96 28.04
CA GLY D 163 54.17 -2.28 28.50
C GLY D 163 54.28 -0.78 28.66
N ASN D 164 55.45 -0.19 28.40
CA ASN D 164 55.63 1.25 28.54
C ASN D 164 56.00 1.89 27.20
N SER D 165 55.53 1.33 26.10
CA SER D 165 55.82 1.86 24.78
C SER D 165 54.55 1.81 23.92
N GLN D 166 54.48 2.72 22.95
CA GLN D 166 53.37 2.78 22.01
C GLN D 166 53.90 3.01 20.61
N GLU D 167 53.33 2.30 19.64
CA GLU D 167 53.77 2.35 18.26
C GLU D 167 52.76 3.12 17.40
N SER D 168 53.25 3.61 16.26
CA SER D 168 52.40 4.29 15.29
C SER D 168 53.02 4.14 13.92
N VAL D 169 52.22 3.76 12.93
CA VAL D 169 52.69 3.52 11.57
C VAL D 169 51.93 4.42 10.62
N THR D 170 52.66 5.02 9.68
CA THR D 170 52.03 5.84 8.65
C THR D 170 51.40 4.95 7.58
N GLU D 171 50.49 5.53 6.81
CA GLU D 171 49.97 4.86 5.64
C GLU D 171 51.09 4.65 4.61
N GLN D 172 50.87 3.73 3.68
CA GLN D 172 51.87 3.48 2.66
C GLN D 172 52.10 4.72 1.82
N ASP D 173 53.37 5.00 1.53
CA ASP D 173 53.73 6.23 0.82
C ASP D 173 53.24 6.17 -0.62
N SER D 174 52.63 7.26 -1.08
CA SER D 174 52.10 7.31 -2.44
C SER D 174 53.19 7.47 -3.50
N LYS D 175 54.46 7.58 -3.11
CA LYS D 175 55.55 7.74 -4.05
C LYS D 175 56.51 6.56 -4.08
N ASP D 176 57.03 6.15 -2.92
CA ASP D 176 57.95 5.02 -2.85
C ASP D 176 57.37 3.79 -2.17
N SER D 177 56.09 3.82 -1.80
CA SER D 177 55.34 2.66 -1.33
C SER D 177 55.92 2.07 -0.04
N THR D 178 56.61 2.87 0.76
CA THR D 178 57.18 2.40 2.01
C THR D 178 56.34 2.85 3.20
N TYR D 179 56.66 2.30 4.36
CA TYR D 179 56.03 2.66 5.62
C TYR D 179 57.05 3.30 6.54
N SER D 180 56.54 4.04 7.52
CA SER D 180 57.37 4.62 8.57
C SER D 180 56.73 4.36 9.92
N LEU D 181 57.57 4.15 10.93
CA LEU D 181 57.10 3.76 12.25
C LEU D 181 57.80 4.60 13.32
N SER D 182 57.03 4.96 14.36
CA SER D 182 57.56 5.71 15.49
C SER D 182 57.11 5.03 16.78
N SER D 183 58.08 4.61 17.59
CA SER D 183 57.82 4.00 18.88
C SER D 183 58.21 4.97 19.98
N THR D 184 57.30 5.21 20.91
CA THR D 184 57.50 6.16 22.00
C THR D 184 57.54 5.41 23.33
N LEU D 185 58.68 5.49 24.02
CA LEU D 185 58.80 4.98 25.37
C LEU D 185 58.55 6.11 26.36
N THR D 186 57.59 5.91 27.26
CA THR D 186 57.17 6.94 28.21
C THR D 186 57.55 6.50 29.62
N LEU D 187 58.40 7.27 30.27
CA LEU D 187 58.77 7.06 31.67
C LEU D 187 58.58 8.35 32.44
N SER D 188 58.43 8.21 33.75
CA SER D 188 58.39 9.38 34.61
C SER D 188 59.78 10.03 34.68
N LYS D 189 59.80 11.28 35.14
CA LYS D 189 61.07 11.99 35.26
C LYS D 189 62.01 11.28 36.22
N ALA D 190 61.47 10.75 37.32
CA ALA D 190 62.31 10.09 38.31
C ALA D 190 62.88 8.77 37.78
N ASP D 191 62.04 7.96 37.14
CA ASP D 191 62.50 6.69 36.60
C ASP D 191 63.49 6.89 35.46
N TYR D 192 63.34 7.97 34.70
CA TYR D 192 64.27 8.23 33.59
C TYR D 192 65.66 8.55 34.11
N GLU D 193 65.75 9.38 35.16
CA GLU D 193 67.04 9.77 35.71
C GLU D 193 67.74 8.62 36.43
N LYS D 194 67.07 7.50 36.65
CA LYS D 194 67.65 6.36 37.36
C LYS D 194 68.56 5.51 36.48
N HIS D 195 68.60 5.75 35.17
CA HIS D 195 69.30 4.87 34.25
C HIS D 195 70.12 5.69 33.27
N LYS D 196 71.01 4.99 32.55
CA LYS D 196 71.98 5.62 31.67
C LYS D 196 71.77 5.28 30.21
N VAL D 197 71.90 4.01 29.83
CA VAL D 197 71.84 3.60 28.43
C VAL D 197 70.40 3.38 28.03
N TYR D 198 69.96 4.07 26.98
CA TYR D 198 68.63 3.92 26.41
C TYR D 198 68.77 3.51 24.95
N ALA D 199 68.21 2.36 24.60
CA ALA D 199 68.36 1.81 23.27
C ALA D 199 67.04 1.28 22.74
N CYS D 200 66.87 1.37 21.43
CA CYS D 200 65.79 0.70 20.73
C CYS D 200 66.40 -0.25 19.71
N GLU D 201 65.97 -1.50 19.74
CA GLU D 201 66.47 -2.54 18.84
C GLU D 201 65.41 -2.82 17.77
N VAL D 202 65.83 -2.82 16.51
CA VAL D 202 64.92 -2.92 15.38
C VAL D 202 65.21 -4.20 14.61
N THR D 203 64.16 -5.00 14.39
CA THR D 203 64.24 -6.19 13.56
C THR D 203 63.38 -5.99 12.31
N HIS D 204 63.95 -6.30 11.15
CA HIS D 204 63.22 -6.15 9.90
C HIS D 204 63.82 -7.10 8.86
N GLN D 205 62.98 -7.49 7.89
CA GLN D 205 63.41 -8.43 6.86
C GLN D 205 64.56 -7.87 6.02
N GLY D 206 64.61 -6.55 5.86
CA GLY D 206 65.68 -5.93 5.10
C GLY D 206 67.02 -5.86 5.80
N LEU D 207 67.06 -6.18 7.09
CA LEU D 207 68.28 -6.13 7.87
C LEU D 207 68.76 -7.55 8.15
N SER D 208 70.02 -7.84 7.81
CA SER D 208 70.58 -9.15 8.07
C SER D 208 70.70 -9.44 9.56
N SER D 209 70.78 -8.40 10.39
CA SER D 209 70.86 -8.54 11.83
C SER D 209 70.13 -7.35 12.46
N PRO D 210 69.64 -7.50 13.68
CA PRO D 210 68.91 -6.38 14.32
C PRO D 210 69.82 -5.19 14.57
N VAL D 211 69.30 -4.01 14.23
CA VAL D 211 70.03 -2.75 14.42
C VAL D 211 69.59 -2.12 15.74
N THR D 212 70.55 -1.53 16.45
CA THR D 212 70.29 -0.91 17.74
C THR D 212 70.78 0.54 17.70
N LYS D 213 69.89 1.46 18.08
CA LYS D 213 70.22 2.87 18.22
C LYS D 213 70.12 3.24 19.69
N SER D 214 71.20 3.81 20.25
CA SER D 214 71.26 4.05 21.68
C SER D 214 71.91 5.39 21.97
N PHE D 215 71.71 5.86 23.19
CA PHE D 215 72.36 7.07 23.69
C PHE D 215 72.53 6.92 25.21
N ASN D 216 73.32 7.81 25.78
CA ASN D 216 73.55 7.87 27.22
C ASN D 216 72.87 9.10 27.79
N ARG D 217 72.12 8.91 28.88
CA ARG D 217 71.41 10.02 29.50
C ARG D 217 72.41 11.03 30.05
N GLY D 218 72.25 12.29 29.67
CA GLY D 218 73.12 13.36 30.09
C GLY D 218 74.33 13.59 29.21
N GLU D 219 74.70 12.61 28.40
CA GLU D 219 75.86 12.75 27.51
C GLU D 219 75.39 13.23 26.14
N CYS D 220 76.09 14.22 25.60
CA CYS D 220 75.74 14.78 24.29
C CYS D 220 76.54 14.11 23.18
N GLN E 1 36.01 24.25 -10.51
CA GLN E 1 35.88 25.47 -9.72
C GLN E 1 34.77 25.32 -8.70
N VAL E 2 33.90 24.33 -8.91
CA VAL E 2 32.86 24.02 -7.94
C VAL E 2 33.51 23.61 -6.62
N GLN E 3 32.99 24.16 -5.52
CA GLN E 3 33.58 23.96 -4.21
C GLN E 3 32.49 23.78 -3.16
N LEU E 4 32.76 22.90 -2.20
CA LEU E 4 31.89 22.66 -1.05
C LEU E 4 32.76 22.80 0.20
N GLN E 5 32.64 23.92 0.90
CA GLN E 5 33.43 24.17 2.10
C GLN E 5 32.57 23.94 3.33
N GLN E 6 33.11 23.19 4.29
CA GLN E 6 32.38 22.78 5.48
C GLN E 6 32.99 23.44 6.72
N SER E 7 32.22 23.41 7.81
CA SER E 7 32.64 24.05 9.04
C SER E 7 33.74 23.23 9.73
N GLY E 8 34.33 23.82 10.76
CA GLY E 8 35.47 23.24 11.44
C GLY E 8 35.09 22.10 12.37
N THR E 9 36.12 21.57 13.02
CA THR E 9 35.93 20.44 13.94
C THR E 9 35.09 20.85 15.13
N ASP E 10 34.17 19.98 15.52
CA ASP E 10 33.26 20.23 16.63
C ASP E 10 33.52 19.23 17.75
N LEU E 11 33.72 19.74 18.96
CA LEU E 11 33.74 18.93 20.17
C LEU E 11 32.50 19.27 20.97
N VAL E 12 31.61 18.30 21.14
CA VAL E 12 30.30 18.52 21.75
C VAL E 12 30.06 17.49 22.83
N ARG E 13 29.26 17.88 23.82
CA ARG E 13 28.96 17.01 24.95
C ARG E 13 27.80 16.07 24.62
N PRO E 14 27.76 14.90 25.24
CA PRO E 14 26.65 13.97 24.97
C PRO E 14 25.32 14.56 25.39
N GLY E 15 24.29 14.28 24.60
CA GLY E 15 22.95 14.77 24.86
C GLY E 15 22.66 16.14 24.30
N THR E 16 23.65 16.83 23.76
CA THR E 16 23.46 18.17 23.21
C THR E 16 23.15 18.05 21.71
N SER E 17 23.26 19.15 20.98
CA SER E 17 23.01 19.17 19.55
C SER E 17 24.13 19.90 18.83
N VAL E 18 24.32 19.57 17.56
CA VAL E 18 25.35 20.17 16.73
C VAL E 18 24.76 20.53 15.36
N LYS E 19 25.35 21.54 14.73
CA LYS E 19 24.92 21.98 13.41
C LYS E 19 26.16 22.23 12.56
N VAL E 20 26.35 21.42 11.53
CA VAL E 20 27.47 21.56 10.61
C VAL E 20 26.97 22.21 9.33
N SER E 21 27.79 23.07 8.75
CA SER E 21 27.42 23.84 7.57
C SER E 21 28.21 23.38 6.35
N CYS E 22 27.62 23.60 5.17
CA CYS E 22 28.23 23.23 3.90
C CYS E 22 27.95 24.37 2.92
N LYS E 23 28.94 25.24 2.72
CA LYS E 23 28.80 26.40 1.86
C LYS E 23 29.22 26.04 0.44
N ALA E 24 28.32 26.27 -0.52
CA ALA E 24 28.58 25.97 -1.92
C ALA E 24 29.02 27.23 -2.65
N SER E 25 29.87 27.05 -3.66
CA SER E 25 30.34 28.14 -4.49
C SER E 25 30.76 27.59 -5.84
N GLY E 26 30.76 28.46 -6.85
CA GLY E 26 31.12 28.08 -8.19
C GLY E 26 30.01 27.54 -9.04
N TYR E 27 28.77 27.55 -8.55
CA TYR E 27 27.63 27.07 -9.32
C TYR E 27 26.35 27.58 -8.66
N ALA E 28 25.24 27.44 -9.40
CA ALA E 28 23.94 27.83 -8.90
C ALA E 28 23.51 26.86 -7.80
N PHE E 29 23.38 27.37 -6.57
CA PHE E 29 23.21 26.51 -5.41
C PHE E 29 21.96 25.65 -5.52
N THR E 30 20.89 26.18 -6.12
CA THR E 30 19.61 25.49 -6.14
C THR E 30 19.44 24.53 -7.32
N THR E 31 20.44 24.42 -8.20
CA THR E 31 20.34 23.52 -9.34
C THR E 31 20.94 22.15 -9.06
N TYR E 32 21.44 21.91 -7.85
CA TYR E 32 22.02 20.63 -7.49
C TYR E 32 21.50 20.21 -6.13
N PHE E 33 21.37 18.90 -5.93
CA PHE E 33 21.01 18.37 -4.62
C PHE E 33 22.23 18.37 -3.70
N ILE E 34 21.98 18.52 -2.41
CA ILE E 34 23.01 18.43 -1.39
C ILE E 34 22.75 17.16 -0.57
N GLU E 35 23.74 16.26 -0.56
CA GLU E 35 23.66 15.02 0.19
C GLU E 35 24.56 15.09 1.41
N TRP E 36 24.25 14.23 2.39
CA TRP E 36 25.04 14.15 3.62
C TRP E 36 25.37 12.69 3.87
N VAL E 37 26.66 12.42 4.10
CA VAL E 37 27.16 11.06 4.29
C VAL E 37 27.96 11.02 5.59
N LYS E 38 27.78 9.94 6.35
CA LYS E 38 28.46 9.75 7.63
C LYS E 38 29.49 8.64 7.49
N GLN E 39 30.72 8.91 7.95
CA GLN E 39 31.79 7.93 7.94
C GLN E 39 32.42 7.87 9.33
N ARG E 40 32.23 6.76 10.02
CA ARG E 40 32.87 6.56 11.31
C ARG E 40 34.32 6.11 11.10
N PRO E 41 35.22 6.44 12.04
CA PRO E 41 36.65 6.18 11.85
C PRO E 41 36.97 4.75 11.42
N GLY E 42 37.41 4.60 10.17
CA GLY E 42 37.78 3.29 9.65
C GLY E 42 36.59 2.41 9.31
N GLN E 43 35.51 2.99 8.79
CA GLN E 43 34.31 2.23 8.47
C GLN E 43 33.76 2.72 7.14
N GLY E 44 32.67 2.07 6.70
CA GLY E 44 32.07 2.40 5.43
C GLY E 44 31.23 3.66 5.47
N LEU E 45 30.84 4.12 4.28
CA LEU E 45 30.06 5.34 4.16
C LEU E 45 28.59 5.07 4.46
N GLU E 46 27.94 6.05 5.10
CA GLU E 46 26.56 5.93 5.53
C GLU E 46 25.79 7.14 5.03
N TRP E 47 24.92 6.96 4.05
CA TRP E 47 24.10 8.04 3.53
C TRP E 47 23.05 8.45 4.56
N ILE E 48 22.98 9.74 4.85
CA ILE E 48 22.08 10.29 5.85
C ILE E 48 20.80 10.82 5.22
N GLY E 49 20.93 11.63 4.18
CA GLY E 49 19.77 12.25 3.58
C GLY E 49 20.17 13.21 2.48
N VAL E 50 19.15 13.77 1.84
CA VAL E 50 19.34 14.72 0.75
C VAL E 50 18.27 15.81 0.89
N ILE E 51 18.61 17.01 0.43
CA ILE E 51 17.67 18.13 0.41
C ILE E 51 17.70 18.77 -0.97
N ASN E 52 16.53 19.18 -1.43
CA ASN E 52 16.38 20.01 -2.62
C ASN E 52 16.50 21.46 -2.18
N PRO E 53 17.65 22.11 -2.44
CA PRO E 53 17.84 23.49 -1.95
C PRO E 53 16.80 24.46 -2.51
N GLY E 54 16.28 24.20 -3.70
CA GLY E 54 15.28 25.09 -4.26
C GLY E 54 13.93 24.96 -3.57
N SER E 55 13.41 23.74 -3.49
CA SER E 55 12.12 23.51 -2.85
C SER E 55 12.23 23.44 -1.33
N GLY E 56 13.41 23.14 -0.80
CA GLY E 56 13.58 22.98 0.63
C GLY E 56 13.09 21.66 1.18
N ILE E 57 12.61 20.76 0.34
CA ILE E 57 12.05 19.48 0.77
C ILE E 57 13.19 18.49 0.94
N PRO E 58 13.37 17.90 2.12
CA PRO E 58 14.42 16.91 2.30
C PRO E 58 13.90 15.49 2.08
N ASN E 59 14.84 14.55 2.10
CA ASN E 59 14.53 13.11 2.04
C ASN E 59 15.56 12.39 2.89
N TYR E 60 15.12 11.74 3.96
CA TYR E 60 16.00 11.21 4.97
C TYR E 60 16.14 9.69 4.86
N ASN E 61 17.31 9.20 5.28
CA ASN E 61 17.42 7.80 5.67
C ASN E 61 16.52 7.55 6.87
N GLU E 62 15.79 6.44 6.82
CA GLU E 62 14.88 6.12 7.93
C GLU E 62 15.60 6.00 9.25
N MET E 63 16.87 5.58 9.22
CA MET E 63 17.63 5.42 10.47
C MET E 63 17.92 6.75 11.14
N PHE E 64 18.09 7.82 10.35
CA PHE E 64 18.46 9.13 10.88
C PHE E 64 17.26 10.05 11.06
N LYS E 65 16.04 9.56 10.90
CA LYS E 65 14.87 10.43 10.88
C LYS E 65 14.69 11.15 12.21
N GLY E 66 14.82 10.43 13.32
CA GLY E 66 14.56 11.02 14.62
C GLY E 66 15.63 11.96 15.13
N LYS E 67 16.78 12.03 14.48
CA LYS E 67 17.89 12.82 14.99
C LYS E 67 18.57 13.73 13.97
N ALA E 68 18.40 13.52 12.67
CA ALA E 68 19.02 14.36 11.66
C ALA E 68 17.97 15.28 11.04
N THR E 69 18.32 16.55 10.89
CA THR E 69 17.46 17.54 10.26
C THR E 69 18.26 18.32 9.23
N LEU E 70 17.76 18.36 8.00
CA LEU E 70 18.44 19.00 6.89
C LEU E 70 17.73 20.30 6.53
N THR E 71 18.51 21.38 6.43
CA THR E 71 18.00 22.68 6.01
C THR E 71 18.93 23.28 4.98
N ALA E 72 18.47 24.35 4.32
CA ALA E 72 19.27 25.04 3.33
C ALA E 72 18.87 26.51 3.33
N ASP E 73 19.86 27.38 3.09
CA ASP E 73 19.65 28.82 3.04
C ASP E 73 20.08 29.30 1.66
N LYS E 74 19.11 29.66 0.82
CA LYS E 74 19.41 30.12 -0.53
C LYS E 74 20.13 31.46 -0.54
N SER E 75 19.94 32.28 0.50
CA SER E 75 20.56 33.60 0.51
C SER E 75 22.07 33.53 0.72
N SER E 76 22.53 32.55 1.48
CA SER E 76 23.96 32.37 1.74
C SER E 76 24.54 31.15 1.02
N SER E 77 23.72 30.43 0.25
CA SER E 77 24.17 29.25 -0.50
C SER E 77 24.79 28.21 0.44
N THR E 78 24.14 27.98 1.58
CA THR E 78 24.67 27.08 2.60
C THR E 78 23.61 26.05 2.98
N ALA E 79 24.00 24.79 3.02
CA ALA E 79 23.16 23.72 3.54
C ALA E 79 23.64 23.34 4.93
N TYR E 80 22.70 22.89 5.77
CA TYR E 80 22.99 22.60 7.17
C TYR E 80 22.53 21.19 7.51
N LEU E 81 23.31 20.53 8.38
CA LEU E 81 22.95 19.24 8.96
C LEU E 81 22.87 19.40 10.46
N HIS E 82 21.70 19.18 11.03
CA HIS E 82 21.47 19.31 12.46
C HIS E 82 21.33 17.92 13.07
N LEU E 83 22.03 17.69 14.18
CA LEU E 83 21.99 16.41 14.88
C LEU E 83 21.65 16.67 16.33
N SER E 84 20.70 15.88 16.86
CA SER E 84 20.23 16.04 18.23
C SER E 84 20.51 14.77 19.03
N SER E 85 20.33 14.87 20.34
CA SER E 85 20.54 13.77 21.27
C SER E 85 21.90 13.10 21.04
N LEU E 86 22.94 13.93 21.05
CA LEU E 86 24.26 13.49 20.62
C LEU E 86 24.81 12.39 21.52
N THR E 87 25.45 11.41 20.90
CA THR E 87 25.97 10.22 21.58
C THR E 87 27.28 9.87 20.92
N SER E 88 28.16 9.18 21.67
CA SER E 88 29.44 8.74 21.12
C SER E 88 29.28 7.97 19.82
N ASP E 89 28.11 7.38 19.56
CA ASP E 89 27.84 6.76 18.27
C ASP E 89 27.77 7.76 17.13
N ASP E 90 27.62 9.05 17.44
CA ASP E 90 27.58 10.09 16.42
C ASP E 90 28.95 10.70 16.14
N SER E 91 29.98 10.29 16.87
CA SER E 91 31.34 10.74 16.61
C SER E 91 31.81 10.16 15.28
N ALA E 92 32.00 11.03 14.28
CA ALA E 92 32.38 10.59 12.94
C ALA E 92 32.69 11.83 12.11
N VAL E 93 33.13 11.59 10.88
CA VAL E 93 33.30 12.64 9.88
C VAL E 93 32.03 12.70 9.04
N TYR E 94 31.52 13.92 8.82
CA TYR E 94 30.28 14.12 8.09
C TYR E 94 30.59 14.88 6.80
N PHE E 95 30.40 14.22 5.67
CA PHE E 95 30.61 14.82 4.36
C PHE E 95 29.31 15.37 3.81
N CYS E 96 29.39 16.53 3.17
CA CYS E 96 28.33 17.01 2.31
C CYS E 96 28.73 16.78 0.85
N ALA E 97 27.78 16.31 0.05
CA ALA E 97 28.04 15.97 -1.34
C ALA E 97 27.03 16.66 -2.24
N ARG E 98 27.37 16.69 -3.53
CA ARG E 98 26.57 17.37 -4.54
C ARG E 98 26.12 16.36 -5.60
N ALA E 99 24.84 16.40 -5.96
CA ALA E 99 24.29 15.47 -6.92
C ALA E 99 23.48 16.22 -7.98
N PRO E 100 23.63 15.86 -9.24
CA PRO E 100 22.92 16.57 -10.32
C PRO E 100 21.41 16.37 -10.24
N TYR E 101 20.71 17.10 -11.11
CA TYR E 101 19.27 17.28 -11.06
C TYR E 101 18.67 17.18 -12.47
N TYR E 102 19.30 16.41 -13.35
CA TYR E 102 18.85 16.35 -14.74
C TYR E 102 17.45 15.77 -14.83
N TYR E 103 16.65 16.37 -15.71
CA TYR E 103 15.28 15.92 -15.99
C TYR E 103 14.39 15.90 -14.75
N GLY E 104 14.77 16.62 -13.70
CA GLY E 104 13.98 16.71 -12.50
C GLY E 104 14.13 15.54 -11.55
N SER E 105 15.09 14.66 -11.77
CA SER E 105 15.27 13.47 -10.95
C SER E 105 16.42 13.65 -9.98
N SER E 106 16.37 12.87 -8.89
CA SER E 106 17.36 12.94 -7.82
C SER E 106 18.19 11.68 -7.71
N TYR E 107 18.00 10.71 -8.61
CA TYR E 107 18.73 9.44 -8.55
C TYR E 107 20.01 9.59 -9.37
N TYR E 108 21.05 10.10 -8.71
CA TYR E 108 22.28 10.45 -9.40
C TYR E 108 23.48 10.25 -8.50
N TYR E 109 24.63 10.13 -9.14
CA TYR E 109 25.91 10.01 -8.47
C TYR E 109 26.22 11.28 -7.67
N PHE E 110 27.28 11.21 -6.87
CA PHE E 110 27.76 12.33 -6.07
C PHE E 110 29.06 12.79 -6.71
N ASP E 111 29.01 13.88 -7.49
CA ASP E 111 30.14 14.28 -8.29
C ASP E 111 31.10 15.22 -7.59
N VAL E 112 30.66 15.97 -6.58
CA VAL E 112 31.51 16.89 -5.85
C VAL E 112 31.28 16.69 -4.36
N TRP E 113 32.37 16.53 -3.60
CA TRP E 113 32.31 16.30 -2.16
C TRP E 113 33.04 17.40 -1.42
N GLY E 114 32.56 17.70 -0.21
CA GLY E 114 33.27 18.58 0.68
C GLY E 114 34.39 17.86 1.42
N ALA E 115 35.22 18.63 2.10
CA ALA E 115 36.37 18.06 2.81
C ALA E 115 35.97 17.28 4.05
N GLY E 116 34.73 17.41 4.51
CA GLY E 116 34.27 16.66 5.67
C GLY E 116 34.45 17.40 6.99
N THR E 117 33.52 17.21 7.93
CA THR E 117 33.58 17.83 9.23
C THR E 117 33.70 16.76 10.29
N THR E 118 34.68 16.92 11.18
CA THR E 118 34.88 15.98 12.29
C THR E 118 34.02 16.42 13.47
N VAL E 119 33.12 15.54 13.90
CA VAL E 119 32.27 15.77 15.06
C VAL E 119 32.65 14.75 16.12
N THR E 120 33.12 15.22 17.27
CA THR E 120 33.51 14.36 18.38
C THR E 120 32.59 14.62 19.56
N VAL E 121 31.89 13.58 19.99
CA VAL E 121 30.99 13.66 21.13
C VAL E 121 31.73 13.13 22.36
N SER E 122 31.97 14.01 23.33
CA SER E 122 32.75 13.64 24.50
C SER E 122 32.43 14.58 25.65
N SER E 123 32.51 14.04 26.87
CA SER E 123 32.40 14.86 28.07
C SER E 123 33.72 15.49 28.48
N ALA E 124 34.84 15.03 27.93
CA ALA E 124 36.15 15.57 28.27
C ALA E 124 36.33 16.97 27.69
N SER E 125 37.18 17.74 28.34
CA SER E 125 37.43 19.12 27.93
C SER E 125 38.56 19.19 26.90
N THR E 126 38.52 20.24 26.09
CA THR E 126 39.58 20.51 25.14
C THR E 126 40.89 20.79 25.88
N LYS E 127 42.00 20.27 25.36
CA LYS E 127 43.31 20.54 25.91
C LYS E 127 44.27 20.85 24.77
N GLY E 128 44.95 21.99 24.86
CA GLY E 128 45.95 22.38 23.90
C GLY E 128 47.20 21.54 24.05
N PRO E 129 47.90 21.32 22.94
CA PRO E 129 49.08 20.43 22.98
C PRO E 129 50.33 21.15 23.48
N SER E 130 51.24 20.34 24.01
CA SER E 130 52.60 20.78 24.31
C SER E 130 53.52 20.25 23.22
N VAL E 131 54.41 21.11 22.73
CA VAL E 131 55.31 20.78 21.63
C VAL E 131 56.73 20.75 22.17
N PHE E 132 57.42 19.63 21.97
CA PHE E 132 58.79 19.45 22.38
C PHE E 132 59.64 19.05 21.19
N PRO E 133 60.91 19.47 21.14
CA PRO E 133 61.75 19.16 20.00
C PRO E 133 62.29 17.73 20.05
N LEU E 134 62.45 17.16 18.87
CA LEU E 134 63.17 15.90 18.67
C LEU E 134 64.46 16.28 17.94
N ALA E 135 65.50 16.61 18.71
CA ALA E 135 66.69 17.22 18.17
C ALA E 135 67.55 16.20 17.42
N PRO E 136 68.13 16.59 16.29
CA PRO E 136 69.05 15.68 15.60
C PRO E 136 70.35 15.54 16.38
N SER E 137 70.85 14.31 16.45
CA SER E 137 72.04 14.01 17.23
C SER E 137 73.26 14.69 16.63
N SER E 138 74.12 15.23 17.50
CA SER E 138 75.37 15.82 17.04
C SER E 138 76.30 14.76 16.44
N LYS E 139 76.08 13.49 16.77
CA LYS E 139 76.87 12.41 16.20
C LYS E 139 76.06 11.64 15.17
N GLY E 144 74.65 10.66 4.19
CA GLY E 144 74.60 11.53 5.37
C GLY E 144 73.24 12.15 5.60
N THR E 145 72.28 11.32 5.99
CA THR E 145 70.92 11.76 6.25
C THR E 145 70.68 11.87 7.75
N ALA E 146 70.16 13.01 8.18
CA ALA E 146 69.80 13.23 9.57
C ALA E 146 68.29 13.31 9.71
N ALA E 147 67.80 13.00 10.91
CA ALA E 147 66.38 13.05 11.21
C ALA E 147 66.14 13.98 12.40
N LEU E 148 65.03 14.71 12.33
CA LEU E 148 64.60 15.57 13.42
C LEU E 148 63.09 15.69 13.33
N GLY E 149 62.48 16.24 14.39
CA GLY E 149 61.04 16.34 14.41
C GLY E 149 60.53 17.00 15.66
N CYS E 150 59.21 16.93 15.83
CA CYS E 150 58.52 17.53 16.96
C CYS E 150 57.60 16.51 17.60
N LEU E 151 57.42 16.64 18.92
CA LEU E 151 56.54 15.78 19.69
C LEU E 151 55.35 16.62 20.14
N VAL E 152 54.16 16.25 19.68
CA VAL E 152 52.92 16.97 19.99
C VAL E 152 52.17 16.12 21.01
N LYS E 153 52.29 16.48 22.28
CA LYS E 153 51.89 15.63 23.39
C LYS E 153 50.74 16.26 24.19
N ASP E 154 49.83 15.39 24.64
CA ASP E 154 48.78 15.76 25.61
C ASP E 154 47.85 16.83 25.04
N TYR E 155 47.03 16.41 24.08
CA TYR E 155 46.02 17.28 23.52
C TYR E 155 44.74 16.50 23.30
N PHE E 156 43.63 17.23 23.25
CA PHE E 156 42.30 16.65 23.02
C PHE E 156 41.39 17.75 22.51
N PRO E 157 40.57 17.48 21.50
CA PRO E 157 40.44 16.22 20.77
C PRO E 157 41.32 16.20 19.52
N GLU E 158 41.15 15.17 18.69
CA GLU E 158 41.73 15.19 17.37
C GLU E 158 40.97 16.17 16.48
N PRO E 159 41.59 16.65 15.40
CA PRO E 159 42.95 16.40 14.94
C PRO E 159 43.90 17.55 15.24
N VAL E 160 45.18 17.36 14.93
CA VAL E 160 46.17 18.41 14.95
C VAL E 160 46.94 18.35 13.64
N THR E 161 47.25 19.51 13.07
CA THR E 161 48.01 19.59 11.84
C THR E 161 49.42 20.09 12.13
N VAL E 162 50.41 19.46 11.49
CA VAL E 162 51.80 19.86 11.62
C VAL E 162 52.34 20.20 10.25
N SER E 163 52.87 21.40 10.10
CA SER E 163 53.62 21.80 8.92
C SER E 163 55.06 22.07 9.33
N TRP E 164 55.93 22.21 8.33
CA TRP E 164 57.35 22.46 8.58
C TRP E 164 57.79 23.68 7.80
N ASN E 165 58.36 24.66 8.49
CA ASN E 165 58.84 25.90 7.90
C ASN E 165 57.71 26.60 7.14
N SER E 166 56.55 26.68 7.79
CA SER E 166 55.36 27.33 7.24
C SER E 166 54.94 26.73 5.92
N GLY E 167 55.20 25.43 5.74
CA GLY E 167 54.85 24.73 4.52
C GLY E 167 55.94 24.68 3.47
N ALA E 168 57.05 25.40 3.67
CA ALA E 168 58.11 25.42 2.66
C ALA E 168 58.85 24.08 2.58
N LEU E 169 58.77 23.26 3.61
CA LEU E 169 59.46 21.96 3.65
C LEU E 169 58.41 20.86 3.73
N THR E 170 58.32 20.06 2.67
CA THR E 170 57.36 18.96 2.62
C THR E 170 57.99 17.61 2.22
N SER E 171 59.11 17.61 1.50
CA SER E 171 59.73 16.36 1.09
C SER E 171 60.39 15.67 2.28
N GLY E 172 60.13 14.37 2.42
CA GLY E 172 60.68 13.60 3.51
C GLY E 172 60.02 13.80 4.84
N VAL E 173 58.83 14.42 4.88
CA VAL E 173 58.12 14.68 6.12
C VAL E 173 57.21 13.50 6.43
N HIS E 174 57.24 13.04 7.68
CA HIS E 174 56.40 11.93 8.14
C HIS E 174 55.69 12.39 9.42
N THR E 175 54.40 12.66 9.31
CA THR E 175 53.57 13.02 10.46
C THR E 175 52.72 11.80 10.82
N PHE E 176 53.01 11.19 11.95
CA PHE E 176 52.44 9.91 12.33
C PHE E 176 51.02 10.07 12.88
N PRO E 177 50.19 9.04 12.76
CA PRO E 177 48.86 9.08 13.39
C PRO E 177 48.98 9.18 14.90
N ALA E 178 48.02 9.89 15.51
CA ALA E 178 48.02 10.05 16.95
C ALA E 178 47.70 8.73 17.64
N VAL E 179 48.20 8.59 18.87
CA VAL E 179 47.88 7.46 19.73
C VAL E 179 47.16 7.99 20.96
N LEU E 180 46.16 7.25 21.42
CA LEU E 180 45.40 7.62 22.60
C LEU E 180 46.15 7.11 23.83
N GLN E 181 46.65 8.02 24.65
CA GLN E 181 47.32 7.63 25.88
C GLN E 181 46.29 7.25 26.94
N SER E 182 46.77 6.53 27.96
CA SER E 182 45.87 6.05 29.01
C SER E 182 45.21 7.19 29.78
N SER E 183 45.76 8.40 29.73
CA SER E 183 45.15 9.56 30.37
C SER E 183 43.99 10.13 29.59
N GLY E 184 43.68 9.57 28.41
CA GLY E 184 42.64 10.10 27.57
C GLY E 184 43.07 11.19 26.61
N LEU E 185 44.35 11.59 26.65
CA LEU E 185 44.87 12.60 25.77
C LEU E 185 45.66 11.95 24.63
N TYR E 186 45.75 12.66 23.51
CA TYR E 186 46.43 12.15 22.33
C TYR E 186 47.88 12.61 22.30
N SER E 187 48.64 12.02 21.39
CA SER E 187 50.05 12.35 21.21
C SER E 187 50.50 11.79 19.87
N LEU E 188 51.35 12.55 19.17
CA LEU E 188 51.93 12.09 17.93
C LEU E 188 53.29 12.75 17.73
N SER E 189 54.02 12.25 16.74
CA SER E 189 55.29 12.82 16.33
C SER E 189 55.24 13.17 14.85
N SER E 190 55.95 14.23 14.48
CA SER E 190 56.12 14.62 13.09
C SER E 190 57.61 14.80 12.83
N VAL E 191 58.17 13.96 11.96
CA VAL E 191 59.60 13.96 11.70
C VAL E 191 59.85 14.35 10.25
N VAL E 192 61.13 14.57 9.94
CA VAL E 192 61.56 14.91 8.58
C VAL E 192 63.05 14.58 8.45
N THR E 193 63.41 13.91 7.36
CA THR E 193 64.81 13.60 7.10
C THR E 193 65.42 14.70 6.23
N VAL E 194 66.59 15.17 6.62
CA VAL E 194 67.29 16.23 5.92
C VAL E 194 68.76 15.88 5.82
N PRO E 195 69.49 16.46 4.87
CA PRO E 195 70.94 16.24 4.81
C PRO E 195 71.60 16.79 6.07
N SER E 196 72.54 16.00 6.62
CA SER E 196 73.22 16.41 7.85
C SER E 196 74.01 17.69 7.65
N SER E 197 74.48 17.95 6.42
CA SER E 197 75.26 19.15 6.15
C SER E 197 74.44 20.43 6.28
N SER E 198 73.11 20.33 6.27
CA SER E 198 72.23 21.49 6.37
C SER E 198 71.84 21.80 7.81
N LEU E 199 72.28 20.98 8.78
CA LEU E 199 71.86 21.19 10.17
C LEU E 199 72.43 22.49 10.73
N GLY E 200 73.65 22.83 10.37
CA GLY E 200 74.28 24.05 10.83
C GLY E 200 74.01 25.29 10.01
N THR E 201 73.29 25.16 8.91
CA THR E 201 73.00 26.28 8.02
C THR E 201 71.51 26.56 7.87
N GLN E 202 70.68 25.52 7.80
CA GLN E 202 69.25 25.67 7.57
C GLN E 202 68.50 25.63 8.89
N THR E 203 67.39 26.36 8.94
CA THR E 203 66.53 26.42 10.11
C THR E 203 65.30 25.55 9.89
N TYR E 204 64.89 24.82 10.93
CA TYR E 204 63.74 23.93 10.86
C TYR E 204 62.78 24.28 11.98
N ILE E 205 61.55 24.66 11.61
CA ILE E 205 60.52 25.04 12.56
C ILE E 205 59.27 24.24 12.23
N CYS E 206 58.75 23.52 13.22
CA CYS E 206 57.47 22.83 13.07
C CYS E 206 56.35 23.74 13.55
N ASN E 207 55.28 23.81 12.77
CA ASN E 207 54.12 24.64 13.06
C ASN E 207 52.97 23.73 13.46
N VAL E 208 52.61 23.74 14.73
CA VAL E 208 51.54 22.92 15.28
C VAL E 208 50.29 23.78 15.42
N ASN E 209 49.15 23.26 14.95
CA ASN E 209 47.88 23.95 15.02
C ASN E 209 46.81 23.00 15.53
N HIS E 210 46.23 23.33 16.68
CA HIS E 210 45.12 22.59 17.27
C HIS E 210 43.91 23.52 17.26
N LYS E 211 43.13 23.46 16.18
CA LYS E 211 42.02 24.40 16.01
C LYS E 211 40.94 24.31 17.09
N PRO E 212 40.57 23.15 17.63
CA PRO E 212 39.59 23.15 18.72
C PRO E 212 40.00 23.99 19.93
N SER E 213 41.29 24.11 20.20
CA SER E 213 41.78 24.90 21.32
C SER E 213 42.31 26.27 20.91
N ASN E 214 42.32 26.57 19.60
CA ASN E 214 42.89 27.82 19.09
C ASN E 214 44.36 27.95 19.49
N THR E 215 45.07 26.82 19.49
CA THR E 215 46.47 26.77 19.87
C THR E 215 47.33 26.69 18.63
N LYS E 216 48.25 27.64 18.48
CA LYS E 216 49.26 27.64 17.42
C LYS E 216 50.62 27.76 18.07
N VAL E 217 51.49 26.78 17.82
CA VAL E 217 52.81 26.72 18.44
C VAL E 217 53.85 26.53 17.34
N ASP E 218 54.86 27.40 17.32
CA ASP E 218 56.03 27.24 16.48
C ASP E 218 57.20 26.81 17.35
N LYS E 219 57.83 25.69 17.00
CA LYS E 219 58.94 25.14 17.76
C LYS E 219 60.14 24.97 16.87
N LYS E 220 61.22 25.70 17.18
CA LYS E 220 62.47 25.56 16.46
C LYS E 220 63.22 24.34 16.96
N VAL E 221 63.69 23.51 16.03
CA VAL E 221 64.43 22.29 16.36
C VAL E 221 65.85 22.46 15.86
N GLU E 222 66.80 22.46 16.79
CA GLU E 222 68.21 22.64 16.47
C GLU E 222 69.05 21.60 17.18
N PRO E 223 70.21 21.26 16.63
CA PRO E 223 71.07 20.26 17.26
C PRO E 223 71.62 20.76 18.59
N LYS E 224 71.82 19.83 19.52
CA LYS E 224 72.35 20.16 20.83
C LYS E 224 73.82 20.57 20.70
N SER E 225 74.41 20.95 21.84
CA SER E 225 75.78 21.46 21.90
C SER E 225 76.79 20.54 21.21
N ALA F 2 2.43 2.58 -7.31
CA ALA F 2 3.76 2.01 -7.08
C ALA F 2 4.54 2.86 -6.08
N SER F 3 5.82 2.55 -5.92
CA SER F 3 6.68 3.33 -5.04
C SER F 3 7.09 4.67 -5.64
N LEU F 4 6.85 4.87 -6.94
CA LEU F 4 7.05 6.18 -7.54
C LEU F 4 6.04 7.20 -7.02
N TRP F 5 4.97 6.74 -6.36
CA TRP F 5 4.04 7.63 -5.67
C TRP F 5 4.71 8.19 -4.43
N ASN F 6 5.65 9.12 -4.61
CA ASN F 6 6.44 9.67 -3.53
C ASN F 6 6.46 11.19 -3.64
N TRP F 7 6.18 11.86 -2.52
CA TRP F 7 6.08 13.32 -2.52
C TRP F 7 7.40 13.97 -2.92
N PHE F 8 8.51 13.43 -2.42
CA PHE F 8 9.82 13.99 -2.75
C PHE F 8 10.09 13.93 -4.25
N ASN F 9 9.81 12.78 -4.88
CA ASN F 9 10.06 12.64 -6.31
C ASN F 9 9.13 13.52 -7.14
N ILE F 10 7.85 13.60 -6.75
CA ILE F 10 6.88 14.37 -7.54
C ILE F 10 7.19 15.86 -7.45
N THR F 11 7.43 16.36 -6.24
CA THR F 11 7.77 17.78 -6.08
C THR F 11 9.11 18.12 -6.73
N ASN F 12 10.04 17.16 -6.75
CA ASN F 12 11.32 17.41 -7.42
C ASN F 12 11.11 17.71 -8.91
N TRP F 13 10.25 16.94 -9.57
CA TRP F 13 9.98 17.18 -10.98
C TRP F 13 9.19 18.47 -11.19
N LEU F 14 8.16 18.69 -10.36
CA LEU F 14 7.34 19.88 -10.52
C LEU F 14 8.14 21.16 -10.26
N TRP F 15 9.01 21.13 -9.25
CA TRP F 15 9.87 22.29 -9.01
C TRP F 15 10.85 22.50 -10.15
N TYR F 16 11.42 21.41 -10.67
CA TYR F 16 12.31 21.50 -11.83
C TYR F 16 11.58 22.12 -13.02
N ILE F 17 10.34 21.69 -13.26
CA ILE F 17 9.53 22.27 -14.33
C ILE F 17 9.24 23.74 -14.04
N LYS F 18 8.97 24.05 -12.76
CA LYS F 18 8.68 25.44 -12.39
C LYS F 18 9.89 26.33 -12.58
N LYS F 19 11.09 25.83 -12.26
CA LYS F 19 12.30 26.64 -12.44
C LYS F 19 12.69 26.72 -13.91
N LYS F 20 12.60 25.62 -14.64
CA LYS F 20 12.94 25.61 -16.05
C LYS F 20 11.83 26.23 -16.89
N ASP G 1 -25.09 12.53 -18.23
CA ASP G 1 -24.91 11.57 -17.15
C ASP G 1 -24.98 10.14 -17.67
N ILE G 2 -24.76 9.19 -16.77
CA ILE G 2 -24.99 7.78 -17.04
C ILE G 2 -26.35 7.41 -16.47
N VAL G 3 -27.20 6.79 -17.29
CA VAL G 3 -28.57 6.48 -16.91
C VAL G 3 -28.62 5.06 -16.40
N MET G 4 -29.15 4.89 -15.18
CA MET G 4 -29.28 3.59 -14.53
C MET G 4 -30.76 3.19 -14.57
N SER G 5 -31.10 2.31 -15.50
CA SER G 5 -32.47 1.83 -15.63
C SER G 5 -32.63 0.54 -14.84
N GLN G 6 -33.67 0.47 -14.02
CA GLN G 6 -33.94 -0.68 -13.18
C GLN G 6 -35.31 -1.27 -13.50
N SER G 7 -35.41 -2.60 -13.38
CA SER G 7 -36.64 -3.31 -13.67
C SER G 7 -36.67 -4.60 -12.87
N PRO G 8 -37.85 -5.01 -12.38
CA PRO G 8 -39.13 -4.30 -12.48
C PRO G 8 -39.23 -3.22 -11.41
N SER G 9 -40.18 -2.30 -11.54
CA SER G 9 -40.32 -1.23 -10.54
C SER G 9 -40.68 -1.80 -9.17
N SER G 10 -41.51 -2.84 -9.16
CA SER G 10 -41.90 -3.49 -7.91
C SER G 10 -42.25 -4.94 -8.21
N LEU G 11 -42.19 -5.77 -7.18
CA LEU G 11 -42.51 -7.18 -7.37
C LEU G 11 -42.81 -7.79 -6.00
N ALA G 12 -43.62 -8.85 -6.00
CA ALA G 12 -44.01 -9.55 -4.79
C ALA G 12 -43.48 -10.98 -4.84
N VAL G 13 -42.84 -11.42 -3.75
CA VAL G 13 -42.23 -12.74 -3.66
C VAL G 13 -42.50 -13.30 -2.28
N SER G 14 -42.93 -14.56 -2.22
CA SER G 14 -43.23 -15.20 -0.95
C SER G 14 -41.96 -15.52 -0.17
N VAL G 15 -42.13 -15.72 1.13
CA VAL G 15 -40.98 -16.07 1.98
C VAL G 15 -40.44 -17.42 1.56
N GLY G 16 -39.13 -17.47 1.29
CA GLY G 16 -38.49 -18.68 0.81
C GLY G 16 -38.28 -18.72 -0.68
N GLU G 17 -39.02 -17.91 -1.45
CA GLU G 17 -38.87 -17.89 -2.89
C GLU G 17 -37.61 -17.12 -3.28
N LYS G 18 -37.27 -17.22 -4.56
CA LYS G 18 -36.08 -16.58 -5.12
C LYS G 18 -36.49 -15.42 -6.02
N VAL G 19 -35.79 -14.30 -5.88
CA VAL G 19 -36.06 -13.10 -6.66
C VAL G 19 -34.76 -12.62 -7.31
N THR G 20 -34.84 -12.23 -8.57
CA THR G 20 -33.75 -11.58 -9.28
C THR G 20 -34.20 -10.21 -9.75
N MET G 21 -33.33 -9.21 -9.58
CA MET G 21 -33.59 -7.86 -10.06
C MET G 21 -32.59 -7.51 -11.15
N SER G 22 -33.00 -6.59 -12.03
CA SER G 22 -32.18 -6.19 -13.16
C SER G 22 -31.79 -4.72 -13.03
N CYS G 23 -30.58 -4.41 -13.50
CA CYS G 23 -30.08 -3.04 -13.53
C CYS G 23 -29.24 -2.89 -14.78
N LYS G 24 -29.69 -2.06 -15.72
CA LYS G 24 -28.99 -1.82 -16.97
C LYS G 24 -28.37 -0.42 -16.96
N SER G 25 -27.15 -0.32 -17.47
CA SER G 25 -26.42 0.94 -17.51
C SER G 25 -26.38 1.47 -18.93
N SER G 26 -26.45 2.80 -19.07
CA SER G 26 -26.39 3.40 -20.40
C SER G 26 -24.99 3.27 -21.01
N GLN G 27 -23.97 3.20 -20.18
CA GLN G 27 -22.60 2.98 -20.63
C GLN G 27 -21.96 1.88 -19.80
N SER G 28 -20.92 1.26 -20.36
CA SER G 28 -20.24 0.17 -19.68
C SER G 28 -19.55 0.68 -18.41
N LEU G 29 -19.69 -0.09 -17.33
CA LEU G 29 -19.08 0.25 -16.04
C LEU G 29 -17.83 -0.59 -15.77
N LEU G 30 -17.36 -1.36 -16.74
CA LEU G 30 -16.19 -2.21 -16.57
C LEU G 30 -14.93 -1.42 -16.90
N TYR G 31 -14.15 -1.09 -15.86
CA TYR G 31 -12.89 -0.38 -16.06
C TYR G 31 -11.86 -1.33 -16.65
N SER G 32 -11.27 -0.93 -17.79
CA SER G 32 -10.35 -1.82 -18.49
C SER G 32 -9.05 -2.02 -17.72
N SER G 33 -8.65 -1.04 -16.91
CA SER G 33 -7.35 -1.11 -16.26
C SER G 33 -7.31 -2.21 -15.19
N ASN G 34 -8.37 -2.34 -14.41
CA ASN G 34 -8.41 -3.34 -13.34
C ASN G 34 -9.51 -4.38 -13.52
N GLN G 35 -10.25 -4.34 -14.63
CA GLN G 35 -11.32 -5.31 -14.90
C GLN G 35 -12.33 -5.36 -13.74
N LYS G 36 -12.64 -4.19 -13.20
CA LYS G 36 -13.60 -4.06 -12.11
C LYS G 36 -14.85 -3.35 -12.60
N ASN G 37 -16.01 -3.80 -12.12
CA ASN G 37 -17.28 -3.17 -12.44
C ASN G 37 -17.62 -2.17 -11.34
N TYR G 38 -17.69 -0.89 -11.70
CA TYR G 38 -17.93 0.18 -10.73
C TYR G 38 -19.44 0.33 -10.51
N LEU G 39 -20.01 -0.69 -9.88
CA LEU G 39 -21.44 -0.76 -9.61
C LEU G 39 -21.66 -1.22 -8.18
N ALA G 40 -22.66 -0.64 -7.52
CA ALA G 40 -23.01 -1.00 -6.16
C ALA G 40 -24.52 -1.20 -6.05
N TRP G 41 -24.92 -1.97 -5.04
CA TRP G 41 -26.32 -2.22 -4.72
C TRP G 41 -26.61 -1.74 -3.31
N TYR G 42 -27.78 -1.15 -3.12
CA TYR G 42 -28.15 -0.59 -1.83
C TYR G 42 -29.54 -1.09 -1.42
N GLN G 43 -29.70 -1.30 -0.11
CA GLN G 43 -30.96 -1.72 0.47
C GLN G 43 -31.51 -0.60 1.34
N GLN G 44 -32.80 -0.30 1.19
CA GLN G 44 -33.43 0.78 1.92
C GLN G 44 -34.80 0.31 2.40
N LYS G 45 -34.90 0.04 3.71
CA LYS G 45 -36.17 -0.33 4.30
C LYS G 45 -37.00 0.93 4.58
N PRO G 46 -38.33 0.79 4.67
CA PRO G 46 -39.19 1.97 4.85
C PRO G 46 -38.80 2.78 6.07
N GLY G 47 -38.68 4.09 5.88
CA GLY G 47 -38.32 5.00 6.95
C GLY G 47 -36.84 5.03 7.30
N GLN G 48 -36.03 4.21 6.66
CA GLN G 48 -34.60 4.14 6.96
C GLN G 48 -33.77 4.65 5.79
N SER G 49 -32.47 4.79 6.04
CA SER G 49 -31.50 5.24 5.05
C SER G 49 -30.98 4.07 4.24
N PRO G 50 -30.45 4.32 3.05
CA PRO G 50 -29.87 3.24 2.25
C PRO G 50 -28.70 2.58 2.97
N LYS G 51 -28.59 1.27 2.80
CA LYS G 51 -27.52 0.48 3.38
C LYS G 51 -26.78 -0.25 2.27
N LEU G 52 -25.45 -0.17 2.29
CA LEU G 52 -24.64 -0.81 1.26
C LEU G 52 -24.81 -2.33 1.32
N LEU G 53 -25.08 -2.93 0.17
CA LEU G 53 -25.27 -4.37 0.05
C LEU G 53 -24.14 -5.03 -0.74
N ILE G 54 -24.02 -4.71 -2.02
CA ILE G 54 -23.00 -5.26 -2.90
C ILE G 54 -22.23 -4.11 -3.52
N TYR G 55 -20.92 -4.27 -3.66
CA TYR G 55 -20.10 -3.37 -4.43
C TYR G 55 -19.17 -4.18 -5.33
N TRP G 56 -18.55 -3.50 -6.30
CA TRP G 56 -17.81 -4.16 -7.38
C TRP G 56 -18.68 -5.22 -8.06
N ALA G 57 -19.98 -4.93 -8.15
CA ALA G 57 -20.98 -5.76 -8.82
C ALA G 57 -21.24 -7.09 -8.12
N SER G 58 -20.20 -7.73 -7.56
CA SER G 58 -20.34 -9.07 -7.02
C SER G 58 -19.70 -9.27 -5.65
N THR G 59 -19.20 -8.21 -5.01
CA THR G 59 -18.57 -8.33 -3.70
C THR G 59 -19.58 -7.94 -2.63
N ARG G 60 -19.89 -8.89 -1.75
CA ARG G 60 -20.79 -8.61 -0.64
C ARG G 60 -20.11 -7.73 0.40
N ASP G 61 -20.83 -6.71 0.87
CA ASP G 61 -20.32 -5.93 1.99
C ASP G 61 -20.31 -6.78 3.25
N SER G 62 -19.38 -6.47 4.15
CA SER G 62 -19.23 -7.25 5.37
C SER G 62 -20.49 -7.15 6.22
N GLY G 63 -21.02 -8.30 6.61
CA GLY G 63 -22.26 -8.38 7.37
C GLY G 63 -23.48 -8.76 6.56
N VAL G 64 -23.39 -8.71 5.23
CA VAL G 64 -24.53 -9.05 4.38
C VAL G 64 -24.61 -10.56 4.25
N PRO G 65 -25.79 -11.17 4.47
CA PRO G 65 -25.90 -12.62 4.37
C PRO G 65 -25.63 -13.12 2.95
N ASP G 66 -25.21 -14.38 2.87
CA ASP G 66 -24.84 -14.98 1.60
C ASP G 66 -26.03 -15.20 0.67
N ARG G 67 -27.25 -14.97 1.14
CA ARG G 67 -28.42 -15.12 0.27
C ARG G 67 -28.51 -14.02 -0.77
N PHE G 68 -27.84 -12.89 -0.55
CA PHE G 68 -27.77 -11.82 -1.55
C PHE G 68 -26.59 -12.09 -2.47
N THR G 69 -26.80 -11.89 -3.77
CA THR G 69 -25.78 -12.18 -4.77
C THR G 69 -25.93 -11.23 -5.94
N GLY G 70 -24.87 -10.47 -6.22
CA GLY G 70 -24.83 -9.60 -7.39
C GLY G 70 -23.95 -10.21 -8.46
N SER G 71 -24.35 -10.02 -9.72
CA SER G 71 -23.62 -10.55 -10.85
C SER G 71 -23.76 -9.62 -12.04
N GLY G 72 -23.10 -9.95 -13.13
CA GLY G 72 -23.09 -9.14 -14.33
C GLY G 72 -21.77 -8.42 -14.52
N SER G 73 -21.66 -7.79 -15.70
CA SER G 73 -20.50 -6.98 -16.03
C SER G 73 -20.85 -6.12 -17.23
N GLY G 74 -20.14 -5.01 -17.36
CA GLY G 74 -20.37 -4.08 -18.46
C GLY G 74 -21.58 -3.20 -18.23
N THR G 75 -22.73 -3.58 -18.80
CA THR G 75 -23.95 -2.80 -18.68
C THR G 75 -25.10 -3.56 -18.02
N ASP G 76 -25.11 -4.88 -18.07
CA ASP G 76 -26.18 -5.68 -17.50
C ASP G 76 -25.76 -6.21 -16.13
N PHE G 77 -26.59 -5.96 -15.13
CA PHE G 77 -26.27 -6.34 -13.75
C PHE G 77 -27.52 -6.90 -13.10
N THR G 78 -27.32 -7.85 -12.18
CA THR G 78 -28.42 -8.58 -11.56
C THR G 78 -28.16 -8.71 -10.07
N LEU G 79 -29.22 -8.50 -9.28
CA LEU G 79 -29.21 -8.78 -7.85
C LEU G 79 -30.19 -9.91 -7.57
N THR G 80 -29.71 -10.94 -6.86
CA THR G 80 -30.50 -12.14 -6.63
C THR G 80 -30.52 -12.46 -5.14
N ILE G 81 -31.72 -12.64 -4.60
CA ILE G 81 -31.93 -13.16 -3.25
C ILE G 81 -32.32 -14.63 -3.38
N SER G 82 -31.49 -15.52 -2.84
CA SER G 82 -31.70 -16.95 -3.05
C SER G 82 -32.98 -17.44 -2.37
N SER G 83 -33.19 -17.04 -1.12
CA SER G 83 -34.40 -17.40 -0.39
C SER G 83 -34.84 -16.19 0.42
N VAL G 84 -36.00 -15.63 0.09
CA VAL G 84 -36.41 -14.35 0.65
C VAL G 84 -36.86 -14.51 2.09
N LYS G 85 -36.39 -13.61 2.95
CA LYS G 85 -36.84 -13.50 4.32
C LYS G 85 -37.82 -12.33 4.46
N ALA G 86 -38.56 -12.33 5.56
CA ALA G 86 -39.50 -11.24 5.81
C ALA G 86 -38.78 -9.91 6.02
N GLU G 87 -37.56 -9.95 6.55
CA GLU G 87 -36.79 -8.73 6.79
C GLU G 87 -36.21 -8.13 5.51
N ASP G 88 -36.32 -8.80 4.38
CA ASP G 88 -35.79 -8.29 3.13
C ASP G 88 -36.73 -7.31 2.43
N LEU G 89 -37.86 -6.98 3.04
CA LEU G 89 -38.78 -5.98 2.50
C LEU G 89 -38.08 -4.62 2.44
N ALA G 90 -37.78 -4.15 1.23
CA ALA G 90 -37.07 -2.89 1.07
C ALA G 90 -37.09 -2.51 -0.41
N VAL G 91 -36.58 -1.31 -0.70
CA VAL G 91 -36.34 -0.85 -2.06
C VAL G 91 -34.87 -1.03 -2.37
N TYR G 92 -34.57 -1.73 -3.47
CA TYR G 92 -33.20 -2.01 -3.87
C TYR G 92 -32.87 -1.19 -5.11
N CYS G 93 -31.79 -0.41 -5.03
CA CYS G 93 -31.36 0.45 -6.13
C CYS G 93 -29.89 0.19 -6.42
N CYS G 94 -29.54 0.23 -7.70
CA CYS G 94 -28.16 0.13 -8.12
C CYS G 94 -27.57 1.53 -8.31
N GLN G 95 -26.25 1.60 -8.24
CA GLN G 95 -25.54 2.87 -8.36
C GLN G 95 -24.23 2.65 -9.09
N GLN G 96 -23.88 3.57 -9.98
CA GLN G 96 -22.60 3.58 -10.65
C GLN G 96 -21.71 4.64 -10.01
N TYR G 97 -20.49 4.26 -9.65
CA TYR G 97 -19.47 5.18 -9.20
C TYR G 97 -18.31 5.17 -10.16
N TYR G 98 -18.62 5.03 -11.46
CA TYR G 98 -17.66 4.94 -12.54
C TYR G 98 -17.33 6.30 -13.13
N ASN G 99 -18.30 7.21 -13.21
CA ASN G 99 -18.07 8.51 -13.81
C ASN G 99 -18.96 9.55 -13.14
N TYR G 100 -18.39 10.72 -12.89
CA TYR G 100 -19.16 11.81 -12.31
C TYR G 100 -20.07 12.44 -13.38
N PRO G 101 -21.30 12.81 -13.02
CA PRO G 101 -21.91 12.72 -11.69
C PRO G 101 -22.36 11.30 -11.39
N PHE G 102 -22.19 10.83 -10.15
CA PHE G 102 -22.69 9.51 -9.79
C PHE G 102 -24.20 9.49 -9.87
N THR G 103 -24.75 8.39 -10.37
CA THR G 103 -26.18 8.25 -10.56
C THR G 103 -26.67 6.93 -9.96
N PHE G 104 -27.89 6.97 -9.46
CA PHE G 104 -28.57 5.80 -8.92
C PHE G 104 -29.66 5.36 -9.88
N GLY G 105 -30.23 4.19 -9.59
CA GLY G 105 -31.43 3.75 -10.27
C GLY G 105 -32.67 4.15 -9.51
N ALA G 106 -33.82 4.10 -10.21
CA ALA G 106 -35.08 4.44 -9.58
C ALA G 106 -35.43 3.50 -8.44
N GLY G 107 -34.91 2.28 -8.47
CA GLY G 107 -35.14 1.32 -7.40
C GLY G 107 -36.17 0.27 -7.76
N THR G 108 -36.08 -0.86 -7.09
CA THR G 108 -37.03 -1.95 -7.23
C THR G 108 -37.65 -2.23 -5.87
N LYS G 109 -38.97 -2.11 -5.78
CA LYS G 109 -39.67 -2.35 -4.53
C LYS G 109 -39.88 -3.84 -4.32
N LEU G 110 -39.52 -4.33 -3.13
CA LEU G 110 -39.67 -5.74 -2.78
C LEU G 110 -40.76 -5.87 -1.72
N GLU G 111 -41.89 -6.44 -2.10
CA GLU G 111 -42.99 -6.71 -1.19
C GLU G 111 -43.07 -8.21 -0.92
N ILE G 112 -43.33 -8.57 0.33
CA ILE G 112 -43.45 -9.97 0.70
C ILE G 112 -44.85 -10.46 0.32
N LYS G 113 -44.91 -11.55 -0.44
CA LYS G 113 -46.16 -12.14 -0.86
C LYS G 113 -46.60 -13.17 0.16
N ARG G 114 -47.90 -13.17 0.47
CA ARG G 114 -48.45 -14.06 1.48
C ARG G 114 -49.84 -14.50 1.05
N THR G 115 -50.44 -15.38 1.86
CA THR G 115 -51.78 -15.87 1.57
C THR G 115 -52.80 -14.73 1.69
N VAL G 116 -53.94 -14.93 1.02
CA VAL G 116 -54.99 -13.91 1.04
C VAL G 116 -55.54 -13.77 2.45
N ALA G 117 -55.84 -12.53 2.83
CA ALA G 117 -56.37 -12.22 4.16
C ALA G 117 -57.44 -11.15 4.01
N ALA G 118 -58.66 -11.48 4.42
CA ALA G 118 -59.75 -10.54 4.34
C ALA G 118 -59.62 -9.49 5.45
N PRO G 119 -60.03 -8.25 5.19
CA PRO G 119 -59.91 -7.21 6.21
C PRO G 119 -61.04 -7.26 7.23
N SER G 120 -60.75 -6.75 8.42
CA SER G 120 -61.75 -6.48 9.43
C SER G 120 -62.13 -5.01 9.33
N VAL G 121 -63.43 -4.74 9.19
CA VAL G 121 -63.93 -3.41 8.88
C VAL G 121 -64.59 -2.82 10.12
N PHE G 122 -64.20 -1.60 10.47
CA PHE G 122 -64.82 -0.84 11.54
C PHE G 122 -65.11 0.57 11.04
N ILE G 123 -66.19 1.15 11.54
CA ILE G 123 -66.60 2.50 11.18
C ILE G 123 -66.63 3.35 12.45
N PHE G 124 -66.23 4.61 12.32
CA PHE G 124 -66.14 5.52 13.46
C PHE G 124 -66.90 6.80 13.14
N PRO G 125 -67.90 7.16 13.95
CA PRO G 125 -68.59 8.44 13.74
C PRO G 125 -67.73 9.59 14.20
N PRO G 126 -68.01 10.82 13.75
CA PRO G 126 -67.28 11.97 14.28
C PRO G 126 -67.69 12.27 15.71
N SER G 127 -66.68 12.52 16.55
CA SER G 127 -66.95 12.85 17.94
C SER G 127 -67.69 14.18 18.04
N ASP G 128 -68.45 14.33 19.14
CA ASP G 128 -69.18 15.57 19.35
C ASP G 128 -68.23 16.74 19.57
N GLU G 129 -67.02 16.48 20.07
CA GLU G 129 -66.04 17.53 20.24
C GLU G 129 -65.67 18.16 18.91
N GLN G 130 -65.46 17.33 17.88
CA GLN G 130 -65.15 17.84 16.54
C GLN G 130 -66.37 18.52 15.92
N LEU G 131 -67.58 18.09 16.28
CA LEU G 131 -68.77 18.64 15.66
C LEU G 131 -68.93 20.13 15.95
N LYS G 132 -68.68 20.54 17.20
CA LYS G 132 -68.82 21.96 17.52
C LYS G 132 -67.76 22.81 16.83
N SER G 133 -66.66 22.20 16.38
CA SER G 133 -65.64 22.95 15.63
C SER G 133 -66.20 23.44 14.31
N GLY G 134 -66.98 22.61 13.62
CA GLY G 134 -67.60 23.01 12.38
C GLY G 134 -67.65 21.93 11.31
N THR G 135 -66.80 20.91 11.45
CA THR G 135 -66.72 19.83 10.47
C THR G 135 -66.90 18.49 11.17
N ALA G 136 -67.09 17.45 10.35
CA ALA G 136 -67.29 16.10 10.85
C ALA G 136 -66.42 15.15 10.05
N SER G 137 -65.72 14.26 10.74
CA SER G 137 -64.83 13.29 10.12
C SER G 137 -65.34 11.89 10.43
N VAL G 138 -65.71 11.16 9.38
CA VAL G 138 -66.12 9.76 9.50
C VAL G 138 -64.98 8.89 9.00
N VAL G 139 -64.58 7.92 9.82
CA VAL G 139 -63.40 7.10 9.56
C VAL G 139 -63.83 5.66 9.37
N CYS G 140 -63.30 5.02 8.32
CA CYS G 140 -63.50 3.60 8.07
C CYS G 140 -62.14 2.91 8.13
N LEU G 141 -62.04 1.87 8.95
CA LEU G 141 -60.77 1.20 9.21
C LEU G 141 -60.76 -0.18 8.57
N LEU G 142 -59.71 -0.45 7.81
CA LEU G 142 -59.45 -1.77 7.24
C LEU G 142 -58.17 -2.30 7.87
N ASN G 143 -58.28 -3.40 8.62
CA ASN G 143 -57.20 -3.86 9.47
C ASN G 143 -56.72 -5.24 9.03
N ASN G 144 -55.41 -5.35 8.79
CA ASN G 144 -54.73 -6.63 8.58
C ASN G 144 -55.37 -7.42 7.43
N PHE G 145 -55.05 -6.98 6.22
CA PHE G 145 -55.55 -7.63 5.02
C PHE G 145 -54.43 -7.76 3.99
N TYR G 146 -54.64 -8.69 3.05
CA TYR G 146 -53.73 -8.92 1.94
C TYR G 146 -54.50 -9.60 0.83
N PRO G 147 -54.32 -9.18 -0.43
CA PRO G 147 -53.40 -8.16 -0.93
C PRO G 147 -53.85 -6.72 -0.67
N ARG G 148 -53.08 -5.75 -1.14
CA ARG G 148 -53.35 -4.35 -0.82
C ARG G 148 -54.57 -3.83 -1.58
N GLU G 149 -54.85 -4.36 -2.77
CA GLU G 149 -55.99 -3.91 -3.57
C GLU G 149 -57.29 -4.03 -2.80
N ALA G 150 -57.89 -2.89 -2.47
CA ALA G 150 -59.15 -2.87 -1.75
C ALA G 150 -59.97 -1.68 -2.21
N LYS G 151 -61.27 -1.89 -2.39
CA LYS G 151 -62.19 -0.83 -2.79
C LYS G 151 -63.00 -0.40 -1.58
N VAL G 152 -62.94 0.89 -1.25
CA VAL G 152 -63.67 1.45 -0.13
C VAL G 152 -64.57 2.55 -0.67
N GLN G 153 -65.88 2.39 -0.50
CA GLN G 153 -66.87 3.34 -0.99
C GLN G 153 -67.70 3.84 0.19
N TRP G 154 -67.91 5.15 0.24
CA TRP G 154 -68.73 5.77 1.28
C TRP G 154 -70.15 5.92 0.78
N LYS G 155 -71.12 5.52 1.60
CA LYS G 155 -72.54 5.57 1.25
C LYS G 155 -73.28 6.33 2.34
N VAL G 156 -73.78 7.52 2.00
CA VAL G 156 -74.54 8.36 2.92
C VAL G 156 -75.98 8.33 2.46
N ASP G 157 -76.83 7.62 3.20
CA ASP G 157 -78.23 7.38 2.83
C ASP G 157 -78.31 6.77 1.43
N ASN G 158 -77.47 5.75 1.20
CA ASN G 158 -77.40 5.00 -0.05
C ASN G 158 -76.99 5.88 -1.23
N ALA G 159 -76.28 6.97 -0.97
CA ALA G 159 -75.74 7.84 -2.02
C ALA G 159 -74.23 7.72 -2.01
N LEU G 160 -73.66 7.33 -3.16
CA LEU G 160 -72.22 7.11 -3.25
C LEU G 160 -71.49 8.44 -3.22
N GLN G 161 -70.70 8.66 -2.16
CA GLN G 161 -69.91 9.87 -2.05
C GLN G 161 -68.77 9.85 -3.07
N SER G 162 -68.31 11.05 -3.43
CA SER G 162 -67.24 11.19 -4.41
C SER G 162 -66.52 12.51 -4.18
N GLY G 163 -65.20 12.43 -4.00
CA GLY G 163 -64.38 13.61 -3.84
C GLY G 163 -64.25 14.13 -2.43
N ASN G 164 -64.90 13.50 -1.45
CA ASN G 164 -64.84 13.93 -0.06
C ASN G 164 -64.19 12.89 0.84
N SER G 165 -63.39 11.99 0.27
CA SER G 165 -62.72 10.95 1.04
C SER G 165 -61.22 10.98 0.74
N GLN G 166 -60.44 10.46 1.69
CA GLN G 166 -59.00 10.36 1.53
C GLN G 166 -58.53 9.11 2.27
N GLU G 167 -57.70 8.31 1.60
CA GLU G 167 -57.25 7.03 2.12
C GLU G 167 -55.79 7.11 2.57
N SER G 168 -55.40 6.15 3.40
CA SER G 168 -54.05 6.07 3.93
C SER G 168 -53.73 4.61 4.24
N VAL G 169 -52.67 4.09 3.65
CA VAL G 169 -52.30 2.69 3.78
C VAL G 169 -50.93 2.59 4.44
N THR G 170 -50.84 1.80 5.50
CA THR G 170 -49.58 1.57 6.18
C THR G 170 -48.70 0.63 5.37
N GLU G 171 -47.43 0.52 5.80
CA GLU G 171 -46.52 -0.44 5.19
C GLU G 171 -46.87 -1.85 5.66
N GLN G 172 -46.34 -2.83 4.93
CA GLN G 172 -46.57 -4.22 5.28
C GLN G 172 -46.05 -4.52 6.67
N ASP G 173 -46.88 -5.16 7.48
CA ASP G 173 -46.53 -5.43 8.87
C ASP G 173 -45.30 -6.34 8.94
N SER G 174 -44.52 -6.16 10.01
CA SER G 174 -43.27 -6.88 10.16
C SER G 174 -43.45 -8.32 10.62
N LYS G 175 -44.63 -8.69 11.10
CA LYS G 175 -44.86 -10.03 11.64
C LYS G 175 -45.81 -10.88 10.81
N ASP G 176 -46.85 -10.30 10.22
CA ASP G 176 -47.77 -11.05 9.37
C ASP G 176 -47.84 -10.52 7.95
N SER G 177 -47.11 -9.45 7.63
CA SER G 177 -46.99 -8.94 6.25
C SER G 177 -48.34 -8.52 5.67
N THR G 178 -49.24 -8.00 6.51
CA THR G 178 -50.53 -7.52 6.06
C THR G 178 -50.54 -6.00 6.02
N TYR G 179 -51.51 -5.45 5.29
CA TYR G 179 -51.68 -4.02 5.17
C TYR G 179 -52.79 -3.54 6.10
N SER G 180 -52.95 -2.21 6.14
CA SER G 180 -54.04 -1.59 6.89
C SER G 180 -54.40 -0.28 6.21
N LEU G 181 -55.71 -0.05 6.05
CA LEU G 181 -56.21 1.12 5.34
C LEU G 181 -57.14 1.91 6.25
N SER G 182 -57.10 3.23 6.10
CA SER G 182 -57.99 4.14 6.82
C SER G 182 -58.54 5.15 5.83
N SER G 183 -59.85 5.11 5.60
CA SER G 183 -60.53 6.07 4.74
C SER G 183 -61.31 7.05 5.60
N THR G 184 -61.14 8.34 5.32
CA THR G 184 -61.75 9.40 6.12
C THR G 184 -62.75 10.17 5.26
N LEU G 185 -64.02 10.15 5.66
CA LEU G 185 -65.05 10.95 5.01
C LEU G 185 -65.17 12.27 5.75
N THR G 186 -64.93 13.37 5.04
CA THR G 186 -64.95 14.71 5.62
C THR G 186 -66.15 15.48 5.09
N LEU G 187 -66.97 15.99 5.99
CA LEU G 187 -68.14 16.78 5.64
C LEU G 187 -68.26 17.96 6.60
N SER G 188 -69.05 18.95 6.19
CA SER G 188 -69.38 20.04 7.09
C SER G 188 -70.43 19.58 8.09
N LYS G 189 -70.49 20.27 9.23
CA LYS G 189 -71.46 19.93 10.26
C LYS G 189 -72.89 20.04 9.72
N ALA G 190 -73.16 21.09 8.93
CA ALA G 190 -74.48 21.24 8.35
C ALA G 190 -74.82 20.09 7.42
N ASP G 191 -73.87 19.69 6.56
CA ASP G 191 -74.12 18.59 5.63
C ASP G 191 -74.15 17.25 6.35
N TYR G 192 -73.34 17.09 7.39
CA TYR G 192 -73.34 15.83 8.13
C TYR G 192 -74.67 15.58 8.82
N GLU G 193 -75.25 16.63 9.43
CA GLU G 193 -76.51 16.51 10.14
C GLU G 193 -77.72 16.45 9.21
N LYS G 194 -77.51 16.54 7.89
CA LYS G 194 -78.61 16.48 6.94
C LYS G 194 -79.00 15.05 6.57
N HIS G 195 -78.29 14.04 7.09
CA HIS G 195 -78.53 12.66 6.71
C HIS G 195 -78.52 11.79 7.97
N LYS G 196 -78.81 10.51 7.79
CA LYS G 196 -78.96 9.57 8.89
C LYS G 196 -78.00 8.40 8.81
N VAL G 197 -77.96 7.69 7.70
CA VAL G 197 -77.19 6.45 7.57
C VAL G 197 -75.84 6.78 6.96
N TYR G 198 -74.77 6.36 7.64
CA TYR G 198 -73.40 6.52 7.17
C TYR G 198 -72.75 5.15 7.13
N ALA G 199 -72.25 4.76 5.96
CA ALA G 199 -71.73 3.41 5.77
C ALA G 199 -70.56 3.44 4.79
N CYS G 200 -69.53 2.67 5.11
CA CYS G 200 -68.42 2.41 4.19
C CYS G 200 -68.51 0.97 3.72
N GLU G 201 -68.45 0.78 2.40
CA GLU G 201 -68.54 -0.53 1.78
C GLU G 201 -67.15 -0.95 1.33
N VAL G 202 -66.76 -2.17 1.69
CA VAL G 202 -65.40 -2.67 1.47
C VAL G 202 -65.46 -3.86 0.52
N THR G 203 -64.66 -3.81 -0.54
CA THR G 203 -64.53 -4.90 -1.49
C THR G 203 -63.07 -5.38 -1.48
N HIS G 204 -62.89 -6.69 -1.31
CA HIS G 204 -61.56 -7.26 -1.24
C HIS G 204 -61.61 -8.70 -1.73
N GLN G 205 -60.48 -9.19 -2.23
CA GLN G 205 -60.41 -10.56 -2.75
C GLN G 205 -60.64 -11.60 -1.65
N GLY G 206 -60.43 -11.23 -0.39
CA GLY G 206 -60.67 -12.15 0.72
C GLY G 206 -62.11 -12.29 1.14
N LEU G 207 -62.98 -11.38 0.68
CA LEU G 207 -64.39 -11.42 1.02
C LEU G 207 -65.18 -11.95 -0.18
N SER G 208 -66.02 -12.97 0.06
CA SER G 208 -66.84 -13.52 -1.01
C SER G 208 -67.90 -12.54 -1.48
N SER G 209 -68.30 -11.59 -0.64
CA SER G 209 -69.29 -10.58 -0.99
C SER G 209 -68.90 -9.28 -0.29
N PRO G 210 -69.22 -8.12 -0.87
CA PRO G 210 -68.84 -6.85 -0.25
C PRO G 210 -69.47 -6.69 1.12
N VAL G 211 -68.68 -6.17 2.06
CA VAL G 211 -69.12 -5.99 3.43
C VAL G 211 -69.40 -4.50 3.66
N THR G 212 -70.19 -4.23 4.69
CA THR G 212 -70.63 -2.87 4.99
C THR G 212 -70.74 -2.67 6.49
N LYS G 213 -70.04 -1.67 7.01
CA LYS G 213 -70.20 -1.23 8.39
C LYS G 213 -70.91 0.12 8.38
N SER G 214 -71.95 0.26 9.21
CA SER G 214 -72.79 1.43 9.18
C SER G 214 -73.19 1.85 10.59
N PHE G 215 -73.62 3.10 10.70
CA PHE G 215 -74.18 3.62 11.95
C PHE G 215 -75.23 4.67 11.61
N ASN G 216 -76.22 4.79 12.48
CA ASN G 216 -77.24 5.82 12.36
C ASN G 216 -76.85 7.01 13.20
N ARG G 217 -76.80 8.19 12.58
CA ARG G 217 -76.35 9.39 13.26
C ARG G 217 -77.30 9.76 14.39
N GLY G 218 -76.73 10.09 15.55
CA GLY G 218 -77.51 10.51 16.70
C GLY G 218 -77.89 9.40 17.65
N GLU G 219 -77.69 8.14 17.28
CA GLU G 219 -78.06 7.02 18.14
C GLU G 219 -76.85 6.43 18.84
N GLN H 1 -17.50 2.71 16.59
CA GLN H 1 -18.63 3.62 16.60
C GLN H 1 -18.62 4.49 15.34
N VAL H 2 -18.51 3.84 14.17
CA VAL H 2 -18.54 4.56 12.90
C VAL H 2 -19.98 4.96 12.59
N GLN H 3 -20.22 6.26 12.46
CA GLN H 3 -21.58 6.77 12.38
C GLN H 3 -21.55 8.20 11.84
N LEU H 4 -22.53 8.52 11.00
CA LEU H 4 -22.73 9.86 10.48
C LEU H 4 -23.97 10.45 11.15
N GLN H 5 -23.78 11.52 11.91
CA GLN H 5 -24.86 12.14 12.67
C GLN H 5 -25.27 13.43 11.98
N GLN H 6 -26.50 13.50 11.51
CA GLN H 6 -27.03 14.65 10.78
C GLN H 6 -27.91 15.49 11.69
N SER H 7 -28.19 16.71 11.22
CA SER H 7 -29.01 17.64 11.98
C SER H 7 -30.48 17.24 11.91
N GLY H 8 -31.30 17.96 12.67
CA GLY H 8 -32.72 17.67 12.74
C GLY H 8 -33.51 18.30 11.61
N THR H 9 -34.81 18.06 11.63
CA THR H 9 -35.70 18.61 10.62
C THR H 9 -35.71 20.14 10.67
N ASP H 10 -35.85 20.75 9.50
CA ASP H 10 -35.85 22.20 9.36
C ASP H 10 -37.01 22.64 8.50
N LEU H 11 -37.79 23.59 8.99
CA LEU H 11 -38.87 24.21 8.24
C LEU H 11 -38.41 25.59 7.80
N VAL H 12 -38.28 25.79 6.49
CA VAL H 12 -37.76 27.02 5.92
C VAL H 12 -38.77 27.60 4.94
N ARG H 13 -38.64 28.92 4.69
CA ARG H 13 -39.53 29.65 3.81
C ARG H 13 -38.94 29.76 2.41
N PRO H 14 -39.78 29.93 1.39
CA PRO H 14 -39.25 30.08 0.03
C PRO H 14 -38.37 31.33 -0.09
N GLY H 15 -37.25 31.16 -0.77
CA GLY H 15 -36.31 32.25 -0.97
C GLY H 15 -35.21 32.37 0.06
N THR H 16 -35.32 31.67 1.19
CA THR H 16 -34.30 31.71 2.22
C THR H 16 -33.23 30.65 1.93
N SER H 17 -32.24 30.57 2.82
CA SER H 17 -31.20 29.56 2.73
C SER H 17 -31.19 28.71 4.00
N VAL H 18 -30.58 27.53 3.89
CA VAL H 18 -30.50 26.59 5.01
C VAL H 18 -29.16 25.88 4.94
N LYS H 19 -28.69 25.41 6.10
CA LYS H 19 -27.41 24.72 6.19
C LYS H 19 -27.60 23.49 7.08
N VAL H 20 -27.44 22.31 6.49
CA VAL H 20 -27.57 21.04 7.22
C VAL H 20 -26.17 20.51 7.53
N SER H 21 -26.06 19.80 8.64
CA SER H 21 -24.78 19.31 9.14
C SER H 21 -24.71 17.80 9.07
N CYS H 22 -23.49 17.29 9.24
CA CYS H 22 -23.23 15.85 9.16
C CYS H 22 -21.93 15.59 9.93
N LYS H 23 -22.06 15.07 11.15
CA LYS H 23 -20.93 14.89 12.05
C LYS H 23 -20.43 13.44 11.97
N ALA H 24 -19.13 13.28 11.76
CA ALA H 24 -18.53 11.96 11.63
C ALA H 24 -17.97 11.50 12.97
N SER H 25 -18.28 10.26 13.35
CA SER H 25 -17.81 9.68 14.58
C SER H 25 -17.15 8.34 14.29
N GLY H 26 -16.14 8.00 15.10
CA GLY H 26 -15.51 6.71 15.04
C GLY H 26 -14.36 6.56 14.07
N TYR H 27 -14.01 7.61 13.34
CA TYR H 27 -12.92 7.54 12.37
C TYR H 27 -12.38 8.94 12.12
N ALA H 28 -11.26 8.99 11.42
CA ALA H 28 -10.60 10.25 11.09
C ALA H 28 -11.37 10.92 9.95
N PHE H 29 -11.94 12.09 10.24
CA PHE H 29 -12.79 12.81 9.28
C PHE H 29 -12.10 12.97 7.93
N THR H 30 -10.80 13.29 7.94
CA THR H 30 -10.08 13.60 6.72
C THR H 30 -9.90 12.39 5.80
N THR H 31 -9.94 11.18 6.35
CA THR H 31 -9.58 9.98 5.60
C THR H 31 -10.66 9.48 4.65
N TYR H 32 -11.87 10.04 4.70
CA TYR H 32 -12.96 9.56 3.85
C TYR H 32 -13.67 10.75 3.21
N PHE H 33 -14.16 10.54 1.99
CA PHE H 33 -14.97 11.53 1.33
C PHE H 33 -16.35 11.61 1.96
N ILE H 34 -16.96 12.79 1.88
CA ILE H 34 -18.34 13.00 2.33
C ILE H 34 -19.17 13.31 1.09
N GLU H 35 -20.19 12.50 0.86
CA GLU H 35 -21.11 12.67 -0.26
C GLU H 35 -22.45 13.18 0.27
N TRP H 36 -23.23 13.76 -0.65
CA TRP H 36 -24.56 14.26 -0.32
C TRP H 36 -25.54 13.78 -1.38
N VAL H 37 -26.65 13.18 -0.92
CA VAL H 37 -27.66 12.60 -1.79
C VAL H 37 -29.01 13.20 -1.44
N LYS H 38 -29.79 13.56 -2.46
CA LYS H 38 -31.11 14.13 -2.29
C LYS H 38 -32.16 13.10 -2.69
N GLN H 39 -33.17 12.92 -1.84
CA GLN H 39 -34.27 11.99 -2.10
C GLN H 39 -35.58 12.72 -1.87
N ARG H 40 -36.30 12.99 -2.96
CA ARG H 40 -37.61 13.60 -2.84
C ARG H 40 -38.64 12.53 -2.51
N PRO H 41 -39.74 12.91 -1.82
CA PRO H 41 -40.73 11.91 -1.37
C PRO H 41 -41.20 10.96 -2.46
N GLY H 42 -40.93 9.66 -2.27
CA GLY H 42 -41.34 8.64 -3.20
C GLY H 42 -40.66 8.75 -4.56
N GLN H 43 -39.34 8.94 -4.56
CA GLN H 43 -38.59 9.10 -5.80
C GLN H 43 -37.20 8.50 -5.62
N GLY H 44 -36.41 8.54 -6.69
CA GLY H 44 -35.08 7.97 -6.68
C GLY H 44 -34.06 8.84 -5.97
N LEU H 45 -32.85 8.30 -5.88
CA LEU H 45 -31.75 8.97 -5.21
C LEU H 45 -31.01 9.86 -6.19
N GLU H 46 -30.72 11.09 -5.77
CA GLU H 46 -30.05 12.08 -6.61
C GLU H 46 -28.76 12.52 -5.91
N TRP H 47 -27.63 12.29 -6.57
CA TRP H 47 -26.33 12.66 -6.01
C TRP H 47 -26.08 14.15 -6.20
N ILE H 48 -25.78 14.85 -5.11
CA ILE H 48 -25.57 16.29 -5.15
C ILE H 48 -24.11 16.64 -5.41
N GLY H 49 -23.22 16.13 -4.58
CA GLY H 49 -21.82 16.47 -4.70
C GLY H 49 -20.98 15.69 -3.72
N VAL H 50 -19.69 16.02 -3.69
CA VAL H 50 -18.73 15.36 -2.83
C VAL H 50 -17.66 16.36 -2.44
N ILE H 51 -17.11 16.22 -1.24
CA ILE H 51 -16.06 17.10 -0.75
C ILE H 51 -14.95 16.26 -0.15
N ASN H 52 -13.70 16.62 -0.45
CA ASN H 52 -12.55 16.05 0.21
C ASN H 52 -12.34 16.82 1.51
N PRO H 53 -12.71 16.25 2.66
CA PRO H 53 -12.65 17.02 3.91
C PRO H 53 -11.24 17.37 4.33
N GLY H 54 -10.23 16.67 3.84
CA GLY H 54 -8.85 17.01 4.14
C GLY H 54 -8.37 18.20 3.34
N SER H 55 -8.46 18.10 2.02
CA SER H 55 -8.06 19.21 1.15
C SER H 55 -9.10 20.30 1.07
N GLY H 56 -10.34 20.01 1.45
CA GLY H 56 -11.42 20.99 1.36
C GLY H 56 -11.99 21.20 -0.01
N ILE H 57 -11.57 20.43 -1.00
CA ILE H 57 -11.94 20.65 -2.40
C ILE H 57 -13.21 19.88 -2.73
N PRO H 58 -14.25 20.55 -3.25
CA PRO H 58 -15.49 19.84 -3.57
C PRO H 58 -15.64 19.51 -5.05
N ASN H 59 -16.63 18.68 -5.37
CA ASN H 59 -16.96 18.32 -6.75
C ASN H 59 -18.47 18.15 -6.82
N TYR H 60 -19.12 18.96 -7.67
CA TYR H 60 -20.57 19.07 -7.67
C TYR H 60 -21.19 18.37 -8.88
N ASN H 61 -22.45 17.98 -8.71
CA ASN H 61 -23.29 17.65 -9.85
C ASN H 61 -23.64 18.94 -10.59
N GLU H 62 -23.62 18.87 -11.93
CA GLU H 62 -23.77 20.08 -12.73
C GLU H 62 -25.10 20.76 -12.49
N MET H 63 -26.14 20.00 -12.15
CA MET H 63 -27.45 20.60 -11.90
C MET H 63 -27.59 21.22 -10.52
N PHE H 64 -26.67 20.94 -9.60
CA PHE H 64 -26.68 21.53 -8.26
C PHE H 64 -25.65 22.63 -8.10
N LYS H 65 -25.12 23.16 -9.20
CA LYS H 65 -24.01 24.10 -9.12
C LYS H 65 -24.40 25.37 -8.38
N GLY H 66 -25.58 25.92 -8.70
CA GLY H 66 -26.00 27.17 -8.08
C GLY H 66 -26.67 26.98 -6.74
N LYS H 67 -27.30 25.82 -6.51
CA LYS H 67 -28.09 25.61 -5.30
C LYS H 67 -27.26 25.10 -4.14
N ALA H 68 -26.32 24.19 -4.39
CA ALA H 68 -25.59 23.51 -3.32
C ALA H 68 -24.19 24.07 -3.16
N THR H 69 -23.70 24.04 -1.92
CA THR H 69 -22.35 24.42 -1.58
C THR H 69 -21.87 23.56 -0.43
N LEU H 70 -20.72 22.89 -0.62
CA LEU H 70 -20.19 21.96 0.36
C LEU H 70 -19.03 22.59 1.12
N THR H 71 -19.02 22.39 2.44
CA THR H 71 -17.91 22.82 3.28
C THR H 71 -17.60 21.72 4.30
N ALA H 72 -16.44 21.82 4.92
CA ALA H 72 -16.00 20.85 5.90
C ALA H 72 -15.21 21.55 7.00
N ASP H 73 -15.46 21.15 8.24
CA ASP H 73 -14.76 21.68 9.41
C ASP H 73 -14.00 20.52 10.05
N LYS H 74 -12.68 20.48 9.85
CA LYS H 74 -11.89 19.38 10.36
C LYS H 74 -11.84 19.35 11.88
N SER H 75 -11.78 20.53 12.51
CA SER H 75 -11.66 20.59 13.96
C SER H 75 -12.91 20.07 14.66
N SER H 76 -14.07 20.10 14.01
CA SER H 76 -15.30 19.57 14.56
C SER H 76 -15.74 18.28 13.87
N SER H 77 -14.99 17.80 12.88
CA SER H 77 -15.32 16.57 12.15
C SER H 77 -16.73 16.63 11.58
N THR H 78 -17.10 17.78 11.05
CA THR H 78 -18.44 18.01 10.55
C THR H 78 -18.39 18.51 9.11
N ALA H 79 -19.24 17.94 8.26
CA ALA H 79 -19.43 18.40 6.90
C ALA H 79 -20.76 19.13 6.80
N TYR H 80 -20.80 20.19 6.00
CA TYR H 80 -21.98 21.02 5.86
C TYR H 80 -22.45 21.06 4.42
N LEU H 81 -23.76 21.12 4.23
CA LEU H 81 -24.38 21.34 2.94
C LEU H 81 -25.25 22.59 3.03
N HIS H 82 -25.06 23.52 2.11
CA HIS H 82 -25.78 24.79 2.10
C HIS H 82 -26.62 24.87 0.84
N LEU H 83 -27.91 25.13 1.01
CA LEU H 83 -28.83 25.31 -0.10
C LEU H 83 -29.33 26.75 -0.12
N SER H 84 -29.35 27.35 -1.32
CA SER H 84 -29.69 28.75 -1.48
C SER H 84 -30.92 28.89 -2.36
N SER H 85 -31.69 29.96 -2.13
CA SER H 85 -32.89 30.28 -2.89
C SER H 85 -33.84 29.08 -2.92
N LEU H 86 -34.32 28.70 -1.74
CA LEU H 86 -35.08 27.47 -1.58
C LEU H 86 -36.47 27.60 -2.19
N THR H 87 -36.84 26.63 -3.00
CA THR H 87 -38.19 26.49 -3.55
C THR H 87 -38.81 25.19 -3.04
N SER H 88 -40.05 24.92 -3.47
CA SER H 88 -40.71 23.69 -3.07
C SER H 88 -39.99 22.46 -3.62
N ASP H 89 -39.32 22.60 -4.76
CA ASP H 89 -38.56 21.50 -5.35
C ASP H 89 -37.34 21.12 -4.52
N ASP H 90 -36.97 21.93 -3.54
CA ASP H 90 -35.87 21.62 -2.64
C ASP H 90 -36.32 20.86 -1.40
N SER H 91 -37.62 20.62 -1.25
CA SER H 91 -38.14 19.88 -0.11
C SER H 91 -37.88 18.40 -0.33
N ALA H 92 -36.93 17.84 0.42
CA ALA H 92 -36.55 16.44 0.27
C ALA H 92 -35.79 16.02 1.52
N VAL H 93 -35.40 14.75 1.55
CA VAL H 93 -34.54 14.21 2.59
C VAL H 93 -33.11 14.19 2.05
N TYR H 94 -32.22 14.89 2.73
CA TYR H 94 -30.84 15.03 2.30
C TYR H 94 -29.95 14.14 3.16
N PHE H 95 -29.49 13.03 2.58
CA PHE H 95 -28.55 12.15 3.27
C PHE H 95 -27.12 12.64 3.06
N CYS H 96 -26.27 12.37 4.03
CA CYS H 96 -24.84 12.45 3.87
C CYS H 96 -24.26 11.04 3.94
N ALA H 97 -23.38 10.72 3.00
CA ALA H 97 -22.78 9.40 2.91
C ALA H 97 -21.27 9.51 2.89
N ARG H 98 -20.60 8.38 3.12
CA ARG H 98 -19.16 8.31 3.22
C ARG H 98 -18.61 7.32 2.21
N ALA H 99 -17.54 7.71 1.53
CA ALA H 99 -16.91 6.88 0.52
C ALA H 99 -15.41 6.82 0.76
N PRO H 100 -14.81 5.64 0.64
CA PRO H 100 -13.37 5.50 0.94
C PRO H 100 -12.47 6.29 0.00
N TYR H 101 -11.16 6.25 0.31
CA TYR H 101 -10.15 7.12 -0.29
C TYR H 101 -8.91 6.30 -0.65
N TYR H 102 -9.09 5.03 -1.02
CA TYR H 102 -7.95 4.16 -1.29
C TYR H 102 -7.18 4.64 -2.51
N TYR H 103 -5.85 4.68 -2.39
CA TYR H 103 -4.95 5.00 -3.49
C TYR H 103 -5.23 6.38 -4.08
N GLY H 104 -5.80 7.28 -3.29
CA GLY H 104 -6.06 8.64 -3.75
C GLY H 104 -7.19 8.78 -4.73
N SER H 105 -8.10 7.82 -4.79
CA SER H 105 -9.22 7.85 -5.72
C SER H 105 -10.51 8.08 -4.96
N SER H 106 -11.46 8.76 -5.62
CA SER H 106 -12.78 9.02 -5.07
C SER H 106 -13.86 8.15 -5.70
N TYR H 107 -13.52 7.35 -6.71
CA TYR H 107 -14.48 6.54 -7.44
C TYR H 107 -14.74 5.25 -6.65
N TYR H 108 -15.50 5.39 -5.58
CA TYR H 108 -15.79 4.27 -4.68
C TYR H 108 -17.25 4.29 -4.26
N TYR H 109 -17.68 3.16 -3.72
CA TYR H 109 -19.02 2.97 -3.21
C TYR H 109 -19.25 3.81 -1.96
N PHE H 110 -20.51 3.90 -1.55
CA PHE H 110 -20.90 4.63 -0.34
C PHE H 110 -21.16 3.59 0.75
N ASP H 111 -20.27 3.50 1.72
CA ASP H 111 -20.31 2.42 2.69
C ASP H 111 -21.03 2.77 4.00
N VAL H 112 -21.10 4.06 4.36
CA VAL H 112 -21.78 4.47 5.60
C VAL H 112 -22.66 5.67 5.28
N TRP H 113 -23.92 5.61 5.70
CA TRP H 113 -24.89 6.67 5.47
C TRP H 113 -25.42 7.21 6.79
N GLY H 114 -25.76 8.50 6.78
CA GLY H 114 -26.41 9.11 7.93
C GLY H 114 -27.91 8.90 7.92
N ALA H 115 -28.56 9.32 9.02
CA ALA H 115 -29.99 9.14 9.15
C ALA H 115 -30.78 10.00 8.17
N GLY H 116 -30.19 11.08 7.67
CA GLY H 116 -30.88 11.96 6.75
C GLY H 116 -31.54 13.14 7.43
N THR H 117 -31.51 14.30 6.79
CA THR H 117 -32.12 15.51 7.32
C THR H 117 -33.26 15.94 6.41
N THR H 118 -34.46 16.09 6.97
CA THR H 118 -35.61 16.52 6.21
C THR H 118 -35.66 18.03 6.15
N VAL H 119 -35.72 18.57 4.93
CA VAL H 119 -35.84 20.00 4.70
C VAL H 119 -37.21 20.26 4.10
N THR H 120 -38.00 21.10 4.76
CA THR H 120 -39.35 21.44 4.32
C THR H 120 -39.39 22.92 3.95
N VAL H 121 -39.68 23.21 2.69
CA VAL H 121 -39.76 24.57 2.18
C VAL H 121 -41.23 24.92 2.04
N SER H 122 -41.70 25.82 2.92
CA SER H 122 -43.10 26.23 2.90
C SER H 122 -43.22 27.57 3.58
N SER H 123 -44.33 28.27 3.29
CA SER H 123 -44.63 29.56 3.89
C SER H 123 -45.70 29.47 4.96
N ALA H 124 -46.28 28.29 5.18
CA ALA H 124 -47.33 28.14 6.17
C ALA H 124 -46.76 28.22 7.59
N SER H 125 -47.64 28.44 8.55
CA SER H 125 -47.25 28.59 9.94
C SER H 125 -47.47 27.29 10.71
N THR H 126 -46.67 27.10 11.76
CA THR H 126 -46.79 25.91 12.58
C THR H 126 -48.09 25.91 13.37
N LYS H 127 -48.81 24.78 13.34
CA LYS H 127 -50.13 24.69 13.95
C LYS H 127 -50.23 23.38 14.72
N GLY H 128 -50.64 23.48 15.99
CA GLY H 128 -50.77 22.31 16.84
C GLY H 128 -51.98 21.47 16.49
N PRO H 129 -51.89 20.16 16.68
CA PRO H 129 -52.96 19.27 16.25
C PRO H 129 -54.11 19.21 17.24
N SER H 130 -55.31 19.00 16.70
CA SER H 130 -56.50 18.74 17.49
C SER H 130 -56.77 17.24 17.50
N VAL H 131 -56.92 16.66 18.68
CA VAL H 131 -57.04 15.22 18.85
C VAL H 131 -58.48 14.90 19.19
N PHE H 132 -59.09 14.04 18.38
CA PHE H 132 -60.48 13.64 18.56
C PHE H 132 -60.59 12.13 18.74
N PRO H 133 -61.47 11.67 19.63
CA PRO H 133 -61.54 10.24 19.93
C PRO H 133 -62.27 9.47 18.86
N LEU H 134 -61.70 8.34 18.45
CA LEU H 134 -62.39 7.35 17.62
C LEU H 134 -62.95 6.31 18.59
N ALA H 135 -64.15 6.56 19.08
CA ALA H 135 -64.69 5.79 20.19
C ALA H 135 -65.05 4.37 19.74
N PRO H 136 -64.85 3.38 20.61
CA PRO H 136 -65.28 2.01 20.28
C PRO H 136 -66.80 1.90 20.34
N SER H 137 -67.41 1.60 19.20
CA SER H 137 -68.86 1.47 19.14
C SER H 137 -69.33 0.26 19.94
N SER H 138 -68.87 -0.92 19.57
CA SER H 138 -69.22 -2.14 20.28
C SER H 138 -68.21 -3.25 19.99
N GLY H 144 -65.61 -10.83 20.88
CA GLY H 144 -64.63 -11.10 19.84
C GLY H 144 -63.44 -10.15 19.87
N THR H 145 -63.46 -9.15 18.99
CA THR H 145 -62.44 -8.13 18.94
C THR H 145 -63.10 -6.76 18.90
N ALA H 146 -62.39 -5.76 19.41
CA ALA H 146 -62.88 -4.39 19.45
C ALA H 146 -61.80 -3.44 18.94
N ALA H 147 -62.21 -2.41 18.22
CA ALA H 147 -61.29 -1.44 17.63
C ALA H 147 -61.58 -0.05 18.20
N LEU H 148 -60.51 0.72 18.41
CA LEU H 148 -60.61 2.08 18.91
C LEU H 148 -59.36 2.83 18.47
N GLY H 149 -59.48 4.15 18.41
CA GLY H 149 -58.36 4.94 17.94
C GLY H 149 -58.48 6.40 18.31
N CYS H 150 -57.58 7.20 17.72
CA CYS H 150 -57.52 8.63 17.93
C CYS H 150 -57.32 9.32 16.60
N LEU H 151 -58.08 10.39 16.36
CA LEU H 151 -57.97 11.17 15.14
C LEU H 151 -57.15 12.43 15.43
N VAL H 152 -55.97 12.49 14.84
CA VAL H 152 -55.08 13.64 14.98
C VAL H 152 -55.22 14.45 13.70
N LYS H 153 -56.06 15.49 13.74
CA LYS H 153 -56.40 16.27 12.56
C LYS H 153 -55.87 17.70 12.70
N ASP H 154 -55.56 18.31 11.55
CA ASP H 154 -55.19 19.71 11.44
C ASP H 154 -53.92 20.05 12.19
N TYR H 155 -52.76 19.80 11.58
CA TYR H 155 -51.49 20.22 12.14
C TYR H 155 -50.50 20.48 11.01
N PHE H 156 -49.45 21.23 11.34
CA PHE H 156 -48.39 21.54 10.40
C PHE H 156 -47.16 21.97 11.18
N PRO H 157 -45.96 21.49 10.83
CA PRO H 157 -45.67 20.53 9.76
C PRO H 157 -45.58 19.11 10.28
N GLU H 158 -45.04 18.19 9.49
CA GLU H 158 -44.73 16.87 9.98
C GLU H 158 -43.57 16.94 10.97
N PRO H 159 -43.47 15.97 11.88
CA PRO H 159 -44.39 14.85 12.12
C PRO H 159 -45.07 14.93 13.48
N VAL H 160 -45.94 13.97 13.78
CA VAL H 160 -46.44 13.75 15.13
C VAL H 160 -46.24 12.29 15.49
N THR H 161 -46.00 12.04 16.77
CA THR H 161 -45.83 10.69 17.29
C THR H 161 -47.02 10.35 18.20
N VAL H 162 -47.55 9.14 18.03
CA VAL H 162 -48.71 8.69 18.78
C VAL H 162 -48.36 7.38 19.47
N SER H 163 -48.37 7.37 20.79
CA SER H 163 -48.23 6.17 21.59
C SER H 163 -49.52 5.93 22.35
N TRP H 164 -49.62 4.74 22.95
CA TRP H 164 -50.85 4.32 23.61
C TRP H 164 -50.55 3.87 25.03
N ASN H 165 -51.28 4.43 25.99
CA ASN H 165 -51.14 4.11 27.41
C ASN H 165 -49.70 4.28 27.88
N SER H 166 -49.03 5.30 27.33
CA SER H 166 -47.64 5.62 27.63
C SER H 166 -46.74 4.42 27.38
N GLY H 167 -46.68 4.02 26.11
CA GLY H 167 -45.83 2.93 25.68
C GLY H 167 -46.26 1.54 26.12
N ALA H 168 -47.26 1.43 27.01
CA ALA H 168 -47.68 0.12 27.47
C ALA H 168 -48.40 -0.67 26.38
N LEU H 169 -49.05 0.01 25.45
CA LEU H 169 -49.79 -0.62 24.37
C LEU H 169 -49.03 -0.44 23.06
N THR H 170 -48.48 -1.53 22.53
CA THR H 170 -47.84 -1.53 21.23
C THR H 170 -48.37 -2.60 20.29
N SER H 171 -48.99 -3.66 20.80
CA SER H 171 -49.54 -4.72 19.96
C SER H 171 -50.87 -4.28 19.37
N GLY H 172 -51.04 -4.50 18.08
CA GLY H 172 -52.27 -4.12 17.40
C GLY H 172 -52.41 -2.64 17.12
N VAL H 173 -51.37 -1.85 17.34
CA VAL H 173 -51.42 -0.41 17.11
C VAL H 173 -51.08 -0.13 15.65
N HIS H 174 -51.94 0.65 14.99
CA HIS H 174 -51.74 1.03 13.59
C HIS H 174 -51.83 2.55 13.50
N THR H 175 -50.66 3.21 13.44
CA THR H 175 -50.59 4.65 13.22
C THR H 175 -50.40 4.89 11.73
N PHE H 176 -51.42 5.46 11.10
CA PHE H 176 -51.42 5.61 9.65
C PHE H 176 -50.56 6.79 9.22
N PRO H 177 -49.98 6.72 8.02
CA PRO H 177 -49.23 7.87 7.50
C PRO H 177 -50.13 9.09 7.35
N ALA H 178 -49.57 10.26 7.60
CA ALA H 178 -50.33 11.49 7.49
C ALA H 178 -50.73 11.74 6.03
N VAL H 179 -51.84 12.44 5.85
CA VAL H 179 -52.33 12.83 4.53
C VAL H 179 -52.46 14.34 4.49
N LEU H 180 -52.08 14.92 3.35
CA LEU H 180 -52.13 16.37 3.17
C LEU H 180 -53.51 16.76 2.66
N GLN H 181 -54.32 17.37 3.54
CA GLN H 181 -55.66 17.79 3.15
C GLN H 181 -55.59 19.06 2.30
N SER H 182 -56.76 19.44 1.76
CA SER H 182 -56.84 20.62 0.90
C SER H 182 -56.63 21.92 1.66
N SER H 183 -56.71 21.90 2.98
CA SER H 183 -56.43 23.06 3.81
C SER H 183 -54.94 23.30 3.98
N GLY H 184 -54.09 22.54 3.30
CA GLY H 184 -52.65 22.63 3.52
C GLY H 184 -52.18 22.09 4.84
N LEU H 185 -53.08 21.50 5.62
CA LEU H 185 -52.76 21.01 6.95
C LEU H 185 -52.81 19.48 6.95
N TYR H 186 -52.22 18.88 7.97
CA TYR H 186 -52.04 17.43 8.01
C TYR H 186 -53.03 16.80 8.98
N SER H 187 -53.40 15.55 8.69
CA SER H 187 -54.32 14.80 9.52
C SER H 187 -53.96 13.32 9.42
N LEU H 188 -54.03 12.62 10.56
CA LEU H 188 -53.77 11.19 10.59
C LEU H 188 -54.66 10.54 11.64
N SER H 189 -54.68 9.22 11.63
CA SER H 189 -55.38 8.42 12.61
C SER H 189 -54.48 7.30 13.12
N SER H 190 -54.65 6.96 14.39
CA SER H 190 -53.93 5.86 15.02
C SER H 190 -54.93 5.00 15.77
N VAL H 191 -55.00 3.71 15.42
CA VAL H 191 -56.00 2.81 15.97
C VAL H 191 -55.31 1.65 16.68
N VAL H 192 -56.11 0.86 17.38
CA VAL H 192 -55.61 -0.30 18.12
C VAL H 192 -56.77 -1.26 18.34
N THR H 193 -56.51 -2.54 18.16
CA THR H 193 -57.51 -3.59 18.33
C THR H 193 -57.32 -4.25 19.70
N VAL H 194 -58.34 -4.18 20.54
CA VAL H 194 -58.28 -4.70 21.90
C VAL H 194 -59.47 -5.62 22.13
N PRO H 195 -59.40 -6.48 23.13
CA PRO H 195 -60.56 -7.34 23.45
C PRO H 195 -61.75 -6.52 23.94
N SER H 196 -62.95 -7.04 23.65
CA SER H 196 -64.18 -6.35 24.02
C SER H 196 -64.44 -6.39 25.52
N SER H 197 -63.81 -7.32 26.25
CA SER H 197 -63.99 -7.37 27.69
C SER H 197 -63.24 -6.23 28.39
N SER H 198 -62.10 -5.83 27.84
CA SER H 198 -61.29 -4.79 28.45
C SER H 198 -61.82 -3.38 28.19
N LEU H 199 -62.85 -3.23 27.35
CA LEU H 199 -63.47 -1.92 27.17
C LEU H 199 -64.10 -1.43 28.47
N GLY H 200 -64.72 -2.33 29.23
CA GLY H 200 -65.30 -1.96 30.51
C GLY H 200 -64.33 -1.94 31.67
N THR H 201 -63.08 -2.36 31.45
CA THR H 201 -62.07 -2.39 32.51
C THR H 201 -60.86 -1.57 32.14
N GLN H 202 -60.04 -2.02 31.17
CA GLN H 202 -58.80 -1.34 30.85
C GLN H 202 -59.07 0.04 30.25
N THR H 203 -58.16 0.97 30.51
CA THR H 203 -58.28 2.35 30.06
C THR H 203 -57.28 2.61 28.95
N TYR H 204 -57.72 3.34 27.92
CA TYR H 204 -56.93 3.56 26.71
C TYR H 204 -56.75 5.04 26.47
N ILE H 205 -55.49 5.48 26.40
CA ILE H 205 -55.15 6.87 26.11
C ILE H 205 -54.18 6.89 24.94
N CYS H 206 -54.38 7.80 24.00
CA CYS H 206 -53.39 8.10 22.96
C CYS H 206 -52.55 9.29 23.38
N ASN H 207 -51.24 9.18 23.20
CA ASN H 207 -50.28 10.21 23.61
C ASN H 207 -49.72 10.85 22.35
N VAL H 208 -50.25 12.03 22.01
CA VAL H 208 -49.90 12.73 20.78
C VAL H 208 -48.85 13.79 21.09
N ASN H 209 -47.76 13.78 20.33
CA ASN H 209 -46.66 14.72 20.48
C ASN H 209 -46.44 15.45 19.16
N HIS H 210 -46.52 16.77 19.18
CA HIS H 210 -46.18 17.60 18.03
C HIS H 210 -45.04 18.52 18.46
N LYS H 211 -43.82 18.01 18.37
CA LYS H 211 -42.64 18.80 18.73
C LYS H 211 -42.52 20.13 17.99
N PRO H 212 -42.84 20.24 16.70
CA PRO H 212 -42.75 21.57 16.05
C PRO H 212 -43.56 22.66 16.74
N SER H 213 -44.70 22.32 17.31
CA SER H 213 -45.56 23.31 17.95
C SER H 213 -45.59 23.18 19.48
N ASN H 214 -44.85 22.24 20.05
CA ASN H 214 -44.87 21.96 21.48
C ASN H 214 -46.29 21.71 21.97
N THR H 215 -46.88 20.64 21.43
CA THR H 215 -48.25 20.25 21.75
C THR H 215 -48.24 18.82 22.27
N LYS H 216 -48.61 18.64 23.53
CA LYS H 216 -48.71 17.33 24.17
C LYS H 216 -50.14 17.14 24.63
N VAL H 217 -50.84 16.20 24.01
CA VAL H 217 -52.24 15.92 24.32
C VAL H 217 -52.37 14.44 24.67
N ASP H 218 -53.07 14.15 25.77
CA ASP H 218 -53.34 12.79 26.21
C ASP H 218 -54.86 12.60 26.25
N LYS H 219 -55.41 12.14 25.13
CA LYS H 219 -56.85 11.96 24.99
C LYS H 219 -57.25 10.56 25.42
N LYS H 220 -58.24 10.48 26.31
CA LYS H 220 -58.78 9.22 26.76
C LYS H 220 -59.92 8.80 25.83
N VAL H 221 -59.87 7.57 25.34
CA VAL H 221 -60.87 7.04 24.42
C VAL H 221 -61.73 6.05 25.19
N GLU H 222 -63.02 6.32 25.24
CA GLU H 222 -63.98 5.52 25.99
C GLU H 222 -65.26 5.43 25.20
N PRO H 223 -66.14 4.48 25.52
CA PRO H 223 -67.43 4.39 24.83
C PRO H 223 -68.23 5.67 24.96
N LYS H 224 -69.12 5.88 23.99
CA LYS H 224 -69.91 7.10 23.91
C LYS H 224 -70.97 7.12 25.01
N SER H 225 -71.64 8.28 25.13
CA SER H 225 -72.71 8.46 26.10
C SER H 225 -74.07 8.49 25.41
N ALA I 2 -17.83 14.46 -22.11
CA ALA I 2 -16.48 14.98 -22.26
C ALA I 2 -15.74 14.93 -20.91
N SER I 3 -15.78 13.77 -20.27
CA SER I 3 -15.16 13.61 -18.97
C SER I 3 -13.65 13.46 -19.10
N LEU I 4 -12.90 14.07 -18.18
CA LEU I 4 -11.45 13.96 -18.17
C LEU I 4 -10.94 14.17 -16.75
N TRP I 5 -9.63 13.94 -16.59
CA TRP I 5 -8.93 14.12 -15.33
C TRP I 5 -8.93 15.59 -14.92
N ASN I 6 -9.75 15.95 -13.93
CA ASN I 6 -9.97 17.35 -13.58
C ASN I 6 -9.25 17.71 -12.28
N TRP I 7 -9.47 18.96 -11.84
CA TRP I 7 -8.81 19.49 -10.66
C TRP I 7 -9.13 18.67 -9.41
N PHE I 8 -10.40 18.27 -9.26
CA PHE I 8 -10.79 17.47 -8.12
C PHE I 8 -10.07 16.12 -8.09
N ASN I 9 -9.99 15.47 -9.25
CA ASN I 9 -9.27 14.19 -9.34
C ASN I 9 -7.79 14.38 -9.02
N ILE I 10 -7.17 15.41 -9.60
CA ILE I 10 -5.72 15.56 -9.50
C ILE I 10 -5.30 15.90 -8.06
N THR I 11 -6.01 16.85 -7.44
CA THR I 11 -5.68 17.23 -6.06
C THR I 11 -5.91 16.08 -5.11
N ASN I 12 -6.95 15.27 -5.35
CA ASN I 12 -7.18 14.08 -4.53
C ASN I 12 -5.97 13.18 -4.52
N TRP I 13 -5.38 12.93 -5.70
CA TRP I 13 -4.22 12.06 -5.79
C TRP I 13 -3.00 12.67 -5.14
N LEU I 14 -2.75 13.96 -5.41
CA LEU I 14 -1.59 14.63 -4.83
C LEU I 14 -1.72 14.74 -3.32
N TRP I 15 -2.90 15.08 -2.83
CA TRP I 15 -3.11 15.19 -1.38
C TRP I 15 -2.89 13.86 -0.68
N TYR I 16 -3.33 12.77 -1.32
CA TYR I 16 -3.15 11.44 -0.74
C TYR I 16 -1.66 11.08 -0.65
N ILE I 17 -0.87 11.52 -1.63
CA ILE I 17 0.56 11.22 -1.64
C ILE I 17 1.29 12.08 -0.60
N LYS I 18 0.94 13.36 -0.52
CA LYS I 18 1.57 14.23 0.46
C LYS I 18 1.33 13.74 1.88
N LYS I 19 0.11 13.27 2.17
CA LYS I 19 -0.24 12.80 3.51
C LYS I 19 0.33 11.42 3.81
N LYS I 20 0.76 10.68 2.80
CA LYS I 20 1.34 9.36 3.01
C LYS I 20 2.80 9.45 3.46
N ASP J 1 10.88 -1.26 38.97
CA ASP J 1 10.39 -0.09 38.24
C ASP J 1 11.48 0.95 38.06
N ILE J 2 11.31 1.81 37.06
CA ILE J 2 12.28 2.86 36.75
C ILE J 2 11.87 4.13 37.48
N VAL J 3 12.81 4.71 38.23
CA VAL J 3 12.56 5.92 39.00
C VAL J 3 13.02 7.13 38.19
N MET J 4 12.19 8.16 38.16
CA MET J 4 12.50 9.41 37.46
C MET J 4 12.59 10.53 38.48
N SER J 5 13.82 10.93 38.80
CA SER J 5 14.08 11.99 39.76
C SER J 5 14.18 13.33 39.03
N GLN J 6 13.39 14.30 39.45
CA GLN J 6 13.36 15.61 38.81
C GLN J 6 13.89 16.67 39.78
N SER J 7 14.60 17.65 39.23
CA SER J 7 15.18 18.72 40.02
C SER J 7 14.89 20.05 39.34
N PRO J 8 14.40 21.06 40.09
CA PRO J 8 14.06 21.02 41.51
C PRO J 8 12.58 20.71 41.69
N SER J 9 12.10 20.63 42.93
CA SER J 9 10.66 20.48 43.16
C SER J 9 9.91 21.72 42.69
N SER J 10 10.55 22.88 42.74
CA SER J 10 9.96 24.15 42.33
C SER J 10 11.09 25.16 42.14
N LEU J 11 10.85 26.12 41.26
CA LEU J 11 11.85 27.15 41.00
C LEU J 11 11.16 28.43 40.57
N ALA J 12 11.67 29.56 41.04
CA ALA J 12 11.14 30.87 40.73
C ALA J 12 11.94 31.50 39.59
N VAL J 13 11.24 32.30 38.77
CA VAL J 13 11.84 32.86 37.56
C VAL J 13 11.06 34.09 37.16
N SER J 14 11.67 34.93 36.32
CA SER J 14 11.03 36.12 35.77
C SER J 14 10.82 35.96 34.28
N VAL J 15 9.89 36.76 33.74
CA VAL J 15 9.56 36.65 32.32
C VAL J 15 10.75 37.05 31.47
N GLY J 16 11.09 36.21 30.50
CA GLY J 16 12.20 36.46 29.60
C GLY J 16 13.51 35.83 30.00
N GLU J 17 13.51 34.92 30.96
CA GLU J 17 14.72 34.28 31.45
C GLU J 17 14.73 32.81 31.04
N LYS J 18 15.93 32.27 30.84
CA LYS J 18 16.09 30.86 30.51
C LYS J 18 15.98 30.00 31.77
N VAL J 19 15.17 28.95 31.70
CA VAL J 19 15.09 27.96 32.77
C VAL J 19 15.64 26.64 32.24
N THR J 20 16.12 25.80 33.14
CA THR J 20 16.59 24.47 32.82
C THR J 20 16.13 23.52 33.90
N MET J 21 15.36 22.50 33.52
CA MET J 21 14.79 21.54 34.45
C MET J 21 15.39 20.17 34.20
N SER J 22 15.93 19.56 35.26
CA SER J 22 16.62 18.29 35.15
C SER J 22 15.69 17.12 35.39
N CYS J 23 15.92 16.03 34.66
CA CYS J 23 15.18 14.80 34.85
C CYS J 23 16.16 13.64 34.70
N LYS J 24 16.35 12.88 35.78
CA LYS J 24 17.27 11.76 35.80
C LYS J 24 16.52 10.45 35.85
N SER J 25 17.12 9.41 35.27
CA SER J 25 16.52 8.08 35.20
C SER J 25 17.47 7.07 35.83
N SER J 26 16.91 6.16 36.62
CA SER J 26 17.71 5.11 37.25
C SER J 26 18.23 4.10 36.23
N GLN J 27 17.69 4.10 35.01
CA GLN J 27 18.15 3.21 33.96
C GLN J 27 18.25 4.00 32.66
N SER J 28 19.07 3.47 31.74
CA SER J 28 19.23 4.12 30.45
C SER J 28 17.95 3.99 29.63
N LEU J 29 17.44 5.11 29.13
CA LEU J 29 16.29 5.11 28.24
C LEU J 29 16.68 5.09 26.77
N LEU J 30 17.96 4.87 26.47
CA LEU J 30 18.46 4.88 25.10
C LEU J 30 18.36 3.46 24.54
N TYR J 31 17.39 3.24 23.65
CA TYR J 31 17.25 1.96 22.98
C TYR J 31 18.38 1.78 21.97
N SER J 32 19.12 0.68 22.10
CA SER J 32 20.28 0.47 21.23
C SER J 32 19.88 0.11 19.81
N SER J 33 18.64 -0.32 19.58
CA SER J 33 18.25 -0.77 18.25
C SER J 33 18.03 0.41 17.31
N ASN J 34 17.34 1.45 17.77
CA ASN J 34 17.03 2.61 16.95
C ASN J 34 17.71 3.90 17.42
N GLN J 35 18.51 3.83 18.50
CA GLN J 35 19.23 4.99 19.02
C GLN J 35 18.29 6.13 19.40
N LYS J 36 17.08 5.79 19.83
CA LYS J 36 16.10 6.77 20.26
C LYS J 36 15.95 6.73 21.78
N ASN J 37 15.73 7.90 22.36
CA ASN J 37 15.53 8.04 23.80
C ASN J 37 14.04 8.04 24.10
N TYR J 38 13.60 7.06 24.90
CA TYR J 38 12.18 6.88 25.17
C TYR J 38 11.77 7.72 26.38
N LEU J 39 11.79 9.04 26.15
CA LEU J 39 11.50 10.01 27.20
C LEU J 39 10.60 11.11 26.64
N ALA J 40 9.60 11.51 27.42
CA ALA J 40 8.66 12.54 27.03
C ALA J 40 8.51 13.57 28.13
N TRP J 41 8.22 14.82 27.73
CA TRP J 41 7.98 15.90 28.65
C TRP J 41 6.51 16.33 28.56
N TYR J 42 5.93 16.70 29.69
CA TYR J 42 4.54 17.10 29.76
C TYR J 42 4.40 18.38 30.58
N GLN J 43 3.39 19.18 30.22
CA GLN J 43 3.06 20.39 30.95
C GLN J 43 1.64 20.26 31.48
N GLN J 44 1.46 20.52 32.78
CA GLN J 44 0.15 20.45 33.42
C GLN J 44 -0.12 21.76 34.13
N LYS J 45 -1.10 22.51 33.65
CA LYS J 45 -1.56 23.74 34.27
C LYS J 45 -2.62 23.42 35.33
N PRO J 46 -2.79 24.29 36.33
CA PRO J 46 -3.74 24.00 37.41
C PRO J 46 -5.15 23.81 36.87
N GLY J 47 -5.79 22.72 37.31
CA GLY J 47 -7.13 22.39 36.88
C GLY J 47 -7.24 21.80 35.49
N GLN J 48 -6.12 21.64 34.78
CA GLN J 48 -6.12 21.10 33.43
C GLN J 48 -5.36 19.78 33.38
N SER J 49 -5.58 19.04 32.31
CA SER J 49 -4.92 17.76 32.10
C SER J 49 -3.50 17.96 31.57
N PRO J 50 -2.62 16.98 31.76
CA PRO J 50 -1.27 17.10 31.20
C PRO J 50 -1.30 17.18 29.67
N LYS J 51 -0.43 18.01 29.12
CA LYS J 51 -0.32 18.22 27.70
C LYS J 51 1.06 17.79 27.22
N LEU J 52 1.11 17.07 26.10
CA LEU J 52 2.39 16.61 25.55
C LEU J 52 3.21 17.80 25.09
N LEU J 53 4.49 17.81 25.46
CA LEU J 53 5.41 18.88 25.08
C LEU J 53 6.52 18.37 24.18
N ILE J 54 7.40 17.50 24.69
CA ILE J 54 8.49 16.92 23.92
C ILE J 54 8.39 15.40 24.03
N TYR J 55 8.76 14.72 22.95
CA TYR J 55 8.92 13.26 22.98
C TYR J 55 10.18 12.90 22.22
N TRP J 56 10.60 11.64 22.34
CA TRP J 56 11.90 11.19 21.83
C TRP J 56 13.02 12.10 22.35
N ALA J 57 12.86 12.56 23.60
CA ALA J 57 13.81 13.40 24.32
C ALA J 57 13.94 14.80 23.71
N SER J 58 14.10 14.91 22.39
CA SER J 58 14.40 16.20 21.77
C SER J 58 13.47 16.54 20.61
N THR J 59 12.40 15.77 20.38
CA THR J 59 11.47 16.04 19.29
C THR J 59 10.24 16.76 19.84
N ARG J 60 9.97 17.95 19.32
CA ARG J 60 8.91 18.80 19.81
C ARG J 60 7.58 18.45 19.15
N ASP J 61 6.54 18.30 19.97
CA ASP J 61 5.21 17.99 19.45
C ASP J 61 4.65 19.17 18.65
N SER J 62 3.74 18.86 17.73
CA SER J 62 3.17 19.89 16.87
C SER J 62 2.35 20.87 17.70
N GLY J 63 2.58 22.16 17.47
CA GLY J 63 1.88 23.21 18.16
C GLY J 63 2.57 23.76 19.39
N VAL J 64 3.67 23.15 19.82
CA VAL J 64 4.40 23.61 21.00
C VAL J 64 5.34 24.72 20.57
N PRO J 65 5.38 25.85 21.29
CA PRO J 65 6.27 26.95 20.90
C PRO J 65 7.72 26.51 20.84
N ASP J 66 8.46 27.12 19.91
CA ASP J 66 9.86 26.78 19.68
C ASP J 66 10.77 27.12 20.85
N ARG J 67 10.30 27.94 21.80
CA ARG J 67 11.13 28.26 22.96
C ARG J 67 11.33 27.06 23.86
N PHE J 68 10.50 26.03 23.74
CA PHE J 68 10.71 24.78 24.45
C PHE J 68 11.71 23.92 23.70
N THR J 69 12.65 23.33 24.44
CA THR J 69 13.69 22.50 23.83
C THR J 69 14.15 21.46 24.84
N GLY J 70 14.08 20.20 24.47
CA GLY J 70 14.58 19.12 25.29
C GLY J 70 15.90 18.58 24.76
N SER J 71 16.73 18.06 25.67
CA SER J 71 18.03 17.53 25.29
C SER J 71 18.35 16.36 26.23
N GLY J 72 19.57 15.83 26.10
CA GLY J 72 20.01 14.71 26.90
C GLY J 72 19.90 13.39 26.16
N SER J 73 20.41 12.35 26.81
CA SER J 73 20.35 10.99 26.29
C SER J 73 20.72 10.02 27.40
N GLY J 74 20.20 8.81 27.31
CA GLY J 74 20.50 7.77 28.29
C GLY J 74 19.79 7.95 29.62
N THR J 75 20.46 8.58 30.58
CA THR J 75 19.91 8.77 31.91
C THR J 75 19.76 10.23 32.31
N ASP J 76 20.39 11.16 31.60
CA ASP J 76 20.33 12.58 31.91
C ASP J 76 19.52 13.30 30.84
N PHE J 77 18.52 14.07 31.26
CA PHE J 77 17.65 14.78 30.35
C PHE J 77 17.31 16.15 30.94
N THR J 78 17.12 17.12 30.06
CA THR J 78 16.86 18.50 30.46
C THR J 78 15.83 19.14 29.54
N LEU J 79 14.98 19.98 30.12
CA LEU J 79 14.01 20.76 29.37
C LEU J 79 14.35 22.24 29.55
N THR J 80 14.33 22.99 28.46
CA THR J 80 14.74 24.38 28.46
C THR J 80 13.65 25.25 27.83
N ILE J 81 13.32 26.35 28.51
CA ILE J 81 12.51 27.42 27.95
C ILE J 81 13.44 28.61 27.75
N SER J 82 13.67 28.98 26.49
CA SER J 82 14.65 30.02 26.18
C SER J 82 14.27 31.34 26.84
N SER J 83 13.10 31.87 26.51
CA SER J 83 12.57 33.09 27.11
C SER J 83 11.25 32.74 27.79
N VAL J 84 11.27 32.66 29.12
CA VAL J 84 10.10 32.22 29.87
C VAL J 84 8.96 33.22 29.70
N LYS J 85 7.79 32.72 29.33
CA LYS J 85 6.59 33.51 29.26
C LYS J 85 5.74 33.28 30.52
N ALA J 86 4.73 34.13 30.68
CA ALA J 86 3.85 34.00 31.85
C ALA J 86 2.94 32.78 31.72
N GLU J 87 2.47 32.50 30.50
CA GLU J 87 1.64 31.32 30.28
C GLU J 87 2.40 30.02 30.53
N ASP J 88 3.73 30.05 30.44
CA ASP J 88 4.54 28.87 30.68
C ASP J 88 4.61 28.48 32.16
N LEU J 89 3.87 29.17 33.03
CA LEU J 89 3.78 28.80 34.43
C LEU J 89 2.89 27.56 34.58
N ALA J 90 3.50 26.43 34.91
CA ALA J 90 2.78 25.18 35.08
C ALA J 90 3.71 24.20 35.80
N VAL J 91 3.32 22.92 35.81
CA VAL J 91 4.12 21.85 36.37
C VAL J 91 4.63 21.00 35.23
N TYR J 92 5.95 20.94 35.07
CA TYR J 92 6.59 20.19 34.00
C TYR J 92 7.14 18.89 34.58
N CYS J 93 6.67 17.76 34.04
CA CYS J 93 7.14 16.45 34.46
C CYS J 93 7.66 15.68 33.26
N CYS J 94 8.55 14.74 33.53
CA CYS J 94 9.09 13.86 32.51
C CYS J 94 8.53 12.45 32.69
N GLN J 95 8.51 11.70 31.59
CA GLN J 95 7.98 10.35 31.59
C GLN J 95 8.86 9.46 30.74
N GLN J 96 9.07 8.23 31.21
CA GLN J 96 9.75 7.21 30.42
C GLN J 96 8.72 6.21 29.91
N TYR J 97 8.78 5.94 28.61
CA TYR J 97 8.01 4.85 28.01
C TYR J 97 8.95 3.79 27.45
N TYR J 98 10.06 3.57 28.14
CA TYR J 98 11.08 2.61 27.71
C TYR J 98 10.77 1.21 28.19
N ASN J 99 10.18 1.06 29.36
CA ASN J 99 9.93 -0.26 29.94
C ASN J 99 8.76 -0.18 30.89
N TYR J 100 7.91 -1.22 30.85
CA TYR J 100 6.76 -1.25 31.74
C TYR J 100 7.17 -1.61 33.15
N PRO J 101 6.59 -0.99 34.17
CA PRO J 101 5.53 0.04 34.09
C PRO J 101 6.08 1.41 33.72
N PHE J 102 5.38 2.16 32.88
CA PHE J 102 5.80 3.52 32.58
C PHE J 102 5.67 4.39 33.82
N THR J 103 6.67 5.23 34.06
CA THR J 103 6.71 6.04 35.27
C THR J 103 6.93 7.50 34.91
N PHE J 104 6.48 8.38 35.79
CA PHE J 104 6.61 9.81 35.64
C PHE J 104 7.51 10.38 36.73
N GLY J 105 8.03 11.57 36.49
CA GLY J 105 8.75 12.29 37.51
C GLY J 105 7.81 13.03 38.44
N ALA J 106 8.37 13.47 39.58
CA ALA J 106 7.57 14.20 40.55
C ALA J 106 7.09 15.53 39.99
N GLY J 107 7.85 16.13 39.08
CA GLY J 107 7.47 17.36 38.44
C GLY J 107 8.20 18.56 39.03
N THR J 108 8.30 19.61 38.22
CA THR J 108 8.91 20.88 38.62
C THR J 108 7.87 21.98 38.48
N LYS J 109 7.55 22.63 39.59
CA LYS J 109 6.57 23.71 39.61
C LYS J 109 7.26 25.02 39.24
N LEU J 110 6.78 25.67 38.18
CA LEU J 110 7.30 26.97 37.76
C LEU J 110 6.51 28.07 38.44
N GLU J 111 7.22 29.07 38.96
CA GLU J 111 6.60 30.22 39.60
C GLU J 111 7.29 31.49 39.13
N ILE J 112 6.55 32.59 39.14
CA ILE J 112 7.04 33.87 38.66
C ILE J 112 7.66 34.66 39.81
N LYS J 113 8.80 35.30 39.53
CA LYS J 113 9.44 36.22 40.48
C LYS J 113 8.85 37.60 40.28
N ARG J 114 8.09 38.08 41.27
CA ARG J 114 7.49 39.40 41.20
C ARG J 114 7.10 39.89 42.59
N GLN K 1 -10.21 17.21 16.03
CA GLN K 1 -11.40 16.73 16.71
C GLN K 1 -11.05 15.59 17.67
N VAL K 2 -9.81 15.12 17.60
CA VAL K 2 -9.36 14.05 18.51
C VAL K 2 -9.46 14.54 19.94
N GLN K 3 -10.27 13.85 20.74
CA GLN K 3 -10.44 14.19 22.14
C GLN K 3 -10.96 12.96 22.88
N LEU K 4 -10.68 12.93 24.18
CA LEU K 4 -11.12 11.85 25.05
C LEU K 4 -12.11 12.42 26.06
N GLN K 5 -13.34 11.92 26.02
CA GLN K 5 -14.42 12.43 26.86
C GLN K 5 -14.60 11.53 28.07
N GLN K 6 -14.29 12.06 29.25
CA GLN K 6 -14.40 11.30 30.49
C GLN K 6 -15.68 11.67 31.23
N SER K 7 -16.10 10.76 32.11
CA SER K 7 -17.33 10.94 32.85
C SER K 7 -17.18 12.04 33.91
N GLY K 8 -18.31 12.48 34.44
CA GLY K 8 -18.34 13.55 35.40
C GLY K 8 -17.79 13.13 36.76
N THR K 9 -17.84 14.08 37.70
CA THR K 9 -17.35 13.83 39.05
C THR K 9 -18.15 12.73 39.72
N ASP K 10 -17.50 12.02 40.64
CA ASP K 10 -18.07 10.81 41.23
C ASP K 10 -17.81 10.82 42.73
N LEU K 11 -18.88 10.70 43.51
CA LEU K 11 -18.80 10.54 44.95
C LEU K 11 -19.30 9.14 45.31
N VAL K 12 -18.47 8.39 46.03
CA VAL K 12 -18.75 7.00 46.35
C VAL K 12 -18.43 6.75 47.82
N ARG K 13 -18.79 5.55 48.29
CA ARG K 13 -18.60 5.13 49.66
C ARG K 13 -17.56 4.01 49.74
N PRO K 14 -16.81 3.93 50.85
CA PRO K 14 -15.84 2.84 51.01
C PRO K 14 -16.47 1.48 50.79
N GLY K 15 -15.72 0.58 50.16
CA GLY K 15 -16.19 -0.76 49.89
C GLY K 15 -16.90 -0.92 48.56
N THR K 16 -17.39 0.17 47.97
CA THR K 16 -18.11 0.10 46.70
C THR K 16 -17.12 0.03 45.54
N SER K 17 -17.65 -0.01 44.33
CA SER K 17 -16.84 -0.08 43.12
C SER K 17 -17.34 0.93 42.11
N VAL K 18 -16.41 1.62 41.45
CA VAL K 18 -16.74 2.67 40.50
C VAL K 18 -16.17 2.29 39.13
N LYS K 19 -16.82 2.78 38.08
CA LYS K 19 -16.41 2.52 36.70
C LYS K 19 -16.41 3.84 35.95
N VAL K 20 -15.21 4.39 35.71
CA VAL K 20 -15.06 5.63 34.96
C VAL K 20 -14.86 5.30 33.49
N SER K 21 -15.48 6.10 32.62
CA SER K 21 -15.43 5.88 31.17
C SER K 21 -14.51 6.90 30.51
N CYS K 22 -14.09 6.56 29.29
CA CYS K 22 -13.25 7.44 28.47
C CYS K 22 -13.69 7.25 27.02
N LYS K 23 -14.42 8.22 26.48
CA LYS K 23 -14.97 8.14 25.14
C LYS K 23 -14.01 8.79 24.15
N ALA K 24 -13.58 8.03 23.16
CA ALA K 24 -12.68 8.54 22.13
C ALA K 24 -13.48 9.03 20.93
N SER K 25 -13.13 10.20 20.42
CA SER K 25 -13.78 10.78 19.26
C SER K 25 -12.74 11.38 18.34
N GLY K 26 -13.06 11.41 17.04
CA GLY K 26 -12.18 11.97 16.04
C GLY K 26 -11.25 10.99 15.37
N TYR K 27 -11.17 9.75 15.85
CA TYR K 27 -10.27 8.77 15.26
C TYR K 27 -10.82 7.37 15.49
N ALA K 28 -10.25 6.41 14.77
CA ALA K 28 -10.64 5.00 14.92
C ALA K 28 -10.19 4.49 16.28
N PHE K 29 -11.14 4.04 17.10
CA PHE K 29 -10.87 3.69 18.48
C PHE K 29 -9.77 2.63 18.60
N THR K 30 -9.81 1.62 17.73
CA THR K 30 -8.94 0.46 17.85
C THR K 30 -7.50 0.72 17.38
N THR K 31 -7.22 1.90 16.81
CA THR K 31 -5.90 2.16 16.24
C THR K 31 -4.92 2.77 17.23
N TYR K 32 -5.37 3.17 18.42
CA TYR K 32 -4.52 3.77 19.42
C TYR K 32 -4.71 3.07 20.75
N PHE K 33 -3.64 3.01 21.53
CA PHE K 33 -3.73 2.46 22.87
C PHE K 33 -4.42 3.45 23.82
N ILE K 34 -5.06 2.91 24.85
CA ILE K 34 -5.72 3.72 25.87
C ILE K 34 -4.99 3.50 27.18
N GLU K 35 -4.47 4.57 27.75
CA GLU K 35 -3.77 4.55 29.03
C GLU K 35 -4.65 5.17 30.11
N TRP K 36 -4.35 4.80 31.36
CA TRP K 36 -5.03 5.36 32.52
C TRP K 36 -3.97 5.79 33.53
N VAL K 37 -4.10 7.01 34.04
CA VAL K 37 -3.15 7.60 34.97
C VAL K 37 -3.90 8.14 36.16
N LYS K 38 -3.36 7.90 37.36
CA LYS K 38 -3.95 8.37 38.61
C LYS K 38 -3.11 9.51 39.17
N GLN K 39 -3.77 10.61 39.53
CA GLN K 39 -3.11 11.77 40.12
C GLN K 39 -3.87 12.18 41.37
N ARG K 40 -3.26 11.96 42.53
CA ARG K 40 -3.85 12.38 43.79
C ARG K 40 -3.82 13.91 43.90
N PRO K 41 -4.70 14.50 44.71
CA PRO K 41 -4.71 15.96 44.88
C PRO K 41 -3.38 16.51 45.38
N GLY K 42 -2.66 17.21 44.51
CA GLY K 42 -1.40 17.82 44.88
C GLY K 42 -0.18 16.93 44.71
N GLN K 43 -0.33 15.75 44.12
CA GLN K 43 0.77 14.81 43.97
C GLN K 43 1.02 14.55 42.49
N GLY K 44 2.03 13.73 42.20
CA GLY K 44 2.43 13.45 40.85
C GLY K 44 1.53 12.43 40.15
N LEU K 45 1.93 12.08 38.93
CA LEU K 45 1.16 11.17 38.10
C LEU K 45 1.63 9.73 38.29
N GLU K 46 0.68 8.80 38.28
CA GLU K 46 0.95 7.38 38.48
C GLU K 46 0.24 6.59 37.40
N TRP K 47 0.99 5.76 36.68
CA TRP K 47 0.44 4.99 35.57
C TRP K 47 -0.25 3.73 36.09
N ILE K 48 -1.48 3.50 35.64
CA ILE K 48 -2.28 2.37 36.12
C ILE K 48 -2.16 1.19 35.17
N GLY K 49 -2.49 1.40 33.90
CA GLY K 49 -2.46 0.31 32.94
C GLY K 49 -2.79 0.81 31.55
N VAL K 50 -2.66 -0.11 30.60
CA VAL K 50 -2.91 0.16 29.19
C VAL K 50 -3.71 -1.00 28.62
N ILE K 51 -4.54 -0.70 27.62
CA ILE K 51 -5.35 -1.71 26.94
C ILE K 51 -5.27 -1.48 25.44
N ASN K 52 -5.06 -2.56 24.69
CA ASN K 52 -5.21 -2.56 23.24
C ASN K 52 -6.69 -2.65 22.92
N PRO K 53 -7.31 -1.57 22.43
CA PRO K 53 -8.76 -1.60 22.20
C PRO K 53 -9.19 -2.54 21.09
N GLY K 54 -8.31 -2.85 20.15
CA GLY K 54 -8.65 -3.77 19.09
C GLY K 54 -8.69 -5.21 19.55
N SER K 55 -7.67 -5.62 20.31
CA SER K 55 -7.61 -6.98 20.83
C SER K 55 -8.25 -7.13 22.21
N GLY K 56 -8.43 -6.02 22.94
CA GLY K 56 -8.95 -6.08 24.28
C GLY K 56 -7.97 -6.55 25.33
N ILE K 57 -6.76 -6.91 24.95
CA ILE K 57 -5.77 -7.44 25.90
C ILE K 57 -5.15 -6.28 26.66
N PRO K 58 -5.18 -6.30 28.00
CA PRO K 58 -4.63 -5.19 28.78
C PRO K 58 -3.22 -5.46 29.28
N ASN K 59 -2.64 -4.46 29.95
CA ASN K 59 -1.33 -4.60 30.58
C ASN K 59 -1.32 -3.66 31.78
N TYR K 60 -1.22 -4.24 32.98
CA TYR K 60 -1.39 -3.48 34.22
C TYR K 60 -0.06 -3.21 34.89
N ASN K 61 -0.01 -2.12 35.66
CA ASN K 61 1.04 -1.94 36.64
C ASN K 61 0.80 -2.88 37.81
N GLU K 62 1.87 -3.51 38.30
CA GLU K 62 1.74 -4.50 39.36
C GLU K 62 1.07 -3.92 40.60
N MET K 63 1.27 -2.62 40.85
CA MET K 63 0.69 -2.00 42.04
C MET K 63 -0.83 -1.88 41.97
N PHE K 64 -1.42 -1.99 40.78
CA PHE K 64 -2.86 -1.93 40.61
C PHE K 64 -3.44 -3.26 40.13
N LYS K 65 -2.64 -4.33 40.12
CA LYS K 65 -3.05 -5.59 39.51
C LYS K 65 -4.28 -6.19 40.19
N GLY K 66 -4.49 -5.88 41.47
CA GLY K 66 -5.65 -6.40 42.18
C GLY K 66 -6.64 -5.34 42.58
N LYS K 67 -6.73 -4.26 41.82
CA LYS K 67 -7.62 -3.16 42.16
C LYS K 67 -8.25 -2.55 40.92
N ALA K 68 -7.51 -2.48 39.82
CA ALA K 68 -7.97 -1.85 38.59
C ALA K 68 -8.25 -2.91 37.52
N THR K 69 -9.31 -2.69 36.75
CA THR K 69 -9.69 -3.56 35.65
C THR K 69 -9.99 -2.71 34.42
N LEU K 70 -9.32 -3.01 33.32
CA LEU K 70 -9.48 -2.27 32.08
C LEU K 70 -10.33 -3.05 31.09
N THR K 71 -11.26 -2.35 30.43
CA THR K 71 -12.12 -2.94 29.42
C THR K 71 -12.25 -1.98 28.25
N ALA K 72 -12.78 -2.49 27.14
CA ALA K 72 -12.96 -1.68 25.94
C ALA K 72 -14.18 -2.17 25.18
N ASP K 73 -14.88 -1.23 24.56
CA ASP K 73 -16.07 -1.51 23.76
C ASP K 73 -15.92 -0.77 22.42
N LYS K 74 -15.53 -1.51 21.38
CA LYS K 74 -15.28 -0.88 20.09
C LYS K 74 -16.56 -0.30 19.49
N SER K 75 -17.69 -0.99 19.68
CA SER K 75 -18.96 -0.52 19.14
C SER K 75 -19.38 0.82 19.72
N SER K 76 -18.87 1.19 20.89
CA SER K 76 -19.17 2.47 21.51
C SER K 76 -17.99 3.42 21.55
N SER K 77 -16.80 2.99 21.12
CA SER K 77 -15.59 3.82 21.12
C SER K 77 -15.25 4.32 22.51
N THR K 78 -15.57 3.53 23.54
CA THR K 78 -15.37 3.92 24.93
C THR K 78 -14.48 2.92 25.64
N ALA K 79 -13.56 3.43 26.46
CA ALA K 79 -12.75 2.63 27.36
C ALA K 79 -13.24 2.83 28.79
N TYR K 80 -13.12 1.78 29.60
CA TYR K 80 -13.60 1.82 30.98
C TYR K 80 -12.48 1.43 31.93
N LEU K 81 -12.46 2.07 33.09
CA LEU K 81 -11.56 1.72 34.18
C LEU K 81 -12.41 1.39 35.40
N HIS K 82 -12.30 0.14 35.88
CA HIS K 82 -13.06 -0.32 37.03
C HIS K 82 -12.15 -0.37 38.25
N LEU K 83 -12.59 0.26 39.34
CA LEU K 83 -11.87 0.25 40.60
C LEU K 83 -12.74 -0.43 41.65
N SER K 84 -12.19 -1.42 42.34
CA SER K 84 -12.93 -2.23 43.30
C SER K 84 -12.44 -1.99 44.72
N SER K 85 -13.36 -2.13 45.67
CA SER K 85 -13.07 -1.97 47.10
C SER K 85 -12.38 -0.62 47.36
N LEU K 86 -13.16 0.44 47.16
CA LEU K 86 -12.63 1.79 47.19
C LEU K 86 -12.31 2.20 48.63
N THR K 87 -11.04 2.43 48.91
CA THR K 87 -10.61 3.05 50.15
C THR K 87 -10.39 4.54 49.91
N SER K 88 -10.05 5.26 50.98
CA SER K 88 -9.75 6.68 50.84
C SER K 88 -8.50 6.89 50.00
N ASP K 89 -7.59 5.91 49.97
CA ASP K 89 -6.37 5.98 49.18
C ASP K 89 -6.63 5.87 47.68
N ASP K 90 -7.88 5.75 47.26
CA ASP K 90 -8.26 5.79 45.86
C ASP K 90 -8.85 7.13 45.45
N SER K 91 -9.06 8.04 46.40
CA SER K 91 -9.58 9.36 46.10
C SER K 91 -8.53 10.15 45.32
N ALA K 92 -8.74 10.31 44.02
CA ALA K 92 -7.79 11.01 43.16
C ALA K 92 -8.50 11.40 41.87
N VAL K 93 -7.76 12.08 40.99
CA VAL K 93 -8.23 12.39 39.65
C VAL K 93 -7.64 11.36 38.70
N TYR K 94 -8.50 10.71 37.92
CA TYR K 94 -8.09 9.61 37.05
C TYR K 94 -8.18 10.08 35.60
N PHE K 95 -7.03 10.24 34.97
CA PHE K 95 -6.95 10.61 33.56
C PHE K 95 -6.95 9.36 32.69
N CYS K 96 -7.52 9.51 31.49
CA CYS K 96 -7.34 8.54 30.42
C CYS K 96 -6.50 9.20 29.33
N ALA K 97 -5.56 8.44 28.78
CA ALA K 97 -4.64 8.95 27.78
C ALA K 97 -4.56 7.99 26.60
N ARG K 98 -3.99 8.47 25.51
CA ARG K 98 -3.91 7.73 24.26
C ARG K 98 -2.48 7.70 23.77
N ALA K 99 -2.02 6.52 23.33
CA ALA K 99 -0.68 6.35 22.82
C ALA K 99 -0.73 5.67 21.46
N PRO K 100 0.14 6.08 20.53
CA PRO K 100 0.10 5.51 19.18
C PRO K 100 0.50 4.03 19.18
N TYR K 101 0.36 3.44 17.99
CA TYR K 101 0.46 2.00 17.76
C TYR K 101 1.34 1.71 16.54
N TYR K 102 2.30 2.58 16.26
CA TYR K 102 3.12 2.44 15.07
C TYR K 102 3.93 1.14 15.13
N TYR K 103 3.92 0.40 14.00
CA TYR K 103 4.71 -0.82 13.85
C TYR K 103 4.41 -1.85 14.92
N GLY K 104 3.15 -1.91 15.37
CA GLY K 104 2.75 -2.88 16.36
C GLY K 104 3.35 -2.68 17.74
N SER K 105 3.88 -1.49 18.02
CA SER K 105 4.53 -1.22 19.29
C SER K 105 3.64 -0.37 20.19
N SER K 106 3.77 -0.60 21.50
CA SER K 106 3.05 0.19 22.49
C SER K 106 3.94 1.14 23.27
N TYR K 107 5.26 1.05 23.09
CA TYR K 107 6.21 1.87 23.84
C TYR K 107 6.28 3.24 23.18
N TYR K 108 5.30 4.08 23.52
CA TYR K 108 5.16 5.39 22.91
C TYR K 108 4.68 6.40 23.93
N TYR K 109 4.88 7.68 23.60
CA TYR K 109 4.43 8.80 24.39
C TYR K 109 2.90 8.86 24.42
N PHE K 110 2.37 9.71 25.30
CA PHE K 110 0.94 9.93 25.42
C PHE K 110 0.62 11.26 24.76
N ASP K 111 0.04 11.22 23.56
CA ASP K 111 -0.13 12.42 22.77
C ASP K 111 -1.45 13.15 23.04
N VAL K 112 -2.47 12.45 23.52
CA VAL K 112 -3.76 13.07 23.82
C VAL K 112 -4.23 12.59 25.18
N TRP K 113 -4.67 13.54 26.02
CA TRP K 113 -5.16 13.25 27.35
C TRP K 113 -6.61 13.71 27.51
N GLY K 114 -7.35 13.01 28.36
CA GLY K 114 -8.69 13.43 28.72
C GLY K 114 -8.68 14.43 29.88
N ALA K 115 -9.82 15.09 30.06
CA ALA K 115 -9.91 16.14 31.08
C ALA K 115 -9.73 15.57 32.49
N GLY K 116 -10.08 14.32 32.71
CA GLY K 116 -9.95 13.72 34.01
C GLY K 116 -11.29 13.57 34.71
N THR K 117 -11.39 12.53 35.53
CA THR K 117 -12.59 12.26 36.33
C THR K 117 -12.19 12.18 37.79
N THR K 118 -12.80 13.02 38.62
CA THR K 118 -12.52 13.04 40.05
C THR K 118 -13.46 12.09 40.77
N VAL K 119 -12.91 11.13 41.49
CA VAL K 119 -13.67 10.22 42.34
C VAL K 119 -13.33 10.53 43.78
N THR K 120 -14.37 10.76 44.60
CA THR K 120 -14.20 11.10 46.01
C THR K 120 -14.90 10.03 46.83
N VAL K 121 -14.13 9.23 47.56
CA VAL K 121 -14.65 8.16 48.39
C VAL K 121 -14.89 8.72 49.79
N SER K 122 -16.16 8.96 50.13
CA SER K 122 -16.51 9.49 51.43
C SER K 122 -17.94 9.09 51.76
N SER K 123 -18.20 8.90 53.05
CA SER K 123 -19.53 8.54 53.54
C SER K 123 -20.17 9.80 54.11
N ALA K 124 -20.76 10.60 53.24
CA ALA K 124 -21.39 11.85 53.63
C ALA K 124 -22.49 12.17 52.61
N SER K 125 -23.07 13.36 52.74
CA SER K 125 -24.12 13.83 51.84
C SER K 125 -24.15 15.35 51.89
N THR K 126 -25.20 15.93 51.30
CA THR K 126 -25.42 17.38 51.20
C THR K 126 -24.14 18.21 51.13
N ALA L 2 13.39 -9.60 35.78
CA ALA L 2 13.70 -8.81 34.59
C ALA L 2 12.54 -8.82 33.61
N SER L 3 12.50 -7.81 32.73
CA SER L 3 11.44 -7.69 31.75
C SER L 3 11.82 -8.40 30.46
N LEU L 4 10.85 -9.10 29.87
CA LEU L 4 11.05 -9.83 28.63
C LEU L 4 9.81 -9.69 27.76
N TRP L 5 9.94 -10.10 26.50
CA TRP L 5 8.84 -10.11 25.54
C TRP L 5 7.68 -10.94 26.08
N ASN L 6 6.59 -10.29 26.47
CA ASN L 6 5.48 -10.96 27.14
C ASN L 6 4.26 -11.05 26.21
N TRP L 7 3.19 -11.62 26.77
CA TRP L 7 1.98 -11.89 25.99
C TRP L 7 1.40 -10.60 25.40
N PHE L 8 1.34 -9.54 26.21
CA PHE L 8 0.82 -8.26 25.71
C PHE L 8 1.65 -7.74 24.55
N ASN L 9 2.97 -7.85 24.65
CA ASN L 9 3.83 -7.37 23.56
C ASN L 9 3.64 -8.21 22.30
N ILE L 10 3.60 -9.54 22.44
CA ILE L 10 3.54 -10.41 21.26
C ILE L 10 2.20 -10.26 20.56
N THR L 11 1.10 -10.25 21.31
CA THR L 11 -0.21 -10.08 20.69
C THR L 11 -0.36 -8.72 20.04
N ASN L 12 0.25 -7.68 20.63
CA ASN L 12 0.24 -6.36 19.99
C ASN L 12 0.89 -6.41 18.61
N TRP L 13 2.00 -7.14 18.49
CA TRP L 13 2.67 -7.27 17.20
C TRP L 13 1.87 -8.13 16.24
N LEU L 14 1.35 -9.27 16.72
CA LEU L 14 0.60 -10.17 15.86
C LEU L 14 -0.72 -9.54 15.41
N TRP L 15 -1.39 -8.83 16.31
CA TRP L 15 -2.64 -8.16 15.94
C TRP L 15 -2.39 -7.08 14.89
N TYR L 16 -1.26 -6.37 15.01
CA TYR L 16 -0.95 -5.32 14.05
C TYR L 16 -0.68 -5.88 12.66
N ILE L 17 -0.06 -7.07 12.60
CA ILE L 17 0.21 -7.68 11.31
C ILE L 17 -1.08 -8.19 10.68
N LYS L 18 -2.01 -8.69 11.49
CA LYS L 18 -3.27 -9.19 10.94
C LYS L 18 -4.10 -8.05 10.36
N LYS L 19 -4.20 -6.94 11.08
CA LYS L 19 -5.03 -5.83 10.63
C LYS L 19 -4.44 -5.12 9.41
N LYS L 20 -3.13 -5.18 9.22
CA LYS L 20 -2.50 -4.54 8.07
C LYS L 20 -2.70 -5.39 6.81
#